data_7CNQ
#
_entry.id   7CNQ
#
_cell.length_a   73.250
_cell.length_b   73.446
_cell.length_c   175.184
_cell.angle_alpha   90.000
_cell.angle_beta   94.130
_cell.angle_gamma   90.000
#
_symmetry.space_group_name_H-M   'P 1 21 1'
#
loop_
_entity.id
_entity.type
_entity.pdbx_description
1 polymer 'cis-3-hydroxy-L-proline dehydratase'
2 non-polymer 'FE2/S2 (INORGANIC) CLUSTER'
3 non-polymer '(2~{S},3~{R})-3-oxidanylpyrrolidine-2-carboxylic acid'
4 water water
#
_entity_poly.entity_id   1
_entity_poly.type   'polypeptide(L)'
_entity_poly.pdbx_seq_one_letter_code
;MRGSHHHHHHGSSAVSTTAAPEARSILAGAAEGKVIATTEALSFWGGVDPATGKVIDVHHPLHGICLTGGVLFMPTSRGA
CTGSGVLLDLILTGRAPSALVFCEAEDVLTLGALVAAEMFDKALPVIRLDTETFARFSRAAHVRIDQNTIKADGVSLAVA
PPATAHLDLTDDDRAMLEGRDGIAVRQAMRIIVAMAAQQGASALVDVTQGHIDGCIYASPANLTFAEKMADMGGKVRVPS
TMNAISVDKANWRAQGVPEDFGDPAARLADAYVRMGCRPTFTCSPYLLDSAPSAGESIGWAESNAVIFANTVLGARTAKH
PDFLDLCIAMTGRAPLSGVYLEENRRPQRIVDVALPAGIDDAFWPLVGYLAGKAVPDCIPLLRGLGAAKPSRDDLKALCA
AFGTTSASPMLHIEGATPEAGLAPLETAETVTISLEDMAAGWSLLNEGPEEVQLVAIGSPHASLEECRALAAVFNGRKRH
ADVAVIVTAGQQVIDAAGKDGTLQSLKDSGVQVLPDLCWCSISEPVFPTKTRALMTNSGKYAHYGPGLSGRAVRFGSLAD
CVESALTGRAVSRLPVWLS
;
_entity_poly.pdbx_strand_id   A,B,C,D
#
loop_
_chem_comp.id
_chem_comp.type
_chem_comp.name
_chem_comp.formula
FES non-polymer 'FE2/S2 (INORGANIC) CLUSTER' 'Fe2 S2'
#
# COMPACT_ATOMS: atom_id res chain seq x y z
N PRO A 21 -12.82 2.15 -26.34
CA PRO A 21 -13.13 1.56 -25.02
C PRO A 21 -14.21 0.49 -25.11
N GLU A 22 -13.93 -0.70 -24.56
CA GLU A 22 -14.86 -1.81 -24.64
C GLU A 22 -14.77 -2.65 -23.38
N ALA A 23 -15.91 -2.85 -22.73
CA ALA A 23 -16.07 -3.79 -21.64
C ALA A 23 -17.08 -4.84 -22.08
N ARG A 24 -16.71 -6.11 -21.96
CA ARG A 24 -17.56 -7.21 -22.39
C ARG A 24 -17.85 -8.13 -21.22
N SER A 25 -19.12 -8.38 -20.97
CA SER A 25 -19.53 -9.35 -19.96
C SER A 25 -19.22 -10.76 -20.45
N ILE A 26 -18.37 -11.48 -19.73
CA ILE A 26 -18.19 -12.90 -19.96
C ILE A 26 -19.15 -13.72 -19.12
N LEU A 27 -19.14 -13.48 -17.81
CA LEU A 27 -20.09 -14.06 -16.88
C LEU A 27 -20.71 -12.94 -16.07
N ALA A 28 -22.03 -12.99 -15.91
CA ALA A 28 -22.75 -11.89 -15.28
C ALA A 28 -22.61 -11.93 -13.77
N GLY A 29 -22.89 -10.80 -13.15
CA GLY A 29 -22.85 -10.70 -11.70
C GLY A 29 -22.49 -9.29 -11.28
N ALA A 30 -22.48 -9.10 -9.96
CA ALA A 30 -22.18 -7.81 -9.36
C ALA A 30 -21.11 -7.99 -8.30
N ALA A 31 -20.15 -7.05 -8.28
CA ALA A 31 -19.06 -7.13 -7.31
C ALA A 31 -18.46 -5.74 -7.14
N GLU A 32 -17.71 -5.59 -6.05
CA GLU A 32 -17.03 -4.34 -5.75
C GLU A 32 -15.86 -4.65 -4.82
N GLY A 33 -14.77 -3.92 -4.98
CA GLY A 33 -13.64 -4.13 -4.09
C GLY A 33 -12.38 -3.48 -4.61
N LYS A 34 -11.32 -3.63 -3.80
CA LYS A 34 -10.02 -3.09 -4.16
C LYS A 34 -9.48 -3.75 -5.41
N VAL A 35 -8.78 -2.96 -6.23
CA VAL A 35 -8.11 -3.48 -7.42
C VAL A 35 -6.84 -4.18 -7.00
N ILE A 36 -6.69 -5.42 -7.45
CA ILE A 36 -5.42 -6.13 -7.40
C ILE A 36 -5.03 -6.41 -8.84
N ALA A 37 -4.04 -5.68 -9.34
CA ALA A 37 -3.68 -5.74 -10.75
C ALA A 37 -2.30 -6.35 -10.94
N THR A 38 -2.10 -6.94 -12.11
CA THR A 38 -0.80 -7.45 -12.53
C THR A 38 -0.79 -7.54 -14.04
N THR A 39 0.41 -7.50 -14.61
CA THR A 39 0.60 -7.69 -16.04
C THR A 39 1.03 -9.10 -16.40
N GLU A 40 1.19 -9.98 -15.41
CA GLU A 40 1.64 -11.35 -15.62
C GLU A 40 0.55 -12.32 -15.22
N ALA A 41 0.36 -13.36 -16.03
CA ALA A 41 -0.68 -14.33 -15.77
C ALA A 41 -0.36 -15.16 -14.53
N LEU A 42 -1.41 -15.67 -13.89
CA LEU A 42 -1.30 -16.47 -12.68
C LEU A 42 -2.09 -17.76 -12.86
N SER A 43 -1.53 -18.87 -12.37
CA SER A 43 -2.22 -20.15 -12.32
C SER A 43 -2.79 -20.30 -10.91
N PHE A 44 -4.12 -20.39 -10.81
CA PHE A 44 -4.73 -20.44 -9.49
C PHE A 44 -4.38 -21.74 -8.77
N TRP A 45 -4.28 -22.85 -9.51
CA TRP A 45 -3.68 -24.03 -8.89
C TRP A 45 -2.18 -23.82 -8.77
N GLY A 46 -1.63 -24.14 -7.60
CA GLY A 46 -0.23 -23.92 -7.33
C GLY A 46 0.19 -22.48 -7.16
N GLY A 47 -0.62 -21.52 -7.59
CA GLY A 47 -0.31 -20.12 -7.41
C GLY A 47 -1.18 -19.43 -6.38
N VAL A 48 -2.29 -20.06 -6.00
CA VAL A 48 -3.16 -19.54 -4.96
C VAL A 48 -3.49 -20.66 -3.98
N ASP A 49 -3.34 -20.38 -2.69
CA ASP A 49 -3.66 -21.34 -1.65
C ASP A 49 -5.16 -21.28 -1.36
N PRO A 50 -5.92 -22.35 -1.61
CA PRO A 50 -7.36 -22.31 -1.29
C PRO A 50 -7.66 -22.13 0.18
N ALA A 51 -6.71 -22.44 1.06
CA ALA A 51 -6.95 -22.28 2.50
C ALA A 51 -6.98 -20.81 2.91
N THR A 52 -6.26 -19.95 2.20
CA THR A 52 -6.13 -18.54 2.58
C THR A 52 -6.46 -17.55 1.48
N GLY A 53 -6.54 -17.97 0.22
CA GLY A 53 -6.69 -17.02 -0.87
C GLY A 53 -5.45 -16.22 -1.17
N LYS A 54 -4.32 -16.54 -0.55
CA LYS A 54 -3.07 -15.83 -0.77
C LYS A 54 -2.36 -16.39 -2.00
N VAL A 55 -1.63 -15.52 -2.69
CA VAL A 55 -0.83 -15.93 -3.83
C VAL A 55 0.44 -16.59 -3.32
N ILE A 56 0.71 -17.83 -3.76
CA ILE A 56 1.84 -18.61 -3.29
C ILE A 56 2.86 -18.86 -4.38
N ASP A 57 2.62 -18.41 -5.60
CA ASP A 57 3.60 -18.49 -6.69
C ASP A 57 4.76 -17.58 -6.33
N VAL A 58 5.88 -18.18 -5.90
CA VAL A 58 7.02 -17.40 -5.42
C VAL A 58 7.69 -16.58 -6.51
N HIS A 59 7.39 -16.85 -7.78
CA HIS A 59 7.95 -16.07 -8.89
C HIS A 59 6.95 -15.08 -9.47
N HIS A 60 5.77 -14.95 -8.87
CA HIS A 60 4.79 -14.02 -9.43
C HIS A 60 4.80 -12.70 -8.67
N PRO A 61 4.62 -11.58 -9.37
CA PRO A 61 4.64 -10.26 -8.69
C PRO A 61 3.68 -10.14 -7.52
N LEU A 62 2.59 -10.90 -7.51
CA LEU A 62 1.59 -10.80 -6.47
C LEU A 62 1.83 -11.74 -5.30
N HIS A 63 3.00 -12.39 -5.25
CA HIS A 63 3.31 -13.34 -4.18
C HIS A 63 3.11 -12.70 -2.81
N GLY A 64 2.26 -13.34 -1.99
CA GLY A 64 1.97 -12.87 -0.66
C GLY A 64 0.66 -12.12 -0.51
N ILE A 65 0.11 -11.58 -1.60
CA ILE A 65 -1.12 -10.82 -1.54
C ILE A 65 -2.31 -11.75 -1.36
N CYS A 66 -3.17 -11.44 -0.39
CA CYS A 66 -4.45 -12.12 -0.30
C CYS A 66 -5.43 -11.47 -1.27
N LEU A 67 -6.04 -12.29 -2.13
CA LEU A 67 -6.95 -11.78 -3.14
C LEU A 67 -8.39 -11.69 -2.67
N THR A 68 -8.69 -12.18 -1.46
CA THR A 68 -10.07 -12.26 -1.00
C THR A 68 -10.77 -10.92 -1.08
N GLY A 69 -11.94 -10.89 -1.72
CA GLY A 69 -12.73 -9.70 -1.86
C GLY A 69 -12.23 -8.69 -2.87
N GLY A 70 -11.03 -8.87 -3.42
CA GLY A 70 -10.51 -7.92 -4.38
C GLY A 70 -11.00 -8.19 -5.78
N VAL A 71 -10.78 -7.21 -6.65
CA VAL A 71 -11.08 -7.32 -8.08
C VAL A 71 -9.75 -7.57 -8.79
N LEU A 72 -9.55 -8.82 -9.23
CA LEU A 72 -8.27 -9.23 -9.78
C LEU A 72 -8.18 -8.87 -11.26
N PHE A 73 -7.25 -7.97 -11.59
CA PHE A 73 -6.92 -7.64 -12.97
C PHE A 73 -5.68 -8.43 -13.37
N MET A 74 -5.82 -9.30 -14.37
CA MET A 74 -4.65 -9.92 -14.98
C MET A 74 -4.98 -10.22 -16.43
N PRO A 75 -3.99 -10.24 -17.32
CA PRO A 75 -4.31 -10.34 -18.76
C PRO A 75 -5.09 -11.60 -19.11
N THR A 76 -4.64 -12.74 -18.61
CA THR A 76 -5.35 -14.01 -18.71
C THR A 76 -4.76 -14.94 -17.67
N SER A 77 -5.14 -16.20 -17.71
CA SER A 77 -4.55 -17.21 -16.84
C SER A 77 -3.33 -17.82 -17.53
N ARG A 78 -2.61 -18.65 -16.78
CA ARG A 78 -1.54 -19.45 -17.33
C ARG A 78 -1.53 -20.78 -16.59
N GLY A 79 -0.83 -21.75 -17.16
CA GLY A 79 -0.49 -22.95 -16.43
C GLY A 79 -1.56 -24.02 -16.31
N ALA A 80 -1.97 -24.30 -15.07
CA ALA A 80 -2.65 -25.54 -14.75
C ALA A 80 -4.13 -25.51 -15.12
N CYS A 81 -4.63 -26.68 -15.55
CA CYS A 81 -6.07 -26.87 -15.72
C CYS A 81 -6.81 -26.90 -14.40
N THR A 82 -6.10 -27.10 -13.29
CA THR A 82 -6.71 -27.29 -11.99
C THR A 82 -7.15 -25.98 -11.36
N GLY A 83 -6.86 -24.84 -11.98
CA GLY A 83 -7.32 -23.56 -11.45
C GLY A 83 -8.82 -23.46 -11.33
N SER A 84 -9.57 -24.21 -12.15
CA SER A 84 -11.02 -24.18 -12.04
C SER A 84 -11.48 -24.69 -10.69
N GLY A 85 -10.86 -25.77 -10.20
CA GLY A 85 -11.25 -26.31 -8.90
C GLY A 85 -10.80 -25.43 -7.74
N VAL A 86 -9.62 -24.81 -7.86
CA VAL A 86 -9.15 -23.92 -6.81
C VAL A 86 -10.05 -22.70 -6.71
N LEU A 87 -10.42 -22.12 -7.86
CA LEU A 87 -11.31 -20.96 -7.84
C LEU A 87 -12.69 -21.33 -7.28
N LEU A 88 -13.23 -22.48 -7.69
CA LEU A 88 -14.54 -22.89 -7.18
C LEU A 88 -14.52 -23.03 -5.67
N ASP A 89 -13.47 -23.63 -5.12
CA ASP A 89 -13.37 -23.74 -3.67
C ASP A 89 -13.30 -22.37 -3.02
N LEU A 90 -12.53 -21.46 -3.61
CA LEU A 90 -12.44 -20.10 -3.10
C LEU A 90 -13.80 -19.41 -3.14
N ILE A 91 -14.63 -19.73 -4.12
CA ILE A 91 -15.96 -19.14 -4.19
C ILE A 91 -16.87 -19.76 -3.13
N LEU A 92 -16.72 -21.06 -2.88
CA LEU A 92 -17.58 -21.72 -1.90
C LEU A 92 -17.20 -21.39 -0.46
N THR A 93 -15.97 -20.93 -0.21
CA THR A 93 -15.54 -20.59 1.14
C THR A 93 -15.57 -19.10 1.43
N GLY A 94 -15.70 -18.25 0.41
CA GLY A 94 -15.71 -16.83 0.60
C GLY A 94 -14.36 -16.16 0.50
N ARG A 95 -13.30 -16.90 0.18
CA ARG A 95 -11.96 -16.34 0.07
C ARG A 95 -11.57 -15.99 -1.36
N ALA A 96 -12.47 -16.20 -2.32
CA ALA A 96 -12.19 -15.84 -3.70
C ALA A 96 -12.07 -14.33 -3.84
N PRO A 97 -11.47 -13.86 -4.93
CA PRO A 97 -11.64 -12.46 -5.30
C PRO A 97 -13.10 -12.18 -5.61
N SER A 98 -13.48 -10.91 -5.54
CA SER A 98 -14.88 -10.57 -5.78
C SER A 98 -15.23 -10.62 -7.26
N ALA A 99 -14.27 -10.35 -8.14
CA ALA A 99 -14.50 -10.39 -9.58
C ALA A 99 -13.18 -10.68 -10.27
N LEU A 100 -13.27 -11.02 -11.55
CA LEU A 100 -12.12 -11.24 -12.40
C LEU A 100 -12.23 -10.36 -13.63
N VAL A 101 -11.16 -9.68 -13.99
CA VAL A 101 -11.12 -8.83 -15.17
C VAL A 101 -9.92 -9.24 -16.00
N PHE A 102 -10.17 -9.67 -17.23
CA PHE A 102 -9.14 -10.04 -18.19
C PHE A 102 -9.10 -9.03 -19.32
N CYS A 103 -8.11 -9.19 -20.20
CA CYS A 103 -8.07 -8.43 -21.44
C CYS A 103 -7.81 -9.33 -22.65
N GLU A 104 -7.86 -10.65 -22.47
CA GLU A 104 -7.73 -11.62 -23.54
C GLU A 104 -8.64 -12.80 -23.24
N ALA A 105 -8.70 -13.75 -24.17
CA ALA A 105 -9.48 -14.95 -23.96
C ALA A 105 -8.95 -15.74 -22.76
N GLU A 106 -9.86 -16.42 -22.06
CA GLU A 106 -9.51 -17.18 -20.87
C GLU A 106 -10.52 -18.30 -20.71
N ASP A 107 -10.04 -19.46 -20.25
CA ASP A 107 -10.88 -20.64 -20.10
C ASP A 107 -10.92 -21.18 -18.68
N VAL A 108 -9.76 -21.33 -18.03
CA VAL A 108 -9.70 -22.09 -16.79
C VAL A 108 -10.54 -21.45 -15.71
N LEU A 109 -10.26 -20.18 -15.39
CA LEU A 109 -11.01 -19.50 -14.33
C LEU A 109 -12.46 -19.29 -14.73
N THR A 110 -12.70 -18.90 -15.98
CA THR A 110 -14.08 -18.72 -16.45
C THR A 110 -14.89 -20.00 -16.30
N LEU A 111 -14.28 -21.15 -16.61
CA LEU A 111 -14.98 -22.42 -16.42
C LEU A 111 -15.31 -22.66 -14.96
N GLY A 112 -14.34 -22.41 -14.07
CA GLY A 112 -14.60 -22.61 -12.65
C GLY A 112 -15.70 -21.69 -12.14
N ALA A 113 -15.73 -20.45 -12.64
CA ALA A 113 -16.82 -19.56 -12.28
C ALA A 113 -18.14 -20.00 -12.90
N LEU A 114 -18.09 -20.58 -14.10
CA LEU A 114 -19.31 -21.05 -14.75
C LEU A 114 -19.87 -22.28 -14.05
N VAL A 115 -19.00 -23.18 -13.58
CA VAL A 115 -19.47 -24.32 -12.79
C VAL A 115 -20.11 -23.83 -11.50
N ALA A 116 -19.49 -22.84 -10.85
CA ALA A 116 -20.06 -22.29 -9.62
C ALA A 116 -21.46 -21.74 -9.86
N ALA A 117 -21.66 -21.05 -10.99
CA ALA A 117 -22.98 -20.52 -11.29
C ALA A 117 -23.96 -21.64 -11.65
N GLU A 118 -23.52 -22.60 -12.47
CA GLU A 118 -24.42 -23.64 -12.95
C GLU A 118 -24.83 -24.60 -11.84
N MET A 119 -23.88 -25.03 -11.02
CA MET A 119 -24.12 -26.14 -10.09
C MET A 119 -24.10 -25.75 -8.63
N PHE A 120 -23.53 -24.60 -8.26
CA PHE A 120 -23.37 -24.23 -6.87
C PHE A 120 -24.02 -22.90 -6.52
N ASP A 121 -24.77 -22.30 -7.46
CA ASP A 121 -25.59 -21.12 -7.20
C ASP A 121 -24.77 -19.93 -6.70
N LYS A 122 -23.54 -19.78 -7.19
CA LYS A 122 -22.70 -18.65 -6.83
C LYS A 122 -22.27 -17.92 -8.09
N ALA A 123 -22.44 -16.60 -8.08
CA ALA A 123 -22.12 -15.76 -9.23
C ALA A 123 -20.83 -15.01 -8.97
N LEU A 124 -19.86 -15.18 -9.86
CA LEU A 124 -18.63 -14.40 -9.84
C LEU A 124 -18.52 -13.68 -11.18
N PRO A 125 -18.63 -12.35 -11.22
CA PRO A 125 -18.58 -11.66 -12.50
C PRO A 125 -17.20 -11.76 -13.12
N VAL A 126 -17.18 -12.02 -14.43
CA VAL A 126 -15.94 -12.05 -15.21
C VAL A 126 -16.14 -11.11 -16.39
N ILE A 127 -15.26 -10.12 -16.51
CA ILE A 127 -15.33 -9.12 -17.56
C ILE A 127 -14.03 -9.14 -18.34
N ARG A 128 -14.12 -8.94 -19.65
CA ARG A 128 -12.94 -8.79 -20.50
C ARG A 128 -12.93 -7.38 -21.07
N LEU A 129 -11.84 -6.67 -20.84
CA LEU A 129 -11.67 -5.31 -21.34
C LEU A 129 -10.72 -5.29 -22.53
N ASP A 130 -10.84 -4.25 -23.34
CA ASP A 130 -9.81 -3.97 -24.32
C ASP A 130 -8.50 -3.67 -23.61
N THR A 131 -7.39 -3.78 -24.35
CA THR A 131 -6.08 -3.65 -23.74
C THR A 131 -5.86 -2.26 -23.17
N GLU A 132 -6.35 -1.22 -23.85
CA GLU A 132 -6.19 0.13 -23.36
C GLU A 132 -6.93 0.33 -22.04
N THR A 133 -8.21 -0.06 -22.00
CA THR A 133 -9.00 0.10 -20.78
C THR A 133 -8.48 -0.78 -19.65
N PHE A 134 -7.94 -1.96 -19.98
CA PHE A 134 -7.36 -2.82 -18.95
C PHE A 134 -6.25 -2.11 -18.21
N ALA A 135 -5.30 -1.52 -18.94
CA ALA A 135 -4.23 -0.76 -18.31
C ALA A 135 -4.78 0.44 -17.53
N ARG A 136 -5.75 1.15 -18.12
CA ARG A 136 -6.34 2.31 -17.46
C ARG A 136 -7.00 1.93 -16.15
N PHE A 137 -7.86 0.90 -16.18
CA PHE A 137 -8.54 0.45 -14.97
C PHE A 137 -7.58 -0.26 -14.01
N SER A 138 -6.44 -0.75 -14.51
CA SER A 138 -5.48 -1.42 -13.64
C SER A 138 -4.90 -0.47 -12.61
N ARG A 139 -4.73 0.81 -12.97
CA ARG A 139 -4.18 1.80 -12.05
C ARG A 139 -5.18 2.29 -11.02
N ALA A 140 -6.44 1.88 -11.12
CA ALA A 140 -7.47 2.37 -10.22
C ALA A 140 -7.31 1.77 -8.83
N ALA A 141 -7.92 2.43 -7.84
CA ALA A 141 -7.89 1.95 -6.47
C ALA A 141 -9.09 1.07 -6.14
N HIS A 142 -10.22 1.29 -6.80
CA HIS A 142 -11.47 0.64 -6.46
C HIS A 142 -12.29 0.44 -7.72
N VAL A 143 -13.06 -0.64 -7.76
CA VAL A 143 -13.89 -0.97 -8.92
C VAL A 143 -15.22 -1.50 -8.43
N ARG A 144 -16.30 -1.06 -9.07
CA ARG A 144 -17.60 -1.68 -8.89
C ARG A 144 -18.04 -2.34 -10.19
N ILE A 145 -18.67 -3.49 -10.05
CA ILE A 145 -19.24 -4.23 -11.16
C ILE A 145 -20.71 -4.48 -10.88
N ASP A 146 -21.57 -4.11 -11.83
CA ASP A 146 -22.95 -4.54 -11.85
C ASP A 146 -23.23 -5.11 -13.24
N GLN A 147 -24.45 -5.56 -13.47
CA GLN A 147 -24.73 -6.27 -14.72
C GLN A 147 -24.65 -5.38 -15.94
N ASN A 148 -24.62 -4.05 -15.77
CA ASN A 148 -24.58 -3.15 -16.92
C ASN A 148 -23.35 -2.26 -16.99
N THR A 149 -22.60 -2.08 -15.90
CA THR A 149 -21.48 -1.13 -15.92
C THR A 149 -20.28 -1.67 -15.15
N ILE A 150 -19.11 -1.13 -15.52
CA ILE A 150 -17.87 -1.24 -14.76
C ILE A 150 -17.37 0.18 -14.53
N LYS A 151 -17.16 0.56 -13.27
CA LYS A 151 -16.64 1.87 -12.92
C LYS A 151 -15.38 1.73 -12.09
N ALA A 152 -14.33 2.44 -12.50
CA ALA A 152 -13.04 2.43 -11.82
C ALA A 152 -12.75 3.84 -11.34
N ASP A 153 -12.97 4.09 -10.05
CA ASP A 153 -12.60 5.36 -9.42
C ASP A 153 -13.29 6.55 -10.09
N GLY A 154 -14.61 6.43 -10.29
CA GLY A 154 -15.40 7.56 -10.72
C GLY A 154 -15.62 7.71 -12.21
N VAL A 155 -15.21 6.73 -13.02
CA VAL A 155 -15.55 6.70 -14.44
C VAL A 155 -16.29 5.40 -14.71
N SER A 156 -17.55 5.52 -15.15
CA SER A 156 -18.38 4.36 -15.44
C SER A 156 -18.33 4.04 -16.92
N LEU A 157 -18.15 2.76 -17.23
CA LEU A 157 -18.13 2.28 -18.60
C LEU A 157 -19.20 1.21 -18.79
N ALA A 158 -19.93 1.30 -19.89
CA ALA A 158 -20.97 0.32 -20.19
C ALA A 158 -20.35 -1.04 -20.48
N VAL A 159 -21.04 -2.09 -20.06
CA VAL A 159 -20.59 -3.47 -20.26
C VAL A 159 -21.51 -4.12 -21.28
N ALA A 160 -20.94 -4.54 -22.40
CA ALA A 160 -21.72 -5.19 -23.43
C ALA A 160 -22.20 -6.56 -22.94
N PRO A 161 -23.44 -6.95 -23.25
CA PRO A 161 -23.96 -8.24 -22.80
C PRO A 161 -23.15 -9.39 -23.35
N PRO A 162 -23.22 -10.56 -22.73
CA PRO A 162 -22.41 -11.70 -23.18
C PRO A 162 -22.72 -12.08 -24.63
N ALA A 163 -21.74 -12.69 -25.28
CA ALA A 163 -21.93 -13.23 -26.61
C ALA A 163 -22.96 -14.36 -26.56
N THR A 164 -24.04 -14.25 -27.33
CA THR A 164 -25.00 -15.34 -27.35
C THR A 164 -24.78 -16.24 -28.54
N ALA A 165 -24.98 -17.54 -28.30
CA ALA A 165 -24.35 -18.58 -29.11
C ALA A 165 -24.92 -18.61 -30.52
N HIS A 166 -24.04 -18.56 -31.51
CA HIS A 166 -24.38 -18.98 -32.87
C HIS A 166 -23.96 -20.43 -33.08
N LEU A 167 -24.45 -21.27 -32.17
CA LEU A 167 -24.01 -22.66 -32.03
C LEU A 167 -24.92 -23.61 -32.80
N ASP A 168 -24.32 -24.44 -33.65
CA ASP A 168 -25.03 -25.57 -34.25
C ASP A 168 -25.04 -26.74 -33.26
N LEU A 169 -26.22 -27.33 -33.06
CA LEU A 169 -26.35 -28.52 -32.23
C LEU A 169 -27.01 -29.62 -33.03
N THR A 170 -26.42 -30.81 -33.00
CA THR A 170 -27.02 -31.96 -33.66
C THR A 170 -28.27 -32.40 -32.90
N ASP A 171 -28.99 -33.35 -33.49
CA ASP A 171 -30.15 -33.91 -32.80
C ASP A 171 -29.74 -34.59 -31.50
N ASP A 172 -28.62 -35.32 -31.53
CA ASP A 172 -28.13 -35.96 -30.31
C ASP A 172 -27.67 -34.93 -29.28
N ASP A 173 -27.09 -33.82 -29.74
CA ASP A 173 -26.73 -32.74 -28.83
C ASP A 173 -27.97 -32.21 -28.10
N ARG A 174 -29.02 -31.89 -28.85
CA ARG A 174 -30.22 -31.32 -28.24
C ARG A 174 -30.93 -32.34 -27.35
N ALA A 175 -30.89 -33.62 -27.72
CA ALA A 175 -31.43 -34.65 -26.85
C ALA A 175 -30.71 -34.67 -25.50
N MET A 176 -29.38 -34.55 -25.53
CA MET A 176 -28.62 -34.50 -24.28
C MET A 176 -28.97 -33.25 -23.49
N LEU A 177 -29.01 -32.09 -24.16
CA LEU A 177 -29.39 -30.84 -23.49
C LEU A 177 -30.79 -30.94 -22.89
N GLU A 178 -31.69 -31.67 -23.53
CA GLU A 178 -33.07 -31.78 -23.09
C GLU A 178 -33.24 -32.70 -21.88
N GLY A 179 -32.24 -33.50 -21.56
CA GLY A 179 -32.36 -34.49 -20.49
C GLY A 179 -32.65 -35.90 -20.94
N ARG A 180 -32.65 -36.17 -22.25
CA ARG A 180 -33.00 -37.50 -22.75
C ARG A 180 -32.08 -38.56 -22.21
N ASP A 181 -30.85 -38.20 -21.83
CA ASP A 181 -29.87 -39.14 -21.28
C ASP A 181 -29.66 -38.94 -19.79
N GLY A 182 -30.59 -38.28 -19.11
CA GLY A 182 -30.48 -38.05 -17.68
C GLY A 182 -29.98 -36.66 -17.36
N ILE A 183 -30.03 -36.33 -16.06
CA ILE A 183 -29.69 -34.99 -15.61
C ILE A 183 -28.19 -34.75 -15.65
N ALA A 184 -27.40 -35.79 -15.34
CA ALA A 184 -25.94 -35.61 -15.32
C ALA A 184 -25.41 -35.24 -16.70
N VAL A 185 -25.81 -36.00 -17.73
CA VAL A 185 -25.41 -35.69 -19.10
C VAL A 185 -25.92 -34.31 -19.51
N ARG A 186 -27.10 -33.91 -19.03
CA ARG A 186 -27.63 -32.59 -19.36
C ARG A 186 -26.78 -31.48 -18.78
N GLN A 187 -26.44 -31.58 -17.49
CA GLN A 187 -25.58 -30.57 -16.88
C GLN A 187 -24.24 -30.51 -17.60
N ALA A 188 -23.73 -31.66 -18.03
CA ALA A 188 -22.47 -31.70 -18.78
C ALA A 188 -22.59 -30.93 -20.08
N MET A 189 -23.69 -31.13 -20.82
CA MET A 189 -23.87 -30.43 -22.10
C MET A 189 -24.09 -28.94 -21.89
N ARG A 190 -24.81 -28.57 -20.82
CA ARG A 190 -25.03 -27.16 -20.52
C ARG A 190 -23.70 -26.44 -20.32
N ILE A 191 -22.76 -27.08 -19.62
CA ILE A 191 -21.46 -26.48 -19.39
C ILE A 191 -20.67 -26.40 -20.70
N ILE A 192 -20.72 -27.47 -21.49
CA ILE A 192 -20.01 -27.49 -22.77
C ILE A 192 -20.55 -26.40 -23.70
N VAL A 193 -21.88 -26.28 -23.76
CA VAL A 193 -22.48 -25.28 -24.66
C VAL A 193 -22.17 -23.88 -24.19
N ALA A 194 -22.21 -23.64 -22.87
CA ALA A 194 -21.82 -22.34 -22.35
C ALA A 194 -20.36 -22.03 -22.68
N MET A 195 -19.48 -23.02 -22.59
CA MET A 195 -18.09 -22.79 -22.93
C MET A 195 -17.91 -22.52 -24.41
N ALA A 196 -18.62 -23.27 -25.27
CA ALA A 196 -18.52 -23.05 -26.70
C ALA A 196 -18.97 -21.63 -27.07
N ALA A 197 -20.01 -21.14 -26.40
CA ALA A 197 -20.50 -19.79 -26.67
C ALA A 197 -19.45 -18.74 -26.34
N GLN A 198 -18.84 -18.84 -25.16
CA GLN A 198 -17.84 -17.84 -24.78
C GLN A 198 -16.56 -17.97 -25.62
N GLN A 199 -16.31 -19.14 -26.19
CA GLN A 199 -15.20 -19.32 -27.13
C GLN A 199 -15.58 -18.99 -28.56
N GLY A 200 -16.81 -18.55 -28.81
CA GLY A 200 -17.24 -18.22 -30.15
C GLY A 200 -17.35 -19.40 -31.11
N ALA A 201 -17.49 -20.61 -30.58
CA ALA A 201 -17.60 -21.78 -31.43
C ALA A 201 -18.95 -21.81 -32.14
N SER A 202 -18.97 -22.42 -33.32
CA SER A 202 -20.19 -22.60 -34.09
C SER A 202 -20.67 -24.05 -34.11
N ALA A 203 -19.96 -24.96 -33.46
CA ALA A 203 -20.35 -26.35 -33.41
C ALA A 203 -19.59 -27.06 -32.30
N LEU A 204 -20.00 -28.28 -32.01
CA LEU A 204 -19.26 -29.20 -31.17
C LEU A 204 -18.59 -30.24 -32.04
N VAL A 205 -17.64 -30.96 -31.45
CA VAL A 205 -16.85 -31.95 -32.17
C VAL A 205 -16.76 -33.22 -31.35
N ASP A 206 -16.80 -34.37 -32.02
CA ASP A 206 -16.60 -35.66 -31.37
C ASP A 206 -15.17 -35.80 -30.87
N VAL A 207 -15.02 -36.36 -29.68
CA VAL A 207 -13.71 -36.78 -29.17
C VAL A 207 -13.74 -38.28 -28.98
N THR A 208 -12.58 -38.92 -29.17
CA THR A 208 -12.48 -40.37 -29.11
C THR A 208 -12.10 -40.90 -27.73
N GLN A 209 -11.53 -40.05 -26.88
CA GLN A 209 -11.12 -40.47 -25.55
C GLN A 209 -10.98 -39.24 -24.68
N GLY A 210 -10.98 -39.46 -23.37
CA GLY A 210 -10.82 -38.39 -22.40
C GLY A 210 -9.63 -38.64 -21.49
N HIS A 211 -9.23 -37.58 -20.79
CA HIS A 211 -8.25 -37.67 -19.71
C HIS A 211 -8.66 -36.68 -18.63
N ILE A 212 -9.06 -37.21 -17.48
CA ILE A 212 -9.60 -36.40 -16.39
C ILE A 212 -8.45 -35.94 -15.51
N ASP A 213 -8.44 -34.65 -15.16
CA ASP A 213 -7.39 -34.05 -14.35
C ASP A 213 -7.87 -33.56 -13.00
N GLY A 214 -9.17 -33.31 -12.82
CA GLY A 214 -9.68 -32.82 -11.56
C GLY A 214 -9.72 -33.87 -10.48
N CYS A 215 -9.09 -35.02 -10.71
CA CYS A 215 -9.00 -36.06 -9.69
C CYS A 215 -7.88 -35.80 -8.68
N ILE A 216 -7.12 -34.72 -8.84
CA ILE A 216 -6.20 -34.27 -7.81
C ILE A 216 -6.97 -33.57 -6.71
N TYR A 217 -6.65 -33.87 -5.45
CA TYR A 217 -7.33 -33.27 -4.31
C TYR A 217 -6.72 -31.89 -4.03
N ALA A 218 -6.95 -30.99 -4.98
CA ALA A 218 -6.46 -29.62 -4.88
C ALA A 218 -7.27 -28.75 -3.95
N SER A 219 -8.47 -29.21 -3.55
CA SER A 219 -9.38 -28.45 -2.71
C SER A 219 -10.56 -29.32 -2.34
N PRO A 220 -11.24 -29.06 -1.23
CA PRO A 220 -12.46 -29.83 -0.92
C PRO A 220 -13.49 -29.78 -2.04
N ALA A 221 -13.56 -28.69 -2.79
CA ALA A 221 -14.54 -28.57 -3.87
C ALA A 221 -14.27 -29.56 -5.00
N ASN A 222 -13.01 -29.95 -5.20
CA ASN A 222 -12.71 -30.95 -6.21
C ASN A 222 -13.47 -32.24 -5.94
N LEU A 223 -13.54 -32.64 -4.67
CA LEU A 223 -14.34 -33.79 -4.30
C LEU A 223 -15.83 -33.48 -4.40
N THR A 224 -16.25 -32.28 -3.97
CA THR A 224 -17.66 -31.92 -3.99
C THR A 224 -18.23 -31.96 -5.40
N PHE A 225 -17.48 -31.46 -6.39
CA PHE A 225 -17.95 -31.51 -7.76
C PHE A 225 -18.04 -32.95 -8.26
N ALA A 226 -17.01 -33.75 -8.00
CA ALA A 226 -16.99 -35.12 -8.50
C ALA A 226 -18.10 -35.96 -7.88
N GLU A 227 -18.37 -35.76 -6.58
CA GLU A 227 -19.42 -36.53 -5.94
C GLU A 227 -20.80 -36.06 -6.38
N LYS A 228 -20.94 -34.78 -6.71
CA LYS A 228 -22.21 -34.30 -7.27
C LYS A 228 -22.51 -34.96 -8.61
N MET A 229 -21.54 -34.91 -9.53
CA MET A 229 -21.72 -35.55 -10.83
C MET A 229 -21.98 -37.04 -10.68
N ALA A 230 -21.20 -37.71 -9.83
CA ALA A 230 -21.37 -39.15 -9.65
C ALA A 230 -22.71 -39.49 -9.01
N ASP A 231 -23.24 -38.60 -8.16
CA ASP A 231 -24.51 -38.86 -7.51
C ASP A 231 -25.71 -38.60 -8.43
N MET A 232 -25.52 -37.82 -9.49
CA MET A 232 -26.54 -37.69 -10.52
C MET A 232 -26.46 -38.78 -11.58
N GLY A 233 -25.61 -39.78 -11.37
CA GLY A 233 -25.46 -40.87 -12.32
C GLY A 233 -24.48 -40.62 -13.43
N GLY A 234 -23.54 -39.70 -13.26
CA GLY A 234 -22.59 -39.43 -14.32
C GLY A 234 -21.76 -40.65 -14.65
N LYS A 235 -21.45 -40.80 -15.94
CA LYS A 235 -20.58 -41.87 -16.40
C LYS A 235 -20.00 -41.45 -17.75
N VAL A 236 -18.77 -41.89 -18.01
CA VAL A 236 -18.09 -41.48 -19.23
C VAL A 236 -18.62 -42.29 -20.41
N ARG A 237 -18.63 -41.65 -21.57
CA ARG A 237 -19.12 -42.23 -22.81
C ARG A 237 -18.00 -42.64 -23.76
N VAL A 238 -16.82 -42.07 -23.61
CA VAL A 238 -15.63 -42.43 -24.38
C VAL A 238 -14.61 -42.95 -23.38
N PRO A 239 -13.67 -43.82 -23.79
CA PRO A 239 -12.63 -44.26 -22.85
C PRO A 239 -11.87 -43.07 -22.29
N SER A 240 -11.71 -43.05 -20.98
CA SER A 240 -11.15 -41.89 -20.29
C SER A 240 -10.17 -42.34 -19.22
N THR A 241 -8.95 -41.83 -19.29
CA THR A 241 -7.93 -42.12 -18.30
C THR A 241 -7.95 -41.07 -17.20
N MET A 242 -7.15 -41.30 -16.16
CA MET A 242 -7.11 -40.43 -15.00
C MET A 242 -5.70 -39.91 -14.77
N ASN A 243 -5.61 -38.63 -14.44
CA ASN A 243 -4.33 -37.98 -14.14
C ASN A 243 -3.85 -38.44 -12.76
N ALA A 244 -2.74 -37.85 -12.31
CA ALA A 244 -2.23 -38.15 -10.98
C ALA A 244 -3.26 -37.80 -9.91
N ILE A 245 -3.19 -38.53 -8.79
CA ILE A 245 -4.10 -38.30 -7.67
C ILE A 245 -3.29 -37.94 -6.43
N SER A 246 -3.97 -37.70 -5.31
CA SER A 246 -3.33 -37.15 -4.12
C SER A 246 -3.02 -38.19 -3.05
N VAL A 247 -3.24 -39.47 -3.34
CA VAL A 247 -2.76 -40.54 -2.47
C VAL A 247 -2.05 -41.57 -3.34
N ASP A 248 -1.04 -42.22 -2.73
CA ASP A 248 -0.63 -43.54 -3.19
C ASP A 248 -1.79 -44.47 -2.86
N LYS A 249 -2.58 -44.82 -3.88
CA LYS A 249 -3.92 -45.35 -3.65
C LYS A 249 -3.90 -46.59 -2.76
N ALA A 250 -2.93 -47.48 -2.97
CA ALA A 250 -2.89 -48.73 -2.22
C ALA A 250 -2.19 -48.62 -0.88
N ASN A 251 -1.43 -47.55 -0.63
CA ASN A 251 -0.50 -47.53 0.49
C ASN A 251 -0.59 -46.29 1.40
N TRP A 252 -1.46 -45.32 1.11
CA TRP A 252 -1.37 -44.04 1.81
C TRP A 252 -1.60 -44.19 3.31
N ARG A 253 -2.42 -45.15 3.73
CA ARG A 253 -2.68 -45.34 5.14
C ARG A 253 -1.45 -45.90 5.85
N ALA A 254 -0.86 -46.98 5.30
CA ALA A 254 0.43 -47.47 5.79
C ALA A 254 1.49 -46.40 5.73
N GLN A 255 1.39 -45.49 4.76
CA GLN A 255 2.32 -44.38 4.63
C GLN A 255 2.09 -43.28 5.66
N GLY A 256 0.98 -43.32 6.41
CA GLY A 256 0.77 -42.32 7.43
C GLY A 256 0.24 -40.99 6.96
N VAL A 257 -0.34 -40.94 5.76
CA VAL A 257 -1.03 -39.72 5.35
C VAL A 257 -2.23 -39.49 6.27
N PRO A 258 -2.43 -38.29 6.82
CA PRO A 258 -3.51 -38.08 7.78
C PRO A 258 -4.87 -38.46 7.19
N GLU A 259 -5.70 -39.08 8.03
CA GLU A 259 -7.02 -39.53 7.58
C GLU A 259 -7.87 -38.37 7.09
N ASP A 260 -7.66 -37.16 7.63
CA ASP A 260 -8.46 -36.02 7.20
C ASP A 260 -8.15 -35.63 5.76
N PHE A 261 -6.94 -35.89 5.29
CA PHE A 261 -6.54 -35.62 3.91
C PHE A 261 -6.67 -36.84 3.02
N GLY A 262 -6.14 -37.98 3.47
CA GLY A 262 -6.13 -39.17 2.64
C GLY A 262 -7.51 -39.73 2.35
N ASP A 263 -8.43 -39.60 3.29
CA ASP A 263 -9.78 -40.12 3.07
C ASP A 263 -10.49 -39.40 1.93
N PRO A 264 -10.60 -38.06 1.91
CA PRO A 264 -11.25 -37.42 0.76
C PRO A 264 -10.44 -37.53 -0.51
N ALA A 265 -9.10 -37.54 -0.42
CA ALA A 265 -8.28 -37.72 -1.61
C ALA A 265 -8.54 -39.07 -2.25
N ALA A 266 -8.71 -40.12 -1.44
CA ALA A 266 -9.00 -41.44 -1.99
C ALA A 266 -10.42 -41.52 -2.53
N ARG A 267 -11.37 -40.84 -1.87
CA ARG A 267 -12.74 -40.84 -2.35
C ARG A 267 -12.88 -40.05 -3.66
N LEU A 268 -12.02 -39.05 -3.86
CA LEU A 268 -12.03 -38.32 -5.13
C LEU A 268 -11.63 -39.23 -6.28
N ALA A 269 -10.53 -39.96 -6.13
CA ALA A 269 -10.14 -40.93 -7.14
C ALA A 269 -11.23 -41.99 -7.33
N ASP A 270 -11.85 -42.42 -6.23
CA ASP A 270 -12.90 -43.44 -6.32
C ASP A 270 -14.12 -42.95 -7.08
N ALA A 271 -14.46 -41.66 -6.96
CA ALA A 271 -15.64 -41.14 -7.64
C ALA A 271 -15.49 -41.20 -9.15
N TYR A 272 -14.30 -40.91 -9.67
CA TYR A 272 -14.08 -40.97 -11.11
C TYR A 272 -13.99 -42.40 -11.61
N VAL A 273 -13.44 -43.31 -10.81
CA VAL A 273 -13.45 -44.72 -11.17
C VAL A 273 -14.87 -45.25 -11.21
N ARG A 274 -15.70 -44.82 -10.25
CA ARG A 274 -17.12 -45.16 -10.27
C ARG A 274 -17.79 -44.68 -11.55
N MET A 275 -17.37 -43.54 -12.08
CA MET A 275 -17.94 -42.97 -13.29
C MET A 275 -17.34 -43.57 -14.56
N GLY A 276 -16.56 -44.64 -14.46
CA GLY A 276 -16.07 -45.35 -15.62
C GLY A 276 -14.68 -44.97 -16.11
N CYS A 277 -14.00 -44.05 -15.42
CA CYS A 277 -12.67 -43.65 -15.84
C CYS A 277 -11.66 -44.74 -15.49
N ARG A 278 -10.67 -44.92 -16.35
CA ARG A 278 -9.64 -45.94 -16.11
C ARG A 278 -8.70 -45.45 -15.00
N PRO A 279 -8.42 -46.28 -13.99
CA PRO A 279 -7.58 -45.83 -12.85
C PRO A 279 -6.09 -45.83 -13.18
N THR A 280 -5.73 -45.09 -14.24
CA THR A 280 -4.33 -45.05 -14.65
C THR A 280 -3.48 -44.19 -13.70
N PHE A 281 -4.10 -43.24 -13.02
CA PHE A 281 -3.45 -42.33 -12.07
C PHE A 281 -2.08 -41.86 -12.57
N THR A 282 -2.07 -41.23 -13.74
CA THR A 282 -0.79 -40.76 -14.28
C THR A 282 -0.97 -39.48 -15.08
N CYS A 283 -0.02 -38.56 -14.91
CA CYS A 283 0.03 -37.30 -15.62
C CYS A 283 0.83 -37.40 -16.91
N SER A 284 1.21 -38.60 -17.33
CA SER A 284 1.84 -38.84 -18.62
C SER A 284 1.05 -39.89 -19.40
N PRO A 285 -0.24 -39.64 -19.67
CA PRO A 285 -1.05 -40.67 -20.33
C PRO A 285 -0.63 -40.93 -21.77
N TYR A 286 0.14 -40.02 -22.36
CA TYR A 286 0.68 -40.22 -23.71
C TYR A 286 1.73 -41.32 -23.76
N LEU A 287 2.18 -41.83 -22.61
CA LEU A 287 3.07 -42.98 -22.56
C LEU A 287 2.31 -44.30 -22.55
N LEU A 288 1.01 -44.27 -22.29
CA LEU A 288 0.22 -45.49 -22.21
C LEU A 288 -0.01 -46.07 -23.61
N ASP A 289 -0.32 -47.37 -23.65
CA ASP A 289 -0.66 -48.02 -24.91
C ASP A 289 -1.88 -47.39 -25.57
N SER A 290 -2.74 -46.73 -24.79
CA SER A 290 -3.93 -46.07 -25.31
C SER A 290 -3.65 -44.68 -25.86
N ALA A 291 -2.38 -44.30 -25.99
CA ALA A 291 -2.02 -42.96 -26.43
C ALA A 291 -2.63 -42.68 -27.80
N PRO A 292 -3.10 -41.46 -28.03
CA PRO A 292 -3.71 -41.13 -29.33
C PRO A 292 -2.66 -40.89 -30.40
N SER A 293 -3.10 -40.93 -31.64
CA SER A 293 -2.23 -40.75 -32.78
C SER A 293 -2.49 -39.40 -33.46
N ALA A 294 -1.70 -39.11 -34.49
CA ALA A 294 -1.78 -37.83 -35.18
C ALA A 294 -3.17 -37.65 -35.79
N GLY A 295 -3.65 -36.41 -35.74
CA GLY A 295 -4.95 -36.07 -36.28
C GLY A 295 -6.12 -36.46 -35.42
N GLU A 296 -5.92 -37.30 -34.40
CA GLU A 296 -7.03 -37.80 -33.60
C GLU A 296 -7.56 -36.69 -32.69
N SER A 297 -8.89 -36.54 -32.68
CA SER A 297 -9.55 -35.55 -31.85
C SER A 297 -9.85 -36.15 -30.49
N ILE A 298 -9.20 -35.64 -29.45
CA ILE A 298 -9.40 -36.10 -28.08
C ILE A 298 -9.82 -34.90 -27.23
N GLY A 299 -10.25 -35.19 -26.01
CA GLY A 299 -10.56 -34.14 -25.04
C GLY A 299 -9.82 -34.34 -23.73
N TRP A 300 -8.66 -33.72 -23.60
CA TRP A 300 -7.78 -33.96 -22.46
C TRP A 300 -7.69 -32.73 -21.57
N ALA A 301 -7.49 -32.99 -20.27
CA ALA A 301 -7.03 -31.99 -19.32
C ALA A 301 -5.63 -32.38 -18.85
N GLU A 302 -5.11 -31.60 -17.89
CA GLU A 302 -3.72 -31.61 -17.44
C GLU A 302 -2.82 -30.95 -18.48
N SER A 303 -2.17 -29.85 -18.08
CA SER A 303 -1.52 -28.97 -19.05
C SER A 303 -0.41 -29.66 -19.82
N ASN A 304 0.43 -30.45 -19.13
CA ASN A 304 1.54 -31.08 -19.83
C ASN A 304 1.03 -32.12 -20.83
N ALA A 305 0.01 -32.90 -20.45
CA ALA A 305 -0.52 -33.91 -21.34
C ALA A 305 -1.17 -33.28 -22.57
N VAL A 306 -1.90 -32.18 -22.39
CA VAL A 306 -2.52 -31.51 -23.54
C VAL A 306 -1.46 -31.00 -24.50
N ILE A 307 -0.44 -30.33 -23.96
CA ILE A 307 0.59 -29.77 -24.82
C ILE A 307 1.39 -30.87 -25.50
N PHE A 308 1.71 -31.94 -24.77
CA PHE A 308 2.43 -33.05 -25.41
C PHE A 308 1.59 -33.68 -26.52
N ALA A 309 0.29 -33.84 -26.29
CA ALA A 309 -0.57 -34.47 -27.29
C ALA A 309 -0.61 -33.67 -28.59
N ASN A 310 -0.80 -32.35 -28.47
CA ASN A 310 -0.78 -31.51 -29.66
C ASN A 310 0.62 -31.40 -30.25
N THR A 311 1.61 -31.08 -29.42
CA THR A 311 2.94 -30.72 -29.91
C THR A 311 3.69 -31.93 -30.46
N VAL A 312 3.82 -32.99 -29.67
CA VAL A 312 4.68 -34.10 -30.03
C VAL A 312 3.91 -35.18 -30.80
N LEU A 313 2.73 -35.56 -30.32
CA LEU A 313 1.97 -36.61 -30.99
C LEU A 313 1.22 -36.12 -32.22
N GLY A 314 0.89 -34.83 -32.27
CA GLY A 314 0.09 -34.32 -33.36
C GLY A 314 -1.40 -34.59 -33.24
N ALA A 315 -1.85 -35.17 -32.12
CA ALA A 315 -3.27 -35.25 -31.83
C ALA A 315 -3.82 -33.84 -31.58
N ARG A 316 -5.12 -33.76 -31.31
CA ARG A 316 -5.79 -32.46 -31.24
C ARG A 316 -6.69 -32.39 -30.02
N THR A 317 -6.40 -31.42 -29.14
CA THR A 317 -7.24 -31.17 -27.98
C THR A 317 -6.95 -29.78 -27.43
N ALA A 318 -8.00 -29.05 -27.08
CA ALA A 318 -7.81 -27.82 -26.35
C ALA A 318 -7.32 -28.13 -24.93
N LYS A 319 -6.84 -27.10 -24.24
CA LYS A 319 -6.41 -27.29 -22.86
C LYS A 319 -7.64 -27.16 -21.98
N HIS A 320 -8.35 -28.26 -21.81
CA HIS A 320 -9.63 -28.23 -21.13
C HIS A 320 -9.44 -28.08 -19.63
N PRO A 321 -10.10 -27.11 -19.00
CA PRO A 321 -10.00 -26.98 -17.55
C PRO A 321 -10.57 -28.20 -16.85
N ASP A 322 -10.12 -28.41 -15.62
CA ASP A 322 -10.74 -29.42 -14.77
C ASP A 322 -12.24 -29.14 -14.66
N PHE A 323 -13.00 -30.24 -14.53
CA PHE A 323 -14.47 -30.29 -14.53
C PHE A 323 -15.00 -30.35 -15.96
N LEU A 324 -14.48 -29.51 -16.85
CA LEU A 324 -14.89 -29.59 -18.25
C LEU A 324 -14.42 -30.89 -18.88
N ASP A 325 -13.27 -31.42 -18.44
CA ASP A 325 -12.80 -32.70 -18.93
C ASP A 325 -13.83 -33.80 -18.68
N LEU A 326 -14.44 -33.81 -17.50
CA LEU A 326 -15.43 -34.83 -17.19
C LEU A 326 -16.68 -34.69 -18.06
N CYS A 327 -17.15 -33.45 -18.25
CA CYS A 327 -18.34 -33.20 -19.06
C CYS A 327 -18.12 -33.67 -20.49
N ILE A 328 -16.92 -33.41 -21.03
CA ILE A 328 -16.59 -33.85 -22.38
C ILE A 328 -16.55 -35.38 -22.44
N ALA A 329 -15.95 -36.01 -21.42
CA ALA A 329 -15.92 -37.47 -21.37
C ALA A 329 -17.31 -38.06 -21.26
N MET A 330 -18.24 -37.34 -20.61
CA MET A 330 -19.58 -37.86 -20.41
C MET A 330 -20.45 -37.75 -21.67
N THR A 331 -20.17 -36.78 -22.54
CA THR A 331 -20.96 -36.56 -23.74
C THR A 331 -20.26 -36.99 -25.03
N GLY A 332 -18.96 -37.21 -24.99
CA GLY A 332 -18.20 -37.43 -26.21
C GLY A 332 -18.09 -36.22 -27.10
N ARG A 333 -18.38 -35.02 -26.59
CA ARG A 333 -18.43 -33.80 -27.38
C ARG A 333 -17.64 -32.69 -26.69
N ALA A 334 -16.91 -31.91 -27.48
CA ALA A 334 -16.17 -30.75 -27.02
C ALA A 334 -16.44 -29.59 -27.96
N PRO A 335 -16.25 -28.36 -27.51
CA PRO A 335 -16.47 -27.21 -28.41
C PRO A 335 -15.46 -27.22 -29.54
N LEU A 336 -15.95 -27.03 -30.77
CA LEU A 336 -15.08 -26.97 -31.94
C LEU A 336 -14.45 -25.59 -31.99
N SER A 337 -13.31 -25.45 -31.32
CA SER A 337 -12.62 -24.17 -31.23
C SER A 337 -11.15 -24.44 -30.95
N GLY A 338 -10.36 -23.37 -31.00
CA GLY A 338 -8.95 -23.50 -30.67
C GLY A 338 -8.26 -24.50 -31.57
N VAL A 339 -7.38 -25.31 -30.96
CA VAL A 339 -6.48 -26.16 -31.74
C VAL A 339 -7.17 -27.38 -32.34
N TYR A 340 -8.47 -27.55 -32.12
CA TYR A 340 -9.22 -28.54 -32.90
C TYR A 340 -9.26 -28.17 -34.37
N LEU A 341 -9.11 -26.89 -34.68
CA LEU A 341 -9.17 -26.38 -36.04
C LEU A 341 -7.76 -26.15 -36.57
N GLU A 342 -7.50 -26.63 -37.78
CA GLU A 342 -6.14 -26.62 -38.32
C GLU A 342 -5.56 -25.21 -38.36
N GLU A 343 -6.37 -24.22 -38.75
CA GLU A 343 -5.86 -22.86 -38.88
C GLU A 343 -5.38 -22.30 -37.53
N ASN A 344 -5.98 -22.75 -36.44
CA ASN A 344 -5.56 -22.30 -35.11
C ASN A 344 -4.33 -23.01 -34.59
N ARG A 345 -3.82 -24.01 -35.33
CA ARG A 345 -2.57 -24.68 -34.97
C ARG A 345 -1.36 -24.03 -35.61
N ARG A 346 -1.56 -23.14 -36.58
CA ARG A 346 -0.45 -22.47 -37.22
C ARG A 346 0.30 -21.61 -36.20
N PRO A 347 1.63 -21.52 -36.30
CA PRO A 347 2.39 -20.71 -35.33
C PRO A 347 1.91 -19.27 -35.33
N GLN A 348 1.83 -18.71 -34.12
CA GLN A 348 1.37 -17.34 -33.93
C GLN A 348 2.47 -16.42 -33.44
N ARG A 349 3.64 -16.95 -33.09
CA ARG A 349 4.83 -16.17 -32.81
C ARG A 349 6.04 -17.05 -33.09
N ILE A 350 7.12 -16.43 -33.56
CA ILE A 350 8.36 -17.14 -33.87
C ILE A 350 9.38 -16.81 -32.79
N VAL A 351 10.07 -17.83 -32.29
CA VAL A 351 11.06 -17.68 -31.24
C VAL A 351 12.38 -18.27 -31.73
N ASP A 352 13.38 -17.42 -31.96
CA ASP A 352 14.72 -17.88 -32.29
C ASP A 352 15.44 -18.20 -30.99
N VAL A 353 15.73 -19.48 -30.77
CA VAL A 353 16.33 -19.95 -29.52
C VAL A 353 17.82 -20.18 -29.74
N ALA A 354 18.63 -19.58 -28.88
CA ALA A 354 20.08 -19.77 -28.95
C ALA A 354 20.43 -21.24 -28.72
N LEU A 355 21.41 -21.72 -29.47
CA LEU A 355 21.88 -23.11 -29.39
C LEU A 355 23.33 -23.11 -28.93
N PRO A 356 23.59 -23.10 -27.63
CA PRO A 356 24.96 -23.23 -27.15
C PRO A 356 25.45 -24.67 -27.33
N ALA A 357 26.77 -24.83 -27.23
CA ALA A 357 27.37 -26.14 -27.28
C ALA A 357 27.35 -26.79 -25.89
N GLY A 358 27.46 -28.10 -25.87
CA GLY A 358 27.49 -28.83 -24.60
C GLY A 358 26.16 -28.93 -23.91
N ILE A 359 25.07 -29.02 -24.67
CA ILE A 359 23.74 -29.17 -24.10
C ILE A 359 23.64 -30.47 -23.30
N ASP A 360 22.93 -30.41 -22.19
CA ASP A 360 22.49 -31.61 -21.49
C ASP A 360 20.97 -31.58 -21.32
N ASP A 361 20.46 -32.51 -20.51
CA ASP A 361 19.01 -32.70 -20.38
C ASP A 361 18.33 -31.48 -19.78
N ALA A 362 19.05 -30.69 -18.98
CA ALA A 362 18.43 -29.53 -18.31
C ALA A 362 18.10 -28.41 -19.28
N PHE A 363 18.68 -28.42 -20.48
CA PHE A 363 18.42 -27.38 -21.47
C PHE A 363 16.93 -27.30 -21.81
N TRP A 364 16.32 -28.45 -22.08
CA TRP A 364 14.99 -28.48 -22.68
C TRP A 364 13.88 -28.00 -21.74
N PRO A 365 13.87 -28.40 -20.46
CA PRO A 365 12.88 -27.78 -19.55
C PRO A 365 13.11 -26.29 -19.36
N LEU A 366 14.36 -25.84 -19.26
CA LEU A 366 14.60 -24.40 -19.18
C LEU A 366 14.09 -23.68 -20.41
N VAL A 367 14.33 -24.25 -21.60
CA VAL A 367 13.86 -23.63 -22.83
C VAL A 367 12.34 -23.54 -22.85
N GLY A 368 11.66 -24.61 -22.42
CA GLY A 368 10.21 -24.57 -22.34
C GLY A 368 9.72 -23.52 -21.35
N TYR A 369 10.39 -23.43 -20.19
CA TYR A 369 10.03 -22.43 -19.20
C TYR A 369 10.15 -21.02 -19.79
N LEU A 370 11.28 -20.72 -20.41
CA LEU A 370 11.50 -19.38 -20.97
C LEU A 370 10.61 -19.10 -22.16
N ALA A 371 10.30 -20.13 -22.96
CA ALA A 371 9.39 -19.94 -24.08
C ALA A 371 8.00 -19.56 -23.61
N GLY A 372 7.55 -20.17 -22.51
CA GLY A 372 6.25 -19.80 -21.97
C GLY A 372 6.23 -18.37 -21.46
N LYS A 373 7.29 -17.95 -20.77
CA LYS A 373 7.37 -16.56 -20.32
C LYS A 373 7.36 -15.60 -21.50
N ALA A 374 8.09 -15.93 -22.57
CA ALA A 374 8.15 -15.07 -23.74
C ALA A 374 6.85 -15.12 -24.54
N VAL A 375 6.19 -16.27 -24.55
CA VAL A 375 4.99 -16.47 -25.36
C VAL A 375 3.91 -17.05 -24.44
N PRO A 376 3.28 -16.24 -23.59
CA PRO A 376 2.34 -16.78 -22.60
C PRO A 376 0.91 -16.94 -23.08
N ASP A 377 0.58 -16.48 -24.30
CA ASP A 377 -0.82 -16.43 -24.69
C ASP A 377 -1.04 -16.73 -26.18
N CYS A 378 -0.12 -17.43 -26.84
CA CYS A 378 -0.29 -17.83 -28.23
C CYS A 378 0.67 -18.99 -28.48
N ILE A 379 0.60 -19.54 -29.70
CA ILE A 379 1.31 -20.77 -30.03
C ILE A 379 2.63 -20.40 -30.69
N PRO A 380 3.78 -20.69 -30.07
CA PRO A 380 5.07 -20.31 -30.64
C PRO A 380 5.67 -21.39 -31.52
N LEU A 381 6.60 -20.97 -32.36
CA LEU A 381 7.46 -21.85 -33.14
C LEU A 381 8.89 -21.61 -32.69
N LEU A 382 9.51 -22.61 -32.07
CA LEU A 382 10.88 -22.51 -31.62
C LEU A 382 11.83 -22.88 -32.76
N ARG A 383 12.70 -21.96 -33.14
CA ARG A 383 13.63 -22.16 -34.24
C ARG A 383 15.07 -22.21 -33.74
N GLY A 384 15.91 -22.93 -34.48
CA GLY A 384 17.32 -23.03 -34.19
C GLY A 384 17.75 -24.26 -33.41
N LEU A 385 16.83 -25.19 -33.14
CA LEU A 385 17.09 -26.29 -32.22
C LEU A 385 16.96 -27.67 -32.84
N GLY A 386 16.50 -27.79 -34.08
CA GLY A 386 16.25 -29.12 -34.64
C GLY A 386 17.47 -30.03 -34.62
N ALA A 387 18.62 -29.49 -35.00
CA ALA A 387 19.83 -30.31 -35.09
C ALA A 387 20.27 -30.85 -33.75
N ALA A 388 19.74 -30.32 -32.64
CA ALA A 388 20.08 -30.85 -31.33
C ALA A 388 19.36 -32.15 -31.02
N LYS A 389 18.42 -32.57 -31.88
CA LYS A 389 17.66 -33.81 -31.80
C LYS A 389 17.22 -34.12 -30.37
N PRO A 390 16.25 -33.39 -29.84
CA PRO A 390 15.78 -33.68 -28.49
C PRO A 390 15.07 -35.02 -28.44
N SER A 391 15.17 -35.69 -27.29
CA SER A 391 14.49 -36.96 -27.13
C SER A 391 13.02 -36.72 -26.81
N ARG A 392 12.25 -37.81 -26.88
CA ARG A 392 10.86 -37.75 -26.44
C ARG A 392 10.76 -37.26 -25.00
N ASP A 393 11.71 -37.67 -24.15
CA ASP A 393 11.70 -37.22 -22.77
C ASP A 393 12.11 -35.74 -22.67
N ASP A 394 13.05 -35.30 -23.51
CA ASP A 394 13.38 -33.88 -23.57
C ASP A 394 12.15 -33.05 -23.92
N LEU A 395 11.41 -33.49 -24.95
CA LEU A 395 10.21 -32.76 -25.36
C LEU A 395 9.13 -32.81 -24.29
N LYS A 396 9.04 -33.93 -23.57
CA LYS A 396 8.08 -34.06 -22.48
C LYS A 396 8.39 -33.04 -21.38
N ALA A 397 9.64 -32.96 -20.94
CA ALA A 397 10.02 -31.98 -19.93
C ALA A 397 9.85 -30.56 -20.45
N LEU A 398 10.11 -30.34 -21.74
CA LEU A 398 9.93 -29.01 -22.32
C LEU A 398 8.47 -28.57 -22.28
N CYS A 399 7.56 -29.42 -22.77
CA CYS A 399 6.14 -29.08 -22.77
C CYS A 399 5.62 -28.85 -21.35
N ALA A 400 6.11 -29.65 -20.39
CA ALA A 400 5.68 -29.49 -19.01
C ALA A 400 6.07 -28.12 -18.47
N ALA A 401 7.30 -27.68 -18.77
CA ALA A 401 7.73 -26.36 -18.33
C ALA A 401 7.02 -25.26 -19.10
N PHE A 402 6.82 -25.45 -20.41
CA PHE A 402 6.03 -24.50 -21.19
C PHE A 402 4.62 -24.39 -20.64
N GLY A 403 4.04 -25.51 -20.22
CA GLY A 403 2.73 -25.52 -19.61
C GLY A 403 2.66 -24.98 -18.21
N THR A 404 3.76 -24.42 -17.70
CA THR A 404 3.80 -23.72 -16.43
C THR A 404 3.69 -22.21 -16.61
N THR A 405 4.39 -21.65 -17.58
CA THR A 405 4.49 -20.21 -17.75
C THR A 405 3.58 -19.65 -18.84
N SER A 406 2.98 -20.50 -19.67
CA SER A 406 2.11 -20.05 -20.74
C SER A 406 0.74 -20.70 -20.59
N ALA A 407 -0.26 -20.08 -21.23
CA ALA A 407 -1.59 -20.64 -21.31
C ALA A 407 -1.79 -21.48 -22.57
N SER A 408 -0.84 -21.43 -23.49
CA SER A 408 -1.02 -22.05 -24.80
C SER A 408 -1.20 -23.56 -24.66
N PRO A 409 -2.02 -24.18 -25.50
CA PRO A 409 -2.15 -25.64 -25.47
C PRO A 409 -1.15 -26.38 -26.35
N MET A 410 -0.27 -25.68 -27.07
CA MET A 410 0.69 -26.38 -27.91
C MET A 410 1.79 -25.41 -28.33
N LEU A 411 2.87 -25.99 -28.83
CA LEU A 411 3.99 -25.26 -29.41
C LEU A 411 4.49 -26.05 -30.61
N HIS A 412 5.46 -25.47 -31.31
CA HIS A 412 6.15 -26.16 -32.39
C HIS A 412 7.65 -26.00 -32.20
N ILE A 413 8.40 -27.01 -32.60
CA ILE A 413 9.86 -26.94 -32.61
C ILE A 413 10.34 -27.31 -34.00
N GLU A 414 10.97 -26.34 -34.67
CA GLU A 414 11.47 -26.53 -36.03
C GLU A 414 12.39 -27.74 -36.10
N GLY A 415 12.09 -28.64 -37.04
CA GLY A 415 12.89 -29.82 -37.23
C GLY A 415 12.80 -30.86 -36.14
N ALA A 416 11.69 -30.89 -35.40
CA ALA A 416 11.54 -31.82 -34.29
C ALA A 416 10.12 -32.33 -34.16
N THR A 417 9.12 -31.41 -34.13
CA THR A 417 7.73 -31.80 -33.94
C THR A 417 7.01 -31.91 -35.28
N PRO A 418 5.98 -32.76 -35.39
CA PRO A 418 5.50 -33.17 -36.72
C PRO A 418 4.75 -32.10 -37.50
N GLU A 419 4.23 -31.06 -36.83
CA GLU A 419 3.50 -30.01 -37.52
C GLU A 419 4.29 -28.71 -37.62
N ALA A 420 5.59 -28.73 -37.31
CA ALA A 420 6.40 -27.53 -37.30
C ALA A 420 6.49 -26.86 -38.67
N GLY A 421 6.08 -27.54 -39.73
CA GLY A 421 6.12 -26.97 -41.06
C GLY A 421 4.91 -26.15 -41.45
N LEU A 422 3.88 -26.12 -40.61
CA LEU A 422 2.69 -25.32 -40.90
C LEU A 422 3.07 -23.86 -41.06
N ALA A 423 2.47 -23.23 -42.07
CA ALA A 423 2.77 -21.83 -42.35
C ALA A 423 2.46 -20.97 -41.13
N PRO A 424 3.40 -20.16 -40.66
CA PRO A 424 3.09 -19.22 -39.58
C PRO A 424 1.99 -18.27 -40.00
N LEU A 425 1.28 -17.74 -39.02
CA LEU A 425 0.28 -16.72 -39.29
C LEU A 425 0.96 -15.48 -39.86
N GLU A 426 0.23 -14.80 -40.76
CA GLU A 426 0.73 -13.55 -41.33
C GLU A 426 1.05 -12.51 -40.28
N THR A 427 0.54 -12.69 -39.06
CA THR A 427 0.74 -11.74 -37.97
C THR A 427 1.81 -12.18 -36.98
N ALA A 428 2.49 -13.30 -37.22
CA ALA A 428 3.47 -13.81 -36.27
C ALA A 428 4.70 -12.92 -36.25
N GLU A 429 4.99 -12.33 -35.10
CA GLU A 429 6.23 -11.60 -34.88
C GLU A 429 7.34 -12.57 -34.47
N THR A 430 8.58 -12.10 -34.54
CA THR A 430 9.75 -12.89 -34.20
C THR A 430 10.43 -12.29 -32.97
N VAL A 431 10.64 -13.12 -31.95
CA VAL A 431 11.40 -12.77 -30.76
C VAL A 431 12.50 -13.82 -30.59
N THR A 432 13.34 -13.61 -29.58
CA THR A 432 14.46 -14.50 -29.34
C THR A 432 14.51 -14.90 -27.86
N ILE A 433 15.16 -16.03 -27.60
CA ILE A 433 15.57 -16.42 -26.26
C ILE A 433 17.08 -16.51 -26.28
N SER A 434 17.73 -15.59 -25.58
CA SER A 434 19.18 -15.43 -25.61
C SER A 434 19.84 -16.33 -24.57
N LEU A 435 21.16 -16.47 -24.69
CA LEU A 435 21.93 -17.12 -23.64
C LEU A 435 21.81 -16.34 -22.34
N GLU A 436 21.75 -15.01 -22.43
CA GLU A 436 21.53 -14.17 -21.26
C GLU A 436 20.19 -14.49 -20.61
N ASP A 437 19.14 -14.67 -21.41
CA ASP A 437 17.86 -15.12 -20.87
C ASP A 437 17.98 -16.46 -20.16
N MET A 438 18.75 -17.38 -20.75
CA MET A 438 18.92 -18.69 -20.13
C MET A 438 19.66 -18.60 -18.81
N ALA A 439 20.72 -17.77 -18.75
CA ALA A 439 21.44 -17.59 -17.50
C ALA A 439 20.54 -16.98 -16.43
N ALA A 440 19.65 -16.07 -16.84
CA ALA A 440 18.69 -15.51 -15.89
C ALA A 440 17.72 -16.57 -15.39
N GLY A 441 17.20 -17.38 -16.31
CA GLY A 441 16.28 -18.44 -15.91
C GLY A 441 16.91 -19.46 -14.98
N TRP A 442 18.18 -19.81 -15.25
CA TRP A 442 18.86 -20.81 -14.43
C TRP A 442 18.98 -20.34 -12.98
N SER A 443 19.43 -19.10 -12.78
CA SER A 443 19.55 -18.57 -11.42
C SER A 443 18.18 -18.44 -10.77
N LEU A 444 17.16 -18.08 -11.54
CA LEU A 444 15.82 -17.94 -10.98
C LEU A 444 15.33 -19.24 -10.37
N LEU A 445 15.56 -20.37 -11.04
CA LEU A 445 15.12 -21.67 -10.57
C LEU A 445 16.11 -22.31 -9.60
N ASN A 446 17.08 -21.56 -9.11
CA ASN A 446 18.11 -22.04 -8.21
C ASN A 446 18.28 -21.10 -7.02
N GLU A 447 17.17 -20.82 -6.35
CA GLU A 447 17.17 -19.97 -5.16
C GLU A 447 17.06 -20.89 -3.95
N GLY A 448 18.19 -21.49 -3.58
CA GLY A 448 18.24 -22.41 -2.48
C GLY A 448 19.66 -22.72 -2.03
N PRO A 449 19.78 -23.35 -0.87
CA PRO A 449 21.11 -23.68 -0.33
C PRO A 449 21.73 -24.85 -1.08
N GLU A 450 23.00 -25.13 -0.73
CA GLU A 450 23.71 -26.23 -1.37
C GLU A 450 23.40 -27.56 -0.72
N GLU A 451 23.02 -27.56 0.56
CA GLU A 451 22.57 -28.78 1.21
C GLU A 451 21.14 -29.09 0.76
N VAL A 452 20.89 -30.37 0.46
CA VAL A 452 19.54 -30.82 0.15
C VAL A 452 19.32 -32.16 0.85
N GLN A 453 18.05 -32.39 1.23
CA GLN A 453 17.66 -33.64 1.86
C GLN A 453 16.73 -34.47 0.99
N LEU A 454 16.48 -34.03 -0.24
CA LEU A 454 15.52 -34.71 -1.10
C LEU A 454 15.86 -34.42 -2.55
N VAL A 455 15.78 -35.45 -3.39
CA VAL A 455 15.87 -35.30 -4.84
C VAL A 455 14.54 -35.73 -5.43
N ALA A 456 13.93 -34.86 -6.23
CA ALA A 456 12.57 -35.02 -6.71
C ALA A 456 12.58 -35.17 -8.22
N ILE A 457 12.18 -36.34 -8.72
CA ILE A 457 12.17 -36.62 -10.15
C ILE A 457 10.82 -37.23 -10.50
N GLY A 458 10.30 -36.88 -11.68
CA GLY A 458 9.09 -37.51 -12.16
C GLY A 458 7.87 -36.60 -12.21
N SER A 459 8.08 -35.33 -12.51
CA SER A 459 6.99 -34.39 -12.76
C SER A 459 7.22 -33.75 -14.12
N PRO A 460 6.50 -34.17 -15.18
CA PRO A 460 5.44 -35.19 -15.23
C PRO A 460 5.98 -36.59 -14.98
N HIS A 461 5.07 -37.55 -14.76
CA HIS A 461 5.47 -38.90 -14.39
C HIS A 461 6.56 -39.43 -15.30
N ALA A 462 7.56 -40.08 -14.69
CA ALA A 462 8.74 -40.52 -15.43
C ALA A 462 8.40 -41.63 -16.41
N SER A 463 9.01 -41.56 -17.59
CA SER A 463 8.90 -42.64 -18.55
C SER A 463 9.86 -43.77 -18.17
N LEU A 464 9.72 -44.91 -18.86
CA LEU A 464 10.65 -46.01 -18.63
C LEU A 464 12.07 -45.61 -19.04
N GLU A 465 12.20 -44.89 -20.16
CA GLU A 465 13.50 -44.39 -20.58
C GLU A 465 14.13 -43.52 -19.50
N GLU A 466 13.30 -42.69 -18.83
CA GLU A 466 13.83 -41.82 -17.78
C GLU A 466 14.26 -42.61 -16.56
N CYS A 467 13.51 -43.66 -16.21
CA CYS A 467 13.92 -44.51 -15.10
C CYS A 467 15.23 -45.22 -15.43
N ARG A 468 15.42 -45.59 -16.70
CA ARG A 468 16.66 -46.23 -17.11
C ARG A 468 17.82 -45.22 -17.12
N ALA A 469 17.55 -44.00 -17.58
CA ALA A 469 18.59 -42.97 -17.55
C ALA A 469 19.02 -42.66 -16.12
N LEU A 470 18.06 -42.58 -15.21
CA LEU A 470 18.40 -42.37 -13.79
C LEU A 470 19.30 -43.49 -13.27
N ALA A 471 18.94 -44.74 -13.58
CA ALA A 471 19.76 -45.86 -13.13
C ALA A 471 21.16 -45.81 -13.72
N ALA A 472 21.26 -45.42 -15.00
CA ALA A 472 22.57 -45.32 -15.64
C ALA A 472 23.48 -44.32 -14.93
N VAL A 473 22.94 -43.17 -14.54
CA VAL A 473 23.74 -42.16 -13.86
C VAL A 473 24.17 -42.65 -12.48
N PHE A 474 23.29 -43.38 -11.79
CA PHE A 474 23.65 -43.90 -10.48
C PHE A 474 24.79 -44.90 -10.56
N ASN A 475 24.87 -45.66 -11.65
CA ASN A 475 26.04 -46.48 -11.97
C ASN A 475 26.35 -47.48 -10.86
N GLY A 476 25.31 -48.02 -10.25
CA GLY A 476 25.47 -49.01 -9.20
C GLY A 476 25.77 -48.46 -7.82
N ARG A 477 25.83 -47.14 -7.65
CA ARG A 477 26.13 -46.53 -6.36
C ARG A 477 24.85 -46.26 -5.58
N LYS A 478 24.98 -46.19 -4.26
CA LYS A 478 23.85 -45.97 -3.37
C LYS A 478 23.85 -44.53 -2.87
N ARG A 479 22.65 -43.97 -2.72
CA ARG A 479 22.50 -42.59 -2.28
C ARG A 479 23.07 -42.40 -0.88
N HIS A 480 23.54 -41.19 -0.62
CA HIS A 480 23.81 -40.77 0.75
C HIS A 480 22.56 -40.92 1.60
N ALA A 481 22.72 -41.42 2.82
CA ALA A 481 21.57 -41.66 3.68
C ALA A 481 20.85 -40.37 4.06
N ASP A 482 21.54 -39.22 3.96
CA ASP A 482 20.94 -37.93 4.28
C ASP A 482 19.98 -37.44 3.20
N VAL A 483 20.07 -37.98 1.99
CA VAL A 483 19.36 -37.42 0.83
C VAL A 483 18.43 -38.50 0.29
N ALA A 484 17.14 -38.35 0.56
CA ALA A 484 16.14 -39.21 -0.04
C ALA A 484 16.02 -38.92 -1.54
N VAL A 485 15.75 -39.97 -2.30
CA VAL A 485 15.56 -39.86 -3.75
C VAL A 485 14.21 -40.49 -4.07
N ILE A 486 13.30 -39.70 -4.60
CA ILE A 486 11.93 -40.14 -4.84
C ILE A 486 11.58 -39.88 -6.30
N VAL A 487 11.07 -40.92 -6.97
CA VAL A 487 10.62 -40.84 -8.35
C VAL A 487 9.13 -41.13 -8.37
N THR A 488 8.36 -40.27 -9.03
CA THR A 488 6.93 -40.47 -9.21
C THR A 488 6.67 -40.91 -10.64
N ALA A 489 5.91 -41.99 -10.81
CA ALA A 489 5.65 -42.52 -12.14
C ALA A 489 4.27 -43.16 -12.16
N GLY A 490 3.80 -43.45 -13.37
CA GLY A 490 2.56 -44.19 -13.52
C GLY A 490 2.76 -45.67 -13.28
N GLN A 491 1.68 -46.32 -12.84
CA GLN A 491 1.74 -47.73 -12.48
C GLN A 491 2.23 -48.60 -13.63
N GLN A 492 1.79 -48.29 -14.85
CA GLN A 492 2.18 -49.11 -15.99
C GLN A 492 3.69 -49.02 -16.26
N VAL A 493 4.28 -47.86 -16.03
CA VAL A 493 5.72 -47.71 -16.23
C VAL A 493 6.48 -48.43 -15.13
N ILE A 494 5.99 -48.34 -13.89
CA ILE A 494 6.60 -49.04 -12.77
C ILE A 494 6.57 -50.55 -13.01
N ASP A 495 5.43 -51.06 -13.48
CA ASP A 495 5.34 -52.48 -13.82
C ASP A 495 6.37 -52.85 -14.88
N ALA A 496 6.52 -52.02 -15.92
CA ALA A 496 7.48 -52.30 -16.96
C ALA A 496 8.92 -52.23 -16.45
N ALA A 497 9.19 -51.30 -15.52
CA ALA A 497 10.51 -51.23 -14.92
C ALA A 497 10.76 -52.37 -13.94
N GLY A 498 9.70 -52.93 -13.36
CA GLY A 498 9.86 -54.13 -12.56
C GLY A 498 10.29 -55.32 -13.39
N LYS A 499 9.83 -55.39 -14.64
CA LYS A 499 10.09 -56.56 -15.47
C LYS A 499 11.46 -56.53 -16.12
N ASP A 500 12.01 -55.35 -16.41
CA ASP A 500 13.29 -55.26 -17.09
C ASP A 500 14.45 -54.98 -16.13
N GLY A 501 14.21 -55.05 -14.82
CA GLY A 501 15.27 -54.90 -13.83
C GLY A 501 15.61 -53.47 -13.47
N THR A 502 15.03 -52.47 -14.15
CA THR A 502 15.32 -51.07 -13.81
C THR A 502 14.85 -50.74 -12.41
N LEU A 503 13.68 -51.24 -12.01
CA LEU A 503 13.13 -50.92 -10.70
C LEU A 503 14.02 -51.42 -9.57
N GLN A 504 14.52 -52.66 -9.69
CA GLN A 504 15.37 -53.20 -8.64
C GLN A 504 16.70 -52.47 -8.56
N SER A 505 17.25 -52.08 -9.71
CA SER A 505 18.49 -51.30 -9.71
C SER A 505 18.30 -49.95 -9.02
N LEU A 506 17.10 -49.36 -9.15
CA LEU A 506 16.83 -48.09 -8.48
C LEU A 506 16.67 -48.29 -6.97
N LYS A 507 15.94 -49.33 -6.57
CA LYS A 507 15.84 -49.65 -5.14
C LYS A 507 17.20 -50.00 -4.56
N ASP A 508 18.09 -50.57 -5.38
CA ASP A 508 19.44 -50.87 -4.90
C ASP A 508 20.22 -49.59 -4.59
N SER A 509 19.94 -48.50 -5.32
CA SER A 509 20.54 -47.21 -5.02
C SER A 509 19.80 -46.43 -3.96
N GLY A 510 18.78 -47.01 -3.35
CA GLY A 510 17.99 -46.32 -2.35
C GLY A 510 16.90 -45.42 -2.89
N VAL A 511 16.56 -45.54 -4.17
CA VAL A 511 15.54 -44.70 -4.78
C VAL A 511 14.16 -45.28 -4.49
N GLN A 512 13.25 -44.42 -4.02
CA GLN A 512 11.86 -44.79 -3.80
C GLN A 512 11.06 -44.38 -5.04
N VAL A 513 10.36 -45.34 -5.64
CA VAL A 513 9.53 -45.10 -6.82
C VAL A 513 8.07 -45.19 -6.38
N LEU A 514 7.34 -44.08 -6.50
CA LEU A 514 5.96 -44.00 -6.07
C LEU A 514 5.01 -43.95 -7.26
N PRO A 515 3.92 -44.71 -7.23
CA PRO A 515 2.89 -44.58 -8.27
C PRO A 515 1.84 -43.55 -7.87
N ASP A 516 0.94 -43.28 -8.82
CA ASP A 516 -0.28 -42.50 -8.57
C ASP A 516 0.02 -41.05 -8.21
N LEU A 517 0.80 -40.84 -7.16
CA LEU A 517 1.19 -39.50 -6.76
C LEU A 517 2.09 -38.85 -7.80
N CYS A 518 2.13 -37.53 -7.76
CA CYS A 518 3.16 -36.77 -8.45
C CYS A 518 3.61 -35.66 -7.52
N TRP A 519 4.65 -34.93 -7.94
CA TRP A 519 5.17 -33.85 -7.12
C TRP A 519 4.17 -32.72 -6.96
N CYS A 520 3.20 -32.62 -7.85
CA CYS A 520 2.17 -31.60 -7.76
C CYS A 520 1.16 -31.91 -6.65
N SER A 521 1.01 -33.20 -6.31
CA SER A 521 0.01 -33.63 -5.34
C SER A 521 0.57 -34.36 -4.14
N ILE A 522 1.89 -34.54 -4.06
CA ILE A 522 2.50 -35.23 -2.93
C ILE A 522 2.32 -34.39 -1.66
N SER A 523 2.30 -35.07 -0.51
CA SER A 523 2.17 -34.38 0.77
C SER A 523 2.83 -35.21 1.86
N GLU A 524 2.95 -34.61 3.04
CA GLU A 524 3.63 -35.24 4.16
C GLU A 524 2.77 -36.37 4.75
N PRO A 525 3.41 -37.40 5.32
CA PRO A 525 4.85 -37.57 5.45
C PRO A 525 5.49 -38.30 4.28
N VAL A 526 4.72 -38.54 3.21
CA VAL A 526 5.29 -39.13 2.00
C VAL A 526 6.34 -38.17 1.42
N PHE A 527 5.99 -36.90 1.30
CA PHE A 527 6.99 -35.85 1.25
C PHE A 527 7.65 -35.81 2.62
N PRO A 528 8.95 -36.15 2.75
CA PRO A 528 9.53 -36.30 4.09
C PRO A 528 9.54 -34.97 4.84
N THR A 529 9.00 -35.01 6.06
CA THR A 529 8.85 -33.78 6.86
C THR A 529 10.20 -33.13 7.16
N LYS A 530 11.26 -33.94 7.28
CA LYS A 530 12.57 -33.39 7.61
C LYS A 530 13.18 -32.58 6.47
N THR A 531 12.60 -32.60 5.28
CA THR A 531 13.14 -31.85 4.15
C THR A 531 13.10 -30.36 4.43
N ARG A 532 14.22 -29.68 4.19
CA ARG A 532 14.27 -28.22 4.15
C ARG A 532 14.55 -27.68 2.75
N ALA A 533 15.30 -28.42 1.94
CA ALA A 533 15.58 -28.03 0.56
C ALA A 533 15.64 -29.29 -0.30
N LEU A 534 15.09 -29.20 -1.51
CA LEU A 534 15.09 -30.30 -2.45
C LEU A 534 15.67 -29.84 -3.78
N MET A 535 16.13 -30.81 -4.56
CA MET A 535 16.57 -30.54 -5.92
C MET A 535 15.75 -31.39 -6.89
N THR A 536 15.36 -30.79 -8.01
CA THR A 536 14.54 -31.45 -9.00
C THR A 536 15.11 -31.14 -10.38
N ASN A 537 14.84 -32.03 -11.34
CA ASN A 537 15.15 -31.78 -12.74
C ASN A 537 13.92 -31.33 -13.52
N SER A 538 12.78 -31.19 -12.85
CA SER A 538 11.55 -30.73 -13.49
C SER A 538 11.50 -29.22 -13.46
N GLY A 539 11.49 -28.59 -14.64
CA GLY A 539 11.20 -27.17 -14.69
C GLY A 539 9.86 -26.83 -14.05
N LYS A 540 8.87 -27.71 -14.24
CA LYS A 540 7.54 -27.45 -13.69
C LYS A 540 7.55 -27.45 -12.18
N TYR A 541 8.11 -28.48 -11.56
CA TYR A 541 8.11 -28.53 -10.10
C TYR A 541 9.08 -27.52 -9.50
N ALA A 542 10.13 -27.15 -10.23
CA ALA A 542 10.98 -26.07 -9.77
C ALA A 542 10.17 -24.79 -9.55
N HIS A 543 9.23 -24.51 -10.45
CA HIS A 543 8.42 -23.31 -10.33
C HIS A 543 7.37 -23.45 -9.22
N TYR A 544 6.60 -24.54 -9.25
CA TYR A 544 5.49 -24.71 -8.31
C TYR A 544 5.96 -25.16 -6.93
N GLY A 545 7.07 -25.91 -6.88
CA GLY A 545 7.53 -26.55 -5.67
C GLY A 545 7.66 -25.69 -4.42
N PRO A 546 8.29 -24.51 -4.54
CA PRO A 546 8.42 -23.64 -3.35
C PRO A 546 7.09 -23.30 -2.69
N GLY A 547 6.12 -22.82 -3.47
CA GLY A 547 4.81 -22.50 -2.92
C GLY A 547 3.99 -23.70 -2.52
N LEU A 548 4.22 -24.86 -3.14
CA LEU A 548 3.45 -26.05 -2.77
C LEU A 548 3.98 -26.69 -1.49
N SER A 549 5.30 -26.73 -1.32
CA SER A 549 5.92 -27.49 -0.23
C SER A 549 6.38 -26.64 0.94
N GLY A 550 6.63 -25.35 0.72
CA GLY A 550 7.23 -24.51 1.72
C GLY A 550 8.73 -24.66 1.84
N ARG A 551 9.33 -25.60 1.12
CA ARG A 551 10.76 -25.82 1.13
C ARG A 551 11.43 -25.03 0.01
N ALA A 552 12.75 -24.88 0.13
CA ALA A 552 13.53 -24.34 -0.96
C ALA A 552 13.70 -25.39 -2.05
N VAL A 553 13.78 -24.93 -3.30
CA VAL A 553 13.79 -25.83 -4.46
C VAL A 553 14.93 -25.42 -5.38
N ARG A 554 15.76 -26.39 -5.75
CA ARG A 554 16.84 -26.19 -6.71
C ARG A 554 16.51 -26.94 -8.00
N PHE A 555 16.86 -26.34 -9.13
CA PHE A 555 16.64 -26.93 -10.44
C PHE A 555 17.97 -27.32 -11.06
N GLY A 556 18.04 -28.51 -11.64
CA GLY A 556 19.29 -28.92 -12.27
C GLY A 556 19.10 -30.13 -13.17
N SER A 557 20.22 -30.59 -13.71
CA SER A 557 20.22 -31.72 -14.63
C SER A 557 19.92 -33.01 -13.89
N LEU A 558 19.71 -34.07 -14.67
CA LEU A 558 19.58 -35.41 -14.10
C LEU A 558 20.80 -35.75 -13.26
N ALA A 559 21.99 -35.46 -13.78
CA ALA A 559 23.22 -35.79 -13.07
C ALA A 559 23.46 -34.85 -11.89
N ASP A 560 23.04 -33.58 -11.99
CA ASP A 560 23.08 -32.71 -10.83
C ASP A 560 22.31 -33.31 -9.66
N CYS A 561 21.13 -33.87 -9.93
CA CYS A 561 20.33 -34.48 -8.87
C CYS A 561 21.00 -35.73 -8.31
N VAL A 562 21.54 -36.59 -9.19
CA VAL A 562 22.18 -37.81 -8.72
C VAL A 562 23.41 -37.49 -7.89
N GLU A 563 24.23 -36.54 -8.35
CA GLU A 563 25.38 -36.11 -7.56
C GLU A 563 24.93 -35.52 -6.23
N SER A 564 23.80 -34.81 -6.23
CA SER A 564 23.23 -34.36 -4.95
C SER A 564 22.92 -35.53 -4.05
N ALA A 565 22.36 -36.61 -4.62
CA ALA A 565 21.97 -37.76 -3.82
C ALA A 565 23.18 -38.53 -3.31
N LEU A 566 24.26 -38.58 -4.08
CA LEU A 566 25.42 -39.36 -3.69
C LEU A 566 26.29 -38.62 -2.69
N THR A 567 26.40 -37.30 -2.82
CA THR A 567 27.26 -36.51 -1.95
C THR A 567 26.53 -35.83 -0.81
N GLY A 568 25.24 -35.53 -0.99
CA GLY A 568 24.52 -34.74 -0.02
C GLY A 568 24.45 -33.26 -0.32
N ARG A 569 25.13 -32.79 -1.36
CA ARG A 569 25.24 -31.37 -1.66
C ARG A 569 25.04 -31.14 -3.15
N ALA A 570 24.36 -30.05 -3.48
CA ALA A 570 24.12 -29.60 -4.85
C ALA A 570 24.80 -28.25 -5.03
N VAL A 571 25.91 -28.24 -5.75
CA VAL A 571 26.69 -27.01 -5.89
C VAL A 571 25.94 -26.01 -6.76
N SER A 572 26.12 -24.72 -6.44
CA SER A 572 25.38 -23.62 -7.07
C SER A 572 26.25 -23.03 -8.18
N ARG A 573 25.92 -23.34 -9.42
CA ARG A 573 26.73 -22.91 -10.56
C ARG A 573 25.92 -23.03 -11.84
N LEU A 574 26.29 -22.21 -12.83
CA LEU A 574 25.70 -22.34 -14.16
C LEU A 574 26.29 -23.57 -14.86
N PRO A 575 25.51 -24.26 -15.69
CA PRO A 575 25.96 -25.51 -16.29
C PRO A 575 26.93 -25.28 -17.46
N VAL A 576 27.33 -26.39 -18.08
CA VAL A 576 28.37 -26.37 -19.10
C VAL A 576 27.95 -25.49 -20.27
N TRP A 577 26.74 -25.69 -20.78
CA TRP A 577 26.26 -24.89 -21.90
C TRP A 577 26.02 -23.43 -21.52
N LEU A 578 26.14 -23.08 -20.24
CA LEU A 578 26.00 -21.71 -19.77
C LEU A 578 27.33 -21.12 -19.35
N SER A 579 28.44 -21.64 -19.88
CA SER A 579 29.77 -21.15 -19.54
C SER A 579 30.64 -20.96 -20.77
N PRO B 21 36.44 -30.96 13.49
CA PRO B 21 36.58 -30.63 14.92
C PRO B 21 37.76 -29.69 15.16
N GLU B 22 37.52 -28.39 15.09
CA GLU B 22 38.55 -27.37 15.18
C GLU B 22 38.30 -26.46 16.36
N ALA B 23 39.39 -25.97 16.96
CA ALA B 23 39.35 -24.85 17.87
C ALA B 23 40.37 -23.83 17.41
N ARG B 24 39.94 -22.58 17.30
CA ARG B 24 40.82 -21.46 16.99
C ARG B 24 40.90 -20.54 18.20
N SER B 25 42.10 -20.13 18.56
CA SER B 25 42.29 -19.08 19.54
C SER B 25 42.07 -17.72 18.89
N ILE B 26 41.25 -16.88 19.51
CA ILE B 26 41.08 -15.51 19.05
C ILE B 26 41.94 -14.63 19.93
N LEU B 27 41.73 -14.75 21.24
CA LEU B 27 42.56 -14.11 22.24
C LEU B 27 43.12 -15.17 23.17
N ALA B 28 44.43 -15.13 23.40
CA ALA B 28 45.08 -16.15 24.20
C ALA B 28 44.85 -15.88 25.69
N GLY B 29 45.13 -16.89 26.50
CA GLY B 29 44.94 -16.79 27.93
C GLY B 29 44.49 -18.10 28.54
N ALA B 30 44.40 -18.13 29.87
CA ALA B 30 43.99 -19.33 30.60
C ALA B 30 42.72 -19.06 31.38
N ALA B 31 41.91 -20.11 31.53
CA ALA B 31 40.65 -20.00 32.26
C ALA B 31 40.14 -21.40 32.55
N GLU B 32 39.27 -21.47 33.57
CA GLU B 32 38.56 -22.70 33.87
C GLU B 32 37.36 -22.35 34.75
N GLY B 33 36.28 -23.08 34.54
CA GLY B 33 35.08 -22.84 35.31
C GLY B 33 33.89 -23.60 34.74
N LYS B 34 32.75 -23.40 35.38
CA LYS B 34 31.53 -24.07 34.97
C LYS B 34 31.07 -23.57 33.61
N VAL B 35 30.39 -24.43 32.87
CA VAL B 35 29.85 -24.07 31.57
C VAL B 35 28.53 -23.33 31.75
N ILE B 36 28.44 -22.16 31.14
CA ILE B 36 27.18 -21.44 30.98
C ILE B 36 26.90 -21.39 29.49
N ALA B 37 25.85 -22.07 29.04
CA ALA B 37 25.64 -22.30 27.61
C ALA B 37 24.28 -21.76 27.17
N THR B 38 24.27 -21.21 25.96
CA THR B 38 23.03 -20.76 25.34
C THR B 38 23.18 -20.88 23.83
N THR B 39 22.05 -21.01 23.15
CA THR B 39 22.01 -21.02 21.70
C THR B 39 21.56 -19.68 21.11
N GLU B 40 21.27 -18.70 21.95
CA GLU B 40 20.84 -17.39 21.51
C GLU B 40 21.91 -16.36 21.87
N ALA B 41 22.21 -15.49 20.91
CA ALA B 41 23.21 -14.45 21.12
C ALA B 41 22.73 -13.45 22.18
N LEU B 42 23.70 -12.79 22.80
CA LEU B 42 23.44 -11.85 23.89
C LEU B 42 24.23 -10.56 23.68
N SER B 43 23.63 -9.44 24.05
CA SER B 43 24.29 -8.13 24.05
C SER B 43 24.73 -7.83 25.48
N PHE B 44 26.04 -7.73 25.70
CA PHE B 44 26.52 -7.50 27.06
C PHE B 44 26.09 -6.13 27.58
N TRP B 45 26.09 -5.11 26.73
CA TRP B 45 25.39 -3.89 27.12
C TRP B 45 23.88 -4.12 27.04
N GLY B 46 23.18 -3.69 28.09
CA GLY B 46 21.74 -3.86 28.12
C GLY B 46 21.31 -5.27 28.49
N GLY B 47 22.22 -6.23 28.33
CA GLY B 47 21.89 -7.61 28.64
C GLY B 47 22.58 -8.12 29.88
N VAL B 48 23.65 -7.45 30.30
CA VAL B 48 24.43 -7.85 31.48
C VAL B 48 24.60 -6.62 32.37
N ASP B 49 24.32 -6.78 33.65
CA ASP B 49 24.52 -5.70 34.61
C ASP B 49 25.98 -5.65 35.03
N PRO B 50 26.70 -4.55 34.77
CA PRO B 50 28.10 -4.46 35.21
C PRO B 50 28.27 -4.55 36.72
N ALA B 51 27.26 -4.15 37.49
CA ALA B 51 27.38 -4.16 38.94
C ALA B 51 27.29 -5.57 39.52
N THR B 52 26.70 -6.52 38.80
CA THR B 52 26.45 -7.85 39.36
C THR B 52 27.00 -8.95 38.47
N GLY B 53 27.06 -8.73 37.17
CA GLY B 53 27.36 -9.80 36.23
C GLY B 53 26.16 -10.63 35.82
N LYS B 54 24.96 -10.21 36.21
CA LYS B 54 23.74 -10.96 35.92
C LYS B 54 23.26 -10.67 34.51
N VAL B 55 22.64 -11.65 33.88
CA VAL B 55 21.90 -11.39 32.65
C VAL B 55 20.63 -10.65 33.02
N ILE B 56 20.42 -9.50 32.40
CA ILE B 56 19.25 -8.66 32.67
C ILE B 56 18.33 -8.51 31.47
N ASP B 57 18.72 -9.03 30.30
CA ASP B 57 17.84 -9.11 29.15
C ASP B 57 16.66 -10.03 29.48
N VAL B 58 15.48 -9.46 29.72
CA VAL B 58 14.33 -10.25 30.16
C VAL B 58 13.88 -11.24 29.11
N HIS B 59 14.29 -11.07 27.86
CA HIS B 59 13.86 -11.94 26.78
C HIS B 59 14.91 -12.96 26.37
N HIS B 60 15.99 -13.10 27.16
CA HIS B 60 17.05 -14.05 26.83
C HIS B 60 16.97 -15.28 27.74
N PRO B 61 17.25 -16.46 27.19
CA PRO B 61 17.18 -17.70 28.01
C PRO B 61 18.01 -17.66 29.28
N LEU B 62 19.10 -16.88 29.30
CA LEU B 62 20.00 -16.85 30.44
C LEU B 62 19.62 -15.81 31.49
N HIS B 63 18.44 -15.19 31.37
CA HIS B 63 18.05 -14.12 32.27
C HIS B 63 18.14 -14.58 33.73
N GLY B 64 18.72 -13.73 34.58
CA GLY B 64 18.88 -14.01 35.98
C GLY B 64 20.13 -14.75 36.37
N ILE B 65 20.84 -15.35 35.40
CA ILE B 65 22.05 -16.13 35.67
C ILE B 65 23.24 -15.20 35.87
N CYS B 66 24.07 -15.53 36.85
CA CYS B 66 25.36 -14.87 37.07
C CYS B 66 26.40 -15.48 36.14
N LEU B 67 27.02 -14.65 35.31
CA LEU B 67 28.04 -15.14 34.40
C LEU B 67 29.42 -15.22 35.04
N THR B 68 29.58 -14.73 36.27
CA THR B 68 30.91 -14.58 36.85
C THR B 68 31.66 -15.90 36.94
N GLY B 69 32.86 -15.89 36.40
CA GLY B 69 33.75 -17.02 36.47
C GLY B 69 33.37 -18.18 35.59
N GLY B 70 32.16 -18.20 35.02
CA GLY B 70 31.79 -19.27 34.15
C GLY B 70 32.44 -19.17 32.78
N VAL B 71 32.42 -20.28 32.06
CA VAL B 71 32.83 -20.31 30.66
C VAL B 71 31.56 -20.20 29.83
N LEU B 72 31.37 -19.04 29.19
CA LEU B 72 30.13 -18.74 28.51
C LEU B 72 30.21 -19.20 27.06
N PHE B 73 29.35 -20.17 26.71
CA PHE B 73 29.16 -20.61 25.33
C PHE B 73 27.95 -19.87 24.75
N MET B 74 28.18 -19.11 23.68
CA MET B 74 27.07 -18.59 22.90
C MET B 74 27.53 -18.45 21.46
N PRO B 75 26.62 -18.60 20.48
CA PRO B 75 27.03 -18.61 19.07
C PRO B 75 27.91 -17.43 18.71
N THR B 76 27.39 -16.23 18.93
CA THR B 76 28.14 -14.99 18.81
C THR B 76 27.40 -13.98 19.69
N SER B 77 27.75 -12.71 19.57
CA SER B 77 27.00 -11.68 20.27
C SER B 77 25.97 -11.06 19.32
N ARG B 78 25.14 -10.19 19.89
CA ARG B 78 24.15 -9.46 19.11
C ARG B 78 23.99 -8.07 19.70
N GLY B 79 23.35 -7.19 18.95
CA GLY B 79 22.94 -5.92 19.49
C GLY B 79 24.02 -4.86 19.56
N ALA B 80 24.29 -4.38 20.78
CA ALA B 80 24.93 -3.09 20.98
C ALA B 80 26.43 -3.12 20.74
N CYS B 81 26.93 -2.00 20.23
CA CYS B 81 28.37 -1.78 20.12
C CYS B 81 29.00 -1.59 21.51
N THR B 82 28.19 -1.27 22.51
CA THR B 82 28.65 -0.89 23.84
C THR B 82 29.04 -2.10 24.70
N GLY B 83 28.83 -3.32 24.21
CA GLY B 83 29.19 -4.50 24.99
C GLY B 83 30.67 -4.58 25.33
N SER B 84 31.53 -3.95 24.52
CA SER B 84 32.97 -4.00 24.79
C SER B 84 33.32 -3.31 26.09
N GLY B 85 32.72 -2.14 26.33
CA GLY B 85 32.99 -1.43 27.58
C GLY B 85 32.42 -2.14 28.79
N VAL B 86 31.23 -2.75 28.64
CA VAL B 86 30.65 -3.52 29.74
C VAL B 86 31.53 -4.72 30.05
N LEU B 87 32.01 -5.43 29.03
CA LEU B 87 32.90 -6.55 29.25
C LEU B 87 34.21 -6.09 29.90
N LEU B 88 34.76 -4.97 29.44
CA LEU B 88 35.99 -4.46 30.04
C LEU B 88 35.80 -4.15 31.52
N ASP B 89 34.67 -3.54 31.88
CA ASP B 89 34.41 -3.25 33.28
C ASP B 89 34.29 -4.53 34.09
N LEU B 90 33.60 -5.53 33.54
CA LEU B 90 33.48 -6.82 34.23
C LEU B 90 34.84 -7.46 34.44
N ILE B 91 35.73 -7.33 33.45
CA ILE B 91 37.08 -7.87 33.56
C ILE B 91 37.85 -7.13 34.66
N LEU B 92 37.69 -5.81 34.74
CA LEU B 92 38.45 -5.04 35.73
C LEU B 92 37.96 -5.28 37.15
N THR B 93 36.66 -5.54 37.34
CA THR B 93 36.11 -5.75 38.67
C THR B 93 36.09 -7.21 39.09
N GLY B 94 36.44 -8.13 38.21
CA GLY B 94 36.42 -9.55 38.54
C GLY B 94 35.06 -10.19 38.47
N ARG B 95 34.09 -9.55 37.81
CA ARG B 95 32.75 -10.08 37.64
C ARG B 95 32.51 -10.67 36.26
N ALA B 96 33.54 -10.79 35.44
CA ALA B 96 33.33 -11.30 34.10
C ALA B 96 33.25 -12.83 34.12
N PRO B 97 32.79 -13.43 33.03
CA PRO B 97 33.04 -14.86 32.84
C PRO B 97 34.53 -15.09 32.67
N SER B 98 34.97 -16.31 33.00
CA SER B 98 36.41 -16.60 32.89
C SER B 98 36.85 -16.71 31.44
N ALA B 99 35.95 -17.08 30.53
CA ALA B 99 36.29 -17.21 29.13
C ALA B 99 35.03 -17.10 28.29
N LEU B 100 35.22 -16.88 26.99
CA LEU B 100 34.15 -16.80 26.01
C LEU B 100 34.41 -17.82 24.90
N VAL B 101 33.40 -18.60 24.57
CA VAL B 101 33.49 -19.57 23.50
C VAL B 101 32.37 -19.28 22.50
N PHE B 102 32.75 -18.95 21.27
CA PHE B 102 31.82 -18.69 20.19
C PHE B 102 31.81 -19.85 19.21
N CYS B 103 30.89 -19.78 18.25
CA CYS B 103 30.91 -20.70 17.12
C CYS B 103 30.84 -19.98 15.79
N GLU B 104 30.90 -18.64 15.78
CA GLU B 104 30.83 -17.84 14.56
C GLU B 104 31.73 -16.63 14.73
N ALA B 105 31.80 -15.78 13.71
CA ALA B 105 32.55 -14.54 13.80
C ALA B 105 31.95 -13.63 14.86
N GLU B 106 32.81 -12.91 15.58
CA GLU B 106 32.38 -12.00 16.63
C GLU B 106 33.37 -10.84 16.74
N ASP B 107 32.84 -9.65 17.02
CA ASP B 107 33.67 -8.46 17.13
C ASP B 107 33.55 -7.73 18.47
N VAL B 108 32.34 -7.57 19.00
CA VAL B 108 32.12 -6.66 20.12
C VAL B 108 32.87 -7.14 21.36
N LEU B 109 32.57 -8.36 21.81
CA LEU B 109 33.22 -8.87 23.01
C LEU B 109 34.70 -9.17 22.75
N THR B 110 35.04 -9.61 21.54
CA THR B 110 36.44 -9.81 21.18
C THR B 110 37.23 -8.51 21.35
N LEU B 111 36.67 -7.40 20.85
CA LEU B 111 37.34 -6.11 20.98
C LEU B 111 37.51 -5.71 22.44
N GLY B 112 36.48 -5.92 23.25
CA GLY B 112 36.58 -5.57 24.66
C GLY B 112 37.68 -6.34 25.36
N ALA B 113 37.75 -7.64 25.12
CA ALA B 113 38.83 -8.45 25.69
C ALA B 113 40.18 -8.02 25.14
N LEU B 114 40.23 -7.61 23.87
CA LEU B 114 41.49 -7.18 23.28
C LEU B 114 41.98 -5.88 23.90
N VAL B 115 41.07 -4.96 24.19
CA VAL B 115 41.44 -3.73 24.88
C VAL B 115 41.94 -4.05 26.29
N ALA B 116 41.30 -5.01 26.95
CA ALA B 116 41.72 -5.38 28.30
C ALA B 116 43.14 -5.94 28.31
N ALA B 117 43.53 -6.66 27.26
CA ALA B 117 44.88 -7.21 27.18
C ALA B 117 45.88 -6.14 26.73
N GLU B 118 45.49 -5.27 25.80
CA GLU B 118 46.42 -4.30 25.25
C GLU B 118 46.73 -3.19 26.26
N MET B 119 45.71 -2.70 26.97
CA MET B 119 45.86 -1.50 27.76
C MET B 119 45.62 -1.67 29.26
N PHE B 120 45.11 -2.82 29.70
CA PHE B 120 44.76 -2.97 31.11
C PHE B 120 45.38 -4.20 31.77
N ASP B 121 46.21 -4.96 31.05
CA ASP B 121 46.99 -6.06 31.62
C ASP B 121 46.09 -7.13 32.22
N LYS B 122 44.98 -7.43 31.55
CA LYS B 122 44.07 -8.48 31.96
C LYS B 122 43.74 -9.33 30.74
N ALA B 123 44.00 -10.63 30.85
CA ALA B 123 43.78 -11.55 29.74
C ALA B 123 42.50 -12.33 29.94
N LEU B 124 41.63 -12.29 28.94
CA LEU B 124 40.43 -13.13 28.90
C LEU B 124 40.49 -13.97 27.64
N PRO B 125 40.57 -15.30 27.74
CA PRO B 125 40.67 -16.12 26.51
C PRO B 125 39.35 -16.17 25.78
N VAL B 126 39.43 -16.18 24.45
CA VAL B 126 38.27 -16.21 23.56
C VAL B 126 38.55 -17.22 22.46
N ILE B 127 37.67 -18.22 22.34
CA ILE B 127 37.87 -19.34 21.43
C ILE B 127 36.67 -19.44 20.50
N ARG B 128 36.92 -19.75 19.23
CA ARG B 128 35.87 -20.04 18.26
C ARG B 128 35.96 -21.51 17.87
N LEU B 129 34.91 -22.26 18.18
CA LEU B 129 34.81 -23.67 17.83
C LEU B 129 33.94 -23.84 16.58
N ASP B 130 34.06 -25.02 15.97
CA ASP B 130 33.16 -25.37 14.90
C ASP B 130 31.77 -25.64 15.46
N THR B 131 30.78 -25.56 14.57
CA THR B 131 29.38 -25.76 14.94
C THR B 131 29.19 -27.01 15.79
N GLU B 132 29.77 -28.13 15.35
CA GLU B 132 29.51 -29.42 15.97
C GLU B 132 30.14 -29.50 17.36
N THR B 133 31.39 -29.05 17.50
CA THR B 133 32.07 -29.12 18.79
C THR B 133 31.49 -28.13 19.79
N PHE B 134 30.99 -27.00 19.31
CA PHE B 134 30.33 -26.03 20.18
C PHE B 134 29.17 -26.68 20.94
N ALA B 135 28.28 -27.35 20.21
CA ALA B 135 27.16 -28.02 20.85
C ALA B 135 27.63 -29.14 21.77
N ARG B 136 28.69 -29.84 21.39
CA ARG B 136 29.21 -30.93 22.20
C ARG B 136 29.71 -30.44 23.55
N PHE B 137 30.58 -29.42 23.54
CA PHE B 137 31.10 -28.88 24.78
C PHE B 137 30.05 -28.08 25.55
N SER B 138 29.02 -27.58 24.86
CA SER B 138 27.94 -26.87 25.54
C SER B 138 27.23 -27.78 26.55
N ARG B 139 27.23 -29.10 26.31
CA ARG B 139 26.64 -30.04 27.24
C ARG B 139 27.54 -30.35 28.43
N ALA B 140 28.83 -30.03 28.32
CA ALA B 140 29.77 -30.36 29.39
C ALA B 140 29.48 -29.54 30.63
N ALA B 141 29.92 -30.05 31.77
CA ALA B 141 29.74 -29.37 33.05
C ALA B 141 30.85 -28.38 33.36
N HIS B 142 32.08 -28.69 32.95
CA HIS B 142 33.24 -27.86 33.29
C HIS B 142 34.15 -27.76 32.07
N VAL B 143 34.87 -26.65 32.00
CA VAL B 143 35.74 -26.35 30.86
C VAL B 143 36.99 -25.66 31.38
N ARG B 144 38.15 -26.08 30.88
CA ARG B 144 39.42 -25.43 31.19
C ARG B 144 40.12 -25.08 29.89
N ILE B 145 40.73 -23.89 29.85
CA ILE B 145 41.41 -23.38 28.66
C ILE B 145 42.83 -23.01 29.05
N ASP B 146 43.79 -23.34 28.18
CA ASP B 146 45.12 -22.74 28.24
C ASP B 146 45.48 -22.33 26.82
N GLN B 147 46.76 -22.00 26.59
CA GLN B 147 47.14 -21.42 25.31
C GLN B 147 47.17 -22.43 24.16
N ASN B 148 47.17 -23.73 24.45
CA ASN B 148 47.17 -24.75 23.41
C ASN B 148 45.95 -25.65 23.43
N THR B 149 45.18 -25.70 24.52
CA THR B 149 44.12 -26.67 24.66
C THR B 149 42.83 -26.02 25.16
N ILE B 150 41.70 -26.64 24.83
CA ILE B 150 40.44 -26.46 25.53
C ILE B 150 39.93 -27.84 25.91
N LYS B 151 39.53 -28.01 27.17
CA LYS B 151 39.10 -29.31 27.66
C LYS B 151 37.72 -29.19 28.29
N ALA B 152 36.78 -30.00 27.82
CA ALA B 152 35.43 -30.06 28.36
C ALA B 152 35.26 -31.41 29.06
N ASP B 153 35.22 -31.38 30.39
CA ASP B 153 35.09 -32.60 31.20
C ASP B 153 36.21 -33.59 30.91
N GLY B 154 37.43 -33.07 30.71
CA GLY B 154 38.58 -33.89 30.38
C GLY B 154 38.79 -34.12 28.91
N VAL B 155 37.78 -33.88 28.08
CA VAL B 155 37.89 -34.03 26.62
C VAL B 155 38.75 -32.89 26.08
N SER B 156 39.98 -33.19 25.68
CA SER B 156 40.92 -32.17 25.24
C SER B 156 40.91 -32.04 23.72
N LEU B 157 40.99 -30.79 23.25
CA LEU B 157 41.09 -30.48 21.84
C LEU B 157 42.13 -29.40 21.66
N ALA B 158 43.04 -29.61 20.71
CA ALA B 158 44.11 -28.64 20.49
C ALA B 158 43.56 -27.34 19.94
N VAL B 159 44.17 -26.23 20.34
CA VAL B 159 43.70 -24.89 19.99
C VAL B 159 44.72 -24.28 19.04
N ALA B 160 44.30 -24.05 17.79
CA ALA B 160 45.16 -23.39 16.83
C ALA B 160 45.47 -21.97 17.29
N PRO B 161 46.71 -21.51 17.13
CA PRO B 161 47.09 -20.19 17.65
C PRO B 161 46.36 -19.08 16.91
N PRO B 162 46.30 -17.88 17.50
CA PRO B 162 45.56 -16.78 16.85
C PRO B 162 46.09 -16.48 15.45
N ALA B 163 45.16 -16.06 14.58
CA ALA B 163 45.51 -15.76 13.20
C ALA B 163 46.63 -14.75 13.13
N THR B 164 47.51 -14.94 12.15
CA THR B 164 48.63 -14.03 11.93
C THR B 164 48.25 -13.00 10.87
N ALA B 165 48.60 -11.75 11.16
CA ALA B 165 48.33 -10.63 10.27
C ALA B 165 48.94 -10.87 8.88
N HIS B 166 48.08 -10.92 7.87
CA HIS B 166 48.52 -10.88 6.46
C HIS B 166 47.90 -9.64 5.81
N LEU B 167 48.35 -8.47 6.28
CA LEU B 167 47.75 -7.19 5.91
C LEU B 167 48.67 -6.40 4.99
N ASP B 168 48.09 -5.83 3.94
CA ASP B 168 48.74 -4.79 3.18
C ASP B 168 48.68 -3.49 3.97
N LEU B 169 49.84 -2.95 4.35
CA LEU B 169 49.93 -1.72 5.13
C LEU B 169 50.62 -0.66 4.29
N THR B 170 50.04 0.55 4.26
CA THR B 170 50.72 1.65 3.58
C THR B 170 51.93 2.09 4.41
N ASP B 171 52.71 3.02 3.83
CA ASP B 171 53.84 3.58 4.56
C ASP B 171 53.37 4.33 5.79
N ASP B 172 52.33 5.17 5.64
CA ASP B 172 51.77 5.89 6.78
C ASP B 172 51.24 4.92 7.83
N ASP B 173 50.63 3.82 7.39
CA ASP B 173 50.21 2.76 8.31
C ASP B 173 51.38 2.29 9.14
N ARG B 174 52.52 2.00 8.50
CA ARG B 174 53.66 1.46 9.21
C ARG B 174 54.25 2.47 10.20
N ALA B 175 54.38 3.73 9.78
CA ALA B 175 54.86 4.75 10.71
C ALA B 175 53.95 4.85 11.92
N MET B 176 52.65 4.73 11.69
CA MET B 176 51.69 4.73 12.79
C MET B 176 51.99 3.64 13.80
N LEU B 177 52.23 2.41 13.32
CA LEU B 177 52.56 1.30 14.21
C LEU B 177 53.93 1.48 14.84
N GLU B 178 54.88 2.05 14.08
CA GLU B 178 56.24 2.22 14.57
C GLU B 178 56.30 3.14 15.79
N GLY B 179 55.30 3.99 15.99
CA GLY B 179 55.34 4.98 17.05
C GLY B 179 55.71 6.38 16.59
N ARG B 180 55.92 6.58 15.29
CA ARG B 180 56.35 7.88 14.79
C ARG B 180 55.29 8.96 14.90
N ASP B 181 54.04 8.59 15.21
CA ASP B 181 52.98 9.56 15.46
C ASP B 181 52.57 9.58 16.94
N GLY B 182 53.40 9.05 17.82
CA GLY B 182 53.12 9.00 19.23
C GLY B 182 52.59 7.65 19.67
N ILE B 183 52.47 7.50 20.99
CA ILE B 183 52.14 6.21 21.57
C ILE B 183 50.64 5.93 21.51
N ALA B 184 49.81 6.95 21.77
CA ALA B 184 48.36 6.78 21.66
C ALA B 184 47.98 6.31 20.27
N VAL B 185 48.53 6.98 19.25
CA VAL B 185 48.26 6.60 17.87
C VAL B 185 48.75 5.18 17.59
N ARG B 186 49.91 4.81 18.15
CA ARG B 186 50.40 3.45 18.00
C ARG B 186 49.44 2.44 18.63
N GLN B 187 48.94 2.75 19.82
CA GLN B 187 48.00 1.85 20.49
C GLN B 187 46.73 1.65 19.66
N ALA B 188 46.24 2.72 19.04
CA ALA B 188 45.06 2.61 18.18
C ALA B 188 45.32 1.66 17.02
N MET B 189 46.46 1.83 16.35
CA MET B 189 46.75 1.00 15.18
C MET B 189 46.98 -0.46 15.56
N ARG B 190 47.58 -0.71 16.73
CA ARG B 190 47.78 -2.08 17.17
C ARG B 190 46.44 -2.79 17.34
N ILE B 191 45.47 -2.09 17.92
CA ILE B 191 44.14 -2.68 18.09
C ILE B 191 43.47 -2.88 16.73
N ILE B 192 43.61 -1.92 15.83
CA ILE B 192 43.01 -2.04 14.50
C ILE B 192 43.58 -3.25 13.76
N VAL B 193 44.91 -3.39 13.77
CA VAL B 193 45.55 -4.48 13.05
C VAL B 193 45.17 -5.82 13.67
N ALA B 194 45.15 -5.90 15.00
CA ALA B 194 44.73 -7.12 15.68
C ALA B 194 43.30 -7.50 15.29
N MET B 195 42.39 -6.52 15.27
CA MET B 195 41.01 -6.81 14.86
C MET B 195 40.96 -7.26 13.41
N ALA B 196 41.70 -6.60 12.52
CA ALA B 196 41.75 -7.02 11.13
C ALA B 196 42.27 -8.45 11.00
N ALA B 197 43.17 -8.86 11.90
CA ALA B 197 43.73 -10.20 11.83
C ALA B 197 42.69 -11.26 12.19
N GLN B 198 41.95 -11.04 13.29
CA GLN B 198 40.92 -11.99 13.68
C GLN B 198 39.79 -12.03 12.65
N GLN B 199 39.57 -10.94 11.93
CA GLN B 199 38.59 -10.93 10.84
C GLN B 199 39.16 -11.50 9.55
N GLY B 200 40.46 -11.73 9.48
CA GLY B 200 41.06 -12.24 8.27
C GLY B 200 41.09 -11.27 7.11
N ALA B 201 40.97 -9.97 7.37
CA ALA B 201 41.17 -8.99 6.33
C ALA B 201 42.61 -9.04 5.82
N SER B 202 42.81 -8.45 4.65
CA SER B 202 44.13 -8.35 4.05
C SER B 202 44.55 -6.92 3.72
N ALA B 203 43.78 -5.93 4.17
CA ALA B 203 44.16 -4.53 4.03
C ALA B 203 43.30 -3.71 4.98
N LEU B 204 43.62 -2.42 5.03
CA LEU B 204 42.82 -1.42 5.73
C LEU B 204 42.22 -0.45 4.72
N VAL B 205 41.21 0.29 5.16
CA VAL B 205 40.48 1.21 4.30
C VAL B 205 40.41 2.57 4.97
N ASP B 206 40.54 3.63 4.17
CA ASP B 206 40.36 4.98 4.68
C ASP B 206 38.90 5.20 5.06
N VAL B 207 38.67 5.96 6.12
CA VAL B 207 37.34 6.40 6.50
C VAL B 207 37.32 7.92 6.47
N THR B 208 36.22 8.49 6.00
CA THR B 208 36.11 9.94 5.87
C THR B 208 35.64 10.61 7.14
N GLN B 209 35.06 9.87 8.07
CA GLN B 209 34.54 10.43 9.30
C GLN B 209 34.27 9.30 10.29
N GLY B 210 34.19 9.67 11.57
CA GLY B 210 33.89 8.73 12.61
C GLY B 210 32.63 9.14 13.38
N HIS B 211 32.15 8.19 14.19
CA HIS B 211 31.07 8.47 15.13
C HIS B 211 31.36 7.63 16.37
N ILE B 212 31.63 8.30 17.48
CA ILE B 212 32.06 7.63 18.70
C ILE B 212 30.84 7.29 19.55
N ASP B 213 30.82 6.06 20.07
CA ASP B 213 29.68 5.56 20.82
C ASP B 213 29.99 5.21 22.27
N GLY B 214 31.26 4.99 22.62
CA GLY B 214 31.62 4.70 24.00
C GLY B 214 31.52 5.89 24.92
N CYS B 215 30.90 6.98 24.46
CA CYS B 215 30.65 8.13 25.32
C CYS B 215 29.43 7.96 26.21
N ILE B 216 28.66 6.88 26.05
CA ILE B 216 27.66 6.53 27.05
C ILE B 216 28.37 6.03 28.31
N TYR B 217 27.91 6.47 29.48
CA TYR B 217 28.52 6.07 30.75
C TYR B 217 27.92 4.72 31.17
N ALA B 218 28.25 3.70 30.38
CA ALA B 218 27.72 2.37 30.59
C ALA B 218 28.39 1.64 31.75
N SER B 219 29.52 2.14 32.22
CA SER B 219 30.28 1.54 33.30
C SER B 219 31.45 2.47 33.63
N PRO B 220 32.07 2.31 34.80
CA PRO B 220 33.26 3.11 35.10
C PRO B 220 34.37 2.96 34.07
N ALA B 221 34.52 1.76 33.49
CA ALA B 221 35.61 1.52 32.55
C ALA B 221 35.45 2.30 31.25
N ASN B 222 34.23 2.70 30.90
CA ASN B 222 34.06 3.58 29.74
C ASN B 222 34.80 4.90 29.96
N LEU B 223 34.76 5.42 31.18
CA LEU B 223 35.49 6.62 31.52
C LEU B 223 36.99 6.35 31.64
N THR B 224 37.35 5.23 32.26
CA THR B 224 38.76 4.89 32.43
C THR B 224 39.48 4.77 31.09
N PHE B 225 38.82 4.17 30.09
CA PHE B 225 39.44 4.06 28.77
C PHE B 225 39.60 5.43 28.12
N ALA B 226 38.54 6.23 28.14
CA ALA B 226 38.58 7.53 27.45
C ALA B 226 39.63 8.44 28.06
N GLU B 227 39.73 8.45 29.39
CA GLU B 227 40.76 9.29 30.02
C GLU B 227 42.15 8.72 29.81
N LYS B 228 42.27 7.39 29.71
CA LYS B 228 43.56 6.78 29.39
C LYS B 228 44.05 7.22 28.03
N MET B 229 43.18 7.16 27.02
CA MET B 229 43.57 7.57 25.67
C MET B 229 43.82 9.07 25.59
N ALA B 230 42.97 9.86 26.25
CA ALA B 230 43.15 11.32 26.23
C ALA B 230 44.43 11.73 26.94
N ASP B 231 44.76 11.07 28.06
CA ASP B 231 45.99 11.37 28.78
C ASP B 231 47.23 10.85 28.06
N MET B 232 47.07 9.95 27.09
CA MET B 232 48.16 9.55 26.22
C MET B 232 48.35 10.51 25.05
N GLY B 233 47.52 11.55 24.95
CA GLY B 233 47.60 12.48 23.85
C GLY B 233 46.73 12.12 22.65
N GLY B 234 45.78 11.21 22.82
CA GLY B 234 44.96 10.80 21.70
C GLY B 234 44.11 11.94 21.15
N LYS B 235 43.92 11.91 19.84
CA LYS B 235 43.07 12.90 19.18
C LYS B 235 42.64 12.34 17.83
N VAL B 236 41.44 12.75 17.41
CA VAL B 236 40.87 12.23 16.17
C VAL B 236 41.52 12.91 14.98
N ARG B 237 41.63 12.16 13.88
CA ARG B 237 42.22 12.65 12.64
C ARG B 237 41.18 12.90 11.55
N VAL B 238 40.00 12.32 11.67
CA VAL B 238 38.90 12.58 10.74
C VAL B 238 37.78 13.24 11.53
N PRO B 239 36.91 14.00 10.87
CA PRO B 239 35.75 14.57 11.56
C PRO B 239 34.95 13.48 12.27
N SER B 240 34.64 13.71 13.55
CA SER B 240 34.06 12.68 14.38
C SER B 240 32.94 13.24 15.26
N THR B 241 31.75 12.69 15.10
CA THR B 241 30.61 13.06 15.94
C THR B 241 30.54 12.13 17.16
N MET B 242 29.62 12.44 18.06
CA MET B 242 29.46 11.70 19.31
C MET B 242 28.03 11.21 19.44
N ASN B 243 27.90 9.98 19.95
CA ASN B 243 26.61 9.36 20.18
C ASN B 243 25.96 9.97 21.43
N ALA B 244 24.81 9.42 21.83
CA ALA B 244 24.14 9.89 23.05
C ALA B 244 25.05 9.73 24.25
N ILE B 245 24.83 10.58 25.26
CA ILE B 245 25.59 10.51 26.50
C ILE B 245 24.64 10.31 27.68
N SER B 246 25.21 10.21 28.88
CA SER B 246 24.45 9.82 30.06
C SER B 246 24.07 11.00 30.94
N VAL B 247 24.27 12.23 30.47
CA VAL B 247 23.75 13.42 31.14
C VAL B 247 23.17 14.34 30.08
N ASP B 248 22.03 14.97 30.41
CA ASP B 248 21.67 16.22 29.78
C ASP B 248 22.82 17.17 30.09
N LYS B 249 23.71 17.39 29.11
CA LYS B 249 25.02 17.96 29.41
C LYS B 249 24.91 19.34 30.05
N ALA B 250 23.94 20.15 29.62
CA ALA B 250 23.82 21.51 30.15
C ALA B 250 23.00 21.59 31.43
N ASN B 251 22.19 20.57 31.73
CA ASN B 251 21.16 20.72 32.76
C ASN B 251 21.15 19.66 33.84
N TRP B 252 22.10 18.72 33.85
CA TRP B 252 21.97 17.58 34.77
C TRP B 252 22.13 17.97 36.22
N ARG B 253 22.96 18.99 36.51
CA ARG B 253 23.04 19.49 37.88
C ARG B 253 21.69 19.99 38.37
N ALA B 254 21.07 20.87 37.59
CA ALA B 254 19.76 21.42 37.95
C ALA B 254 18.69 20.33 37.99
N GLN B 255 18.82 19.30 37.14
CA GLN B 255 17.85 18.22 37.13
C GLN B 255 17.92 17.34 38.37
N GLY B 256 18.95 17.50 39.20
CA GLY B 256 19.08 16.67 40.38
C GLY B 256 19.71 15.32 40.17
N VAL B 257 20.36 15.11 39.02
CA VAL B 257 21.09 13.85 38.81
C VAL B 257 22.22 13.77 39.84
N PRO B 258 22.35 12.66 40.57
CA PRO B 258 23.32 12.60 41.67
C PRO B 258 24.74 12.88 41.18
N GLU B 259 25.51 13.56 42.03
CA GLU B 259 26.87 13.95 41.67
C GLU B 259 27.73 12.73 41.34
N ASP B 260 27.54 11.63 42.08
CA ASP B 260 28.36 10.45 41.88
C ASP B 260 28.17 9.82 40.51
N PHE B 261 27.03 10.05 39.86
CA PHE B 261 26.76 9.55 38.52
C PHE B 261 26.98 10.62 37.46
N GLY B 262 26.48 11.83 37.70
CA GLY B 262 26.56 12.86 36.67
C GLY B 262 27.97 13.35 36.43
N ASP B 263 28.79 13.40 37.49
CA ASP B 263 30.14 13.92 37.33
C ASP B 263 31.00 13.02 36.43
N PRO B 264 31.12 11.71 36.67
CA PRO B 264 31.87 10.90 35.70
C PRO B 264 31.21 10.86 34.33
N ALA B 265 29.88 10.78 34.28
CA ALA B 265 29.19 10.78 32.97
C ALA B 265 29.52 12.04 32.18
N ALA B 266 29.57 13.19 32.85
CA ALA B 266 29.93 14.43 32.16
C ALA B 266 31.41 14.44 31.78
N ARG B 267 32.27 13.92 32.65
CA ARG B 267 33.69 13.86 32.33
C ARG B 267 33.97 12.92 31.16
N LEU B 268 33.18 11.84 31.03
CA LEU B 268 33.35 10.95 29.89
C LEU B 268 33.07 11.69 28.58
N ALA B 269 31.96 12.42 28.53
CA ALA B 269 31.68 13.22 27.34
C ALA B 269 32.75 14.28 27.11
N ASP B 270 33.24 14.91 28.20
CA ASP B 270 34.27 15.93 28.07
C ASP B 270 35.57 15.36 27.50
N ALA B 271 35.91 14.13 27.88
CA ALA B 271 37.15 13.53 27.41
C ALA B 271 37.15 13.37 25.90
N TYR B 272 36.02 12.93 25.33
CA TYR B 272 35.94 12.78 23.89
C TYR B 272 35.95 14.14 23.19
N VAL B 273 35.26 15.14 23.77
CA VAL B 273 35.32 16.49 23.22
C VAL B 273 36.75 17.01 23.26
N ARG B 274 37.46 16.76 24.36
CA ARG B 274 38.88 17.13 24.46
C ARG B 274 39.68 16.54 23.30
N MET B 275 39.40 15.29 22.92
CA MET B 275 40.12 14.63 21.85
C MET B 275 39.64 15.04 20.46
N GLY B 276 38.78 16.04 20.35
CA GLY B 276 38.41 16.59 19.07
C GLY B 276 37.11 16.11 18.47
N CYS B 277 36.29 15.39 19.23
CA CYS B 277 35.01 14.93 18.70
C CYS B 277 33.98 16.05 18.80
N ARG B 278 33.15 16.16 17.77
CA ARG B 278 32.09 17.18 17.78
C ARG B 278 31.03 16.79 18.79
N PRO B 279 30.63 17.70 19.70
CA PRO B 279 29.69 17.36 20.79
C PRO B 279 28.23 17.28 20.33
N THR B 280 27.97 16.46 19.31
CA THR B 280 26.61 16.33 18.79
C THR B 280 25.70 15.58 19.75
N PHE B 281 26.26 14.66 20.54
CA PHE B 281 25.52 13.90 21.56
C PHE B 281 24.22 13.32 21.00
N THR B 282 24.32 12.54 19.92
CA THR B 282 23.10 12.02 19.32
C THR B 282 23.35 10.64 18.70
N CYS B 283 22.40 9.74 18.92
CA CYS B 283 22.42 8.39 18.37
C CYS B 283 21.78 8.31 16.99
N SER B 284 21.34 9.44 16.45
CA SER B 284 20.88 9.53 15.07
C SER B 284 21.73 10.54 14.32
N PRO B 285 23.04 10.28 14.19
CA PRO B 285 23.91 11.24 13.50
C PRO B 285 23.63 11.31 12.01
N TYR B 286 22.88 10.35 11.47
CA TYR B 286 22.52 10.36 10.06
C TYR B 286 21.49 11.43 9.73
N LEU B 287 20.91 12.08 10.74
CA LEU B 287 20.06 13.25 10.53
C LEU B 287 20.84 14.56 10.57
N LEU B 288 22.15 14.51 10.82
CA LEU B 288 22.96 15.72 10.86
C LEU B 288 23.35 16.16 9.46
N ASP B 289 23.62 17.45 9.32
CA ASP B 289 24.07 17.99 8.04
C ASP B 289 25.35 17.32 7.55
N SER B 290 26.13 16.75 8.46
CA SER B 290 27.37 16.06 8.14
C SER B 290 27.16 14.63 7.69
N ALA B 291 25.91 14.22 7.47
CA ALA B 291 25.61 12.83 7.15
C ALA B 291 26.40 12.39 5.92
N PRO B 292 26.91 11.16 5.91
CA PRO B 292 27.63 10.67 4.73
C PRO B 292 26.67 10.35 3.60
N SER B 293 27.23 10.22 2.40
CA SER B 293 26.46 9.99 1.19
C SER B 293 26.62 8.55 0.72
N ALA B 294 25.83 8.19 -0.29
CA ALA B 294 25.87 6.87 -0.87
C ALA B 294 27.28 6.47 -1.24
N GLY B 295 27.69 5.28 -0.81
CA GLY B 295 29.00 4.74 -1.12
C GLY B 295 30.16 5.27 -0.31
N GLU B 296 29.94 6.30 0.52
CA GLU B 296 31.03 6.89 1.28
C GLU B 296 31.51 5.94 2.37
N SER B 297 32.83 5.82 2.52
CA SER B 297 33.43 4.93 3.51
C SER B 297 33.61 5.69 4.82
N ILE B 298 32.95 5.21 5.87
CA ILE B 298 32.99 5.85 7.19
C ILE B 298 33.33 4.79 8.24
N GLY B 299 33.56 5.26 9.46
CA GLY B 299 33.84 4.37 10.57
C GLY B 299 33.00 4.67 11.79
N TRP B 300 31.85 4.01 11.91
CA TRP B 300 30.84 4.35 12.90
C TRP B 300 30.67 3.24 13.93
N ALA B 301 30.31 3.64 15.15
CA ALA B 301 29.75 2.76 16.15
C ALA B 301 28.31 3.19 16.42
N GLU B 302 27.70 2.63 17.47
CA GLU B 302 26.26 2.65 17.71
C GLU B 302 25.53 1.83 16.66
N SER B 303 24.84 0.78 17.11
CA SER B 303 24.32 -0.23 16.18
C SER B 303 23.29 0.37 15.21
N ASN B 304 22.35 1.18 15.71
CA ASN B 304 21.30 1.68 14.83
C ASN B 304 21.86 2.63 13.78
N ALA B 305 22.85 3.45 14.16
CA ALA B 305 23.43 4.39 13.21
C ALA B 305 24.25 3.67 12.14
N VAL B 306 24.97 2.61 12.54
CA VAL B 306 25.72 1.82 11.57
C VAL B 306 24.77 1.17 10.57
N ILE B 307 23.68 0.59 11.06
CA ILE B 307 22.76 -0.12 10.18
C ILE B 307 22.01 0.86 9.29
N PHE B 308 21.62 2.02 9.83
CA PHE B 308 20.96 3.02 8.99
C PHE B 308 21.87 3.51 7.87
N ALA B 309 23.17 3.65 8.17
CA ALA B 309 24.10 4.16 7.17
C ALA B 309 24.22 3.21 5.98
N ASN B 310 24.44 1.92 6.26
CA ASN B 310 24.53 0.95 5.17
C ASN B 310 23.18 0.76 4.49
N THR B 311 22.11 0.62 5.28
CA THR B 311 20.82 0.19 4.76
C THR B 311 20.08 1.32 4.05
N VAL B 312 19.93 2.47 4.72
CA VAL B 312 19.10 3.53 4.18
C VAL B 312 19.89 4.50 3.33
N LEU B 313 21.10 4.87 3.75
CA LEU B 313 21.92 5.81 3.01
C LEU B 313 22.78 5.15 1.95
N GLY B 314 23.08 3.87 2.09
CA GLY B 314 24.00 3.24 1.17
C GLY B 314 25.45 3.59 1.38
N ALA B 315 25.78 4.30 2.47
CA ALA B 315 27.17 4.44 2.87
C ALA B 315 27.68 3.08 3.36
N ARG B 316 28.94 3.05 3.82
CA ARG B 316 29.57 1.78 4.17
C ARG B 316 30.34 1.91 5.46
N THR B 317 30.01 1.06 6.44
CA THR B 317 30.76 0.96 7.68
C THR B 317 30.43 -0.37 8.35
N ALA B 318 31.45 -1.00 8.92
CA ALA B 318 31.21 -2.14 9.79
C ALA B 318 30.60 -1.66 11.11
N LYS B 319 30.05 -2.62 11.87
CA LYS B 319 29.54 -2.30 13.20
C LYS B 319 30.72 -2.34 14.16
N HIS B 320 31.42 -1.22 14.27
CA HIS B 320 32.62 -1.15 15.09
C HIS B 320 32.24 -1.12 16.57
N PRO B 321 32.86 -1.94 17.40
CA PRO B 321 32.59 -1.88 18.84
C PRO B 321 33.05 -0.55 19.42
N ASP B 322 32.49 -0.23 20.59
CA ASP B 322 33.02 0.87 21.38
C ASP B 322 34.50 0.68 21.62
N PHE B 323 35.24 1.78 21.64
CA PHE B 323 36.70 1.87 21.78
C PHE B 323 37.40 1.73 20.43
N LEU B 324 36.99 0.74 19.64
CA LEU B 324 37.54 0.64 18.28
C LEU B 324 37.14 1.84 17.44
N ASP B 325 35.97 2.42 17.73
CA ASP B 325 35.55 3.62 17.02
C ASP B 325 36.53 4.78 17.25
N LEU B 326 37.04 4.92 18.47
CA LEU B 326 38.03 5.96 18.73
C LEU B 326 39.36 5.64 18.05
N CYS B 327 39.77 4.37 18.07
CA CYS B 327 41.01 3.99 17.38
C CYS B 327 40.93 4.32 15.89
N ILE B 328 39.80 4.00 15.26
CA ILE B 328 39.64 4.28 13.83
C ILE B 328 39.62 5.77 13.58
N ALA B 329 38.94 6.53 14.44
CA ALA B 329 38.89 7.98 14.28
C ALA B 329 40.27 8.61 14.47
N MET B 330 41.11 8.02 15.34
CA MET B 330 42.43 8.58 15.58
C MET B 330 43.37 8.33 14.40
N THR B 331 43.18 7.22 13.68
CA THR B 331 44.08 6.84 12.60
C THR B 331 43.54 7.13 11.22
N GLY B 332 42.22 7.26 11.07
CA GLY B 332 41.62 7.36 9.76
C GLY B 332 41.55 6.05 9.00
N ARG B 333 41.78 4.92 9.67
CA ARG B 333 41.81 3.61 9.03
C ARG B 333 40.93 2.63 9.78
N ALA B 334 40.37 1.68 9.03
CA ALA B 334 39.57 0.59 9.57
C ALA B 334 39.88 -0.68 8.78
N PRO B 335 39.71 -1.85 9.38
CA PRO B 335 39.96 -3.10 8.65
C PRO B 335 39.05 -3.21 7.43
N LEU B 336 39.66 -3.47 6.27
CA LEU B 336 38.87 -3.73 5.07
C LEU B 336 38.22 -5.09 5.19
N SER B 337 37.03 -5.13 5.79
CA SER B 337 36.33 -6.37 6.10
C SER B 337 34.84 -6.12 6.02
N GLY B 338 34.06 -7.20 6.08
CA GLY B 338 32.63 -7.09 6.19
C GLY B 338 32.03 -6.26 5.06
N VAL B 339 31.07 -5.40 5.41
CA VAL B 339 30.30 -4.67 4.41
C VAL B 339 31.05 -3.50 3.81
N TYR B 340 32.31 -3.28 4.19
CA TYR B 340 33.16 -2.40 3.40
C TYR B 340 33.37 -2.96 2.00
N LEU B 341 33.23 -4.28 1.85
CA LEU B 341 33.42 -4.96 0.58
C LEU B 341 32.07 -5.21 -0.08
N GLU B 342 31.99 -4.90 -1.38
CA GLU B 342 30.71 -4.95 -2.09
C GLU B 342 30.08 -6.34 -2.01
N GLU B 343 30.90 -7.38 -2.11
CA GLU B 343 30.36 -8.75 -2.13
C GLU B 343 29.70 -9.12 -0.81
N ASN B 344 30.24 -8.62 0.31
CA ASN B 344 29.64 -8.93 1.61
C ASN B 344 28.38 -8.13 1.89
N ARG B 345 28.02 -7.18 1.02
CA ARG B 345 26.75 -6.47 1.14
C ARG B 345 25.61 -7.19 0.43
N ARG B 346 25.90 -8.24 -0.32
CA ARG B 346 24.84 -8.97 -1.01
C ARG B 346 23.97 -9.70 0.00
N PRO B 347 22.66 -9.71 -0.18
CA PRO B 347 21.77 -10.41 0.76
C PRO B 347 22.18 -11.87 0.92
N GLN B 348 22.32 -12.30 2.17
CA GLN B 348 22.69 -13.68 2.49
C GLN B 348 21.50 -14.52 2.92
N ARG B 349 20.36 -13.90 3.18
CA ARG B 349 19.12 -14.61 3.46
C ARG B 349 17.97 -13.76 2.96
N ILE B 350 16.91 -14.41 2.50
CA ILE B 350 15.73 -13.72 2.00
C ILE B 350 14.60 -13.96 2.97
N VAL B 351 13.84 -12.91 3.24
CA VAL B 351 12.80 -12.92 4.25
C VAL B 351 11.53 -12.38 3.59
N ASP B 352 10.54 -13.23 3.43
CA ASP B 352 9.22 -12.82 2.95
C ASP B 352 8.40 -12.37 4.15
N VAL B 353 7.93 -11.13 4.12
CA VAL B 353 7.25 -10.50 5.24
C VAL B 353 5.79 -10.27 4.86
N ALA B 354 4.88 -10.77 5.69
CA ALA B 354 3.46 -10.55 5.46
C ALA B 354 3.13 -9.06 5.54
N LEU B 355 2.28 -8.60 4.63
CA LEU B 355 1.83 -7.21 4.57
C LEU B 355 0.33 -7.19 4.85
N PRO B 356 -0.06 -7.19 6.13
CA PRO B 356 -1.49 -7.08 6.45
C PRO B 356 -2.03 -5.70 6.12
N ALA B 357 -3.33 -5.65 5.84
CA ALA B 357 -3.96 -4.36 5.59
C ALA B 357 -3.99 -3.52 6.85
N GLY B 358 -3.95 -2.21 6.67
CA GLY B 358 -4.08 -1.29 7.78
C GLY B 358 -2.92 -1.24 8.75
N ILE B 359 -1.69 -1.35 8.25
CA ILE B 359 -0.54 -1.19 9.12
C ILE B 359 -0.45 0.25 9.61
N ASP B 360 0.20 0.44 10.76
CA ASP B 360 0.59 1.77 11.20
C ASP B 360 2.09 1.79 11.47
N ASP B 361 2.55 2.80 12.20
CA ASP B 361 3.99 3.00 12.36
C ASP B 361 4.64 1.88 13.17
N ALA B 362 3.89 1.22 14.05
CA ALA B 362 4.46 0.18 14.90
C ALA B 362 4.87 -1.06 14.13
N PHE B 363 4.33 -1.24 12.91
CA PHE B 363 4.66 -2.40 12.11
C PHE B 363 6.15 -2.48 11.81
N TRP B 364 6.79 -1.32 11.59
CA TRP B 364 8.17 -1.32 11.09
C TRP B 364 9.18 -1.68 12.17
N PRO B 365 9.14 -1.13 13.39
CA PRO B 365 10.05 -1.65 14.43
C PRO B 365 9.79 -3.11 14.76
N LEU B 366 8.53 -3.55 14.76
CA LEU B 366 8.27 -4.96 15.03
C LEU B 366 8.90 -5.85 13.96
N VAL B 367 8.75 -5.47 12.69
CA VAL B 367 9.34 -6.27 11.61
C VAL B 367 10.86 -6.28 11.73
N GLY B 368 11.44 -5.14 12.12
CA GLY B 368 12.89 -5.10 12.34
C GLY B 368 13.32 -6.03 13.46
N TYR B 369 12.59 -6.00 14.58
CA TYR B 369 12.87 -6.89 15.71
C TYR B 369 12.80 -8.34 15.29
N LEU B 370 11.74 -8.73 14.58
CA LEU B 370 11.57 -10.11 14.17
C LEU B 370 12.55 -10.51 13.08
N ALA B 371 12.90 -9.57 12.19
CA ALA B 371 13.89 -9.87 11.16
C ALA B 371 15.24 -10.21 11.78
N GLY B 372 15.60 -9.52 12.88
CA GLY B 372 16.86 -9.81 13.54
C GLY B 372 16.84 -11.15 14.27
N LYS B 373 15.69 -11.51 14.84
CA LYS B 373 15.56 -12.82 15.47
C LYS B 373 15.65 -13.93 14.43
N ALA B 374 15.03 -13.74 13.27
CA ALA B 374 15.09 -14.74 12.21
C ALA B 374 16.45 -14.76 11.54
N VAL B 375 17.13 -13.62 11.49
CA VAL B 375 18.42 -13.49 10.80
C VAL B 375 19.42 -12.84 11.76
N PRO B 376 19.97 -13.58 12.72
CA PRO B 376 20.83 -12.95 13.74
C PRO B 376 22.28 -12.77 13.35
N ASP B 377 22.75 -13.32 12.23
CA ASP B 377 24.19 -13.26 11.95
C ASP B 377 24.51 -13.10 10.47
N CYS B 378 23.60 -12.56 9.67
CA CYS B 378 23.90 -12.27 8.27
C CYS B 378 22.91 -11.24 7.76
N ILE B 379 23.09 -10.86 6.50
CA ILE B 379 22.39 -9.71 5.91
C ILE B 379 21.12 -10.22 5.23
N PRO B 380 19.94 -9.75 5.62
CA PRO B 380 18.71 -10.23 4.98
C PRO B 380 18.16 -9.28 3.92
N LEU B 381 17.37 -9.83 3.01
CA LEU B 381 16.58 -9.04 2.06
C LEU B 381 15.12 -9.22 2.40
N LEU B 382 14.45 -8.13 2.77
CA LEU B 382 13.07 -8.18 3.20
C LEU B 382 12.16 -7.93 2.00
N ARG B 383 11.27 -8.87 1.73
CA ARG B 383 10.42 -8.81 0.55
C ARG B 383 8.95 -8.72 0.94
N GLY B 384 8.19 -7.99 0.12
CA GLY B 384 6.76 -7.82 0.31
C GLY B 384 6.33 -6.51 0.91
N LEU B 385 7.27 -5.58 1.16
CA LEU B 385 6.97 -4.36 1.88
C LEU B 385 7.13 -3.09 1.04
N GLY B 386 7.70 -3.18 -0.16
CA GLY B 386 7.90 -1.98 -0.97
C GLY B 386 6.62 -1.20 -1.19
N ALA B 387 5.51 -1.90 -1.43
CA ALA B 387 4.25 -1.23 -1.73
C ALA B 387 3.77 -0.39 -0.55
N ALA B 388 4.16 -0.73 0.67
CA ALA B 388 3.74 0.01 1.86
C ALA B 388 4.45 1.36 2.01
N LYS B 389 5.53 1.59 1.27
CA LYS B 389 6.20 2.89 1.20
C LYS B 389 6.66 3.38 2.57
N PRO B 390 7.59 2.70 3.21
CA PRO B 390 8.03 3.14 4.55
C PRO B 390 8.75 4.47 4.49
N SER B 391 8.44 5.33 5.46
CA SER B 391 9.09 6.61 5.56
C SER B 391 10.53 6.41 6.01
N ARG B 392 11.31 7.48 5.92
CA ARG B 392 12.65 7.45 6.51
C ARG B 392 12.57 7.16 8.00
N ASP B 393 11.59 7.74 8.68
CA ASP B 393 11.39 7.45 10.10
C ASP B 393 11.03 6.00 10.34
N ASP B 394 10.22 5.41 9.45
CA ASP B 394 9.90 3.99 9.56
C ASP B 394 11.16 3.14 9.42
N LEU B 395 11.98 3.42 8.41
CA LEU B 395 13.23 2.68 8.23
C LEU B 395 14.17 2.89 9.41
N LYS B 396 14.15 4.09 10.00
CA LYS B 396 14.93 4.35 11.19
C LYS B 396 14.52 3.42 12.33
N ALA B 397 13.21 3.34 12.61
CA ALA B 397 12.74 2.48 13.69
C ALA B 397 13.02 1.02 13.41
N LEU B 398 12.86 0.60 12.14
CA LEU B 398 13.13 -0.78 11.78
C LEU B 398 14.60 -1.14 12.00
N CYS B 399 15.51 -0.28 11.54
CA CYS B 399 16.93 -0.59 11.65
C CYS B 399 17.36 -0.68 13.11
N ALA B 400 16.80 0.18 13.96
CA ALA B 400 17.17 0.16 15.38
C ALA B 400 16.73 -1.14 16.04
N ALA B 401 15.54 -1.62 15.71
CA ALA B 401 15.06 -2.88 16.26
C ALA B 401 15.86 -4.05 15.71
N PHE B 402 16.20 -4.00 14.42
CA PHE B 402 17.05 -5.03 13.84
C PHE B 402 18.40 -5.07 14.52
N GLY B 403 18.95 -3.90 14.87
CA GLY B 403 20.17 -3.83 15.63
C GLY B 403 20.05 -4.22 17.09
N THR B 404 18.88 -4.67 17.51
CA THR B 404 18.72 -5.20 18.86
C THR B 404 18.86 -6.72 18.89
N THR B 405 18.28 -7.41 17.93
CA THR B 405 18.25 -8.87 17.94
C THR B 405 19.25 -9.52 16.99
N SER B 406 19.89 -8.75 16.13
CA SER B 406 20.87 -9.28 15.20
C SER B 406 22.23 -8.63 15.43
N ALA B 407 23.27 -9.30 14.95
CA ALA B 407 24.60 -8.72 14.91
C ALA B 407 24.91 -8.04 13.57
N SER B 408 24.06 -8.26 12.56
CA SER B 408 24.37 -7.80 11.22
C SER B 408 24.46 -6.28 11.16
N PRO B 409 25.37 -5.72 10.38
CA PRO B 409 25.48 -4.27 10.23
C PRO B 409 24.56 -3.67 9.17
N MET B 410 23.76 -4.47 8.47
CA MET B 410 22.92 -3.91 7.41
C MET B 410 21.86 -4.92 7.00
N LEU B 411 20.85 -4.43 6.28
CA LEU B 411 19.79 -5.24 5.72
C LEU B 411 19.27 -4.53 4.47
N HIS B 412 18.45 -5.24 3.70
CA HIS B 412 17.83 -4.71 2.50
C HIS B 412 16.31 -4.85 2.60
N ILE B 413 15.60 -3.95 1.94
CA ILE B 413 14.15 -4.00 1.87
C ILE B 413 13.74 -3.73 0.42
N GLU B 414 13.17 -4.74 -0.23
CA GLU B 414 12.83 -4.66 -1.65
C GLU B 414 11.90 -3.49 -1.93
N GLY B 415 12.32 -2.61 -2.83
CA GLY B 415 11.52 -1.48 -3.21
C GLY B 415 11.60 -0.29 -2.30
N ALA B 416 12.57 -0.26 -1.37
CA ALA B 416 12.68 0.86 -0.44
C ALA B 416 14.11 1.34 -0.29
N THR B 417 15.10 0.38 -0.06
CA THR B 417 16.46 0.78 0.21
C THR B 417 17.31 0.74 -1.06
N PRO B 418 18.33 1.60 -1.14
CA PRO B 418 18.98 1.83 -2.45
C PRO B 418 19.76 0.64 -3.01
N GLU B 419 20.24 -0.27 -2.18
CA GLU B 419 21.00 -1.42 -2.67
C GLU B 419 20.18 -2.71 -2.70
N ALA B 420 18.86 -2.61 -2.51
CA ALA B 420 18.03 -3.81 -2.41
C ALA B 420 17.97 -4.61 -3.71
N GLY B 421 18.50 -4.06 -4.81
CA GLY B 421 18.58 -4.79 -6.06
C GLY B 421 19.83 -5.62 -6.23
N LEU B 422 20.79 -5.51 -5.32
CA LEU B 422 21.99 -6.33 -5.38
C LEU B 422 21.61 -7.81 -5.43
N ALA B 423 22.31 -8.55 -6.27
CA ALA B 423 21.98 -9.96 -6.46
C ALA B 423 22.28 -10.74 -5.18
N PRO B 424 21.33 -11.50 -4.66
CA PRO B 424 21.61 -12.31 -3.46
C PRO B 424 22.71 -13.34 -3.73
N LEU B 425 23.34 -13.78 -2.65
CA LEU B 425 24.22 -14.93 -2.73
C LEU B 425 23.48 -16.10 -3.35
N GLU B 426 24.19 -16.90 -4.15
CA GLU B 426 23.55 -18.01 -4.83
C GLU B 426 22.94 -19.01 -3.84
N THR B 427 23.54 -19.15 -2.66
CA THR B 427 23.14 -20.14 -1.67
C THR B 427 22.13 -19.59 -0.66
N ALA B 428 21.66 -18.37 -0.87
CA ALA B 428 20.81 -17.72 0.12
C ALA B 428 19.52 -18.50 0.31
N GLU B 429 19.12 -18.69 1.58
CA GLU B 429 17.91 -19.40 1.94
C GLU B 429 16.77 -18.41 2.21
N THR B 430 15.55 -18.91 2.11
CA THR B 430 14.37 -18.08 2.30
C THR B 430 13.64 -18.51 3.57
N VAL B 431 13.31 -17.54 4.41
CA VAL B 431 12.47 -17.73 5.58
C VAL B 431 11.36 -16.71 5.52
N THR B 432 10.42 -16.81 6.46
CA THR B 432 9.27 -15.94 6.45
C THR B 432 9.08 -15.28 7.81
N ILE B 433 8.34 -14.19 7.81
CA ILE B 433 7.80 -13.59 9.03
C ILE B 433 6.29 -13.57 8.86
N SER B 434 5.61 -14.47 9.57
CA SER B 434 4.18 -14.63 9.44
C SER B 434 3.45 -13.63 10.32
N LEU B 435 2.14 -13.54 10.11
CA LEU B 435 1.32 -12.76 11.03
C LEU B 435 1.28 -13.41 12.41
N GLU B 436 1.42 -14.74 12.47
CA GLU B 436 1.55 -15.40 13.76
C GLU B 436 2.86 -15.03 14.44
N ASP B 437 3.94 -14.93 13.67
CA ASP B 437 5.19 -14.43 14.22
C ASP B 437 5.02 -13.02 14.77
N MET B 438 4.29 -12.16 14.05
CA MET B 438 4.12 -10.79 14.48
C MET B 438 3.28 -10.70 15.74
N ALA B 439 2.20 -11.50 15.82
CA ALA B 439 1.37 -11.49 17.02
C ALA B 439 2.16 -11.96 18.23
N ALA B 440 3.06 -12.93 18.05
CA ALA B 440 3.88 -13.40 19.16
C ALA B 440 4.89 -12.35 19.58
N GLY B 441 5.55 -11.72 18.60
CA GLY B 441 6.48 -10.65 18.94
C GLY B 441 5.80 -9.47 19.60
N TRP B 442 4.58 -9.17 19.19
CA TRP B 442 3.82 -8.09 19.82
C TRP B 442 3.55 -8.39 21.29
N SER B 443 3.07 -9.61 21.57
CA SER B 443 2.82 -9.98 22.97
C SER B 443 4.11 -9.99 23.77
N LEU B 444 5.20 -10.45 23.16
CA LEU B 444 6.48 -10.53 23.87
C LEU B 444 6.94 -9.16 24.36
N LEU B 445 6.76 -8.13 23.53
CA LEU B 445 7.19 -6.78 23.86
C LEU B 445 6.13 -6.02 24.66
N ASN B 446 5.09 -6.69 25.15
CA ASN B 446 4.00 -6.05 25.86
C ASN B 446 3.71 -6.77 27.16
N GLU B 447 4.75 -7.21 27.86
CA GLU B 447 4.58 -7.93 29.13
C GLU B 447 4.58 -6.91 30.27
N GLY B 448 3.45 -6.23 30.41
CA GLY B 448 3.25 -5.24 31.46
C GLY B 448 1.78 -4.98 31.70
N PRO B 449 1.47 -4.14 32.69
CA PRO B 449 0.06 -3.82 32.99
C PRO B 449 -0.45 -2.73 32.05
N GLU B 450 -1.73 -2.38 32.24
CA GLU B 450 -2.34 -1.35 31.40
C GLU B 450 -2.11 0.05 31.95
N GLU B 451 -2.05 0.20 33.27
CA GLU B 451 -1.71 1.47 33.88
C GLU B 451 -0.24 1.78 33.66
N VAL B 452 0.05 2.92 33.05
CA VAL B 452 1.41 3.38 32.83
C VAL B 452 1.55 4.80 33.37
N GLN B 453 2.76 5.14 33.82
CA GLN B 453 3.06 6.46 34.35
C GLN B 453 4.07 7.21 33.50
N LEU B 454 4.48 6.65 32.36
CA LEU B 454 5.52 7.25 31.54
C LEU B 454 5.36 6.79 30.10
N VAL B 455 5.51 7.73 29.17
CA VAL B 455 5.53 7.46 27.75
C VAL B 455 6.91 7.86 27.23
N ALA B 456 7.59 6.91 26.57
CA ALA B 456 9.00 7.07 26.20
C ALA B 456 9.15 7.02 24.69
N ILE B 457 9.56 8.13 24.09
CA ILE B 457 9.71 8.24 22.64
C ILE B 457 11.10 8.76 22.33
N GLY B 458 11.71 8.25 21.27
CA GLY B 458 12.95 8.83 20.78
C GLY B 458 14.20 7.97 20.97
N SER B 459 14.07 6.66 20.83
CA SER B 459 15.21 5.75 20.79
C SER B 459 15.13 4.95 19.49
N PRO B 460 15.95 5.26 18.47
CA PRO B 460 16.97 6.32 18.44
C PRO B 460 16.38 7.72 18.44
N HIS B 461 17.22 8.71 18.74
CA HIS B 461 16.83 10.11 18.88
C HIS B 461 15.83 10.52 17.81
N ALA B 462 14.76 11.20 18.24
CA ALA B 462 13.64 11.51 17.37
C ALA B 462 14.06 12.45 16.24
N SER B 463 13.55 12.17 15.04
CA SER B 463 13.68 13.10 13.92
C SER B 463 12.84 14.34 14.18
N LEU B 464 13.07 15.36 13.36
CA LEU B 464 12.17 16.52 13.39
C LEU B 464 10.77 16.13 12.97
N GLU B 465 10.66 15.32 11.91
CA GLU B 465 9.35 14.85 11.47
C GLU B 465 8.66 14.03 12.55
N GLU B 466 9.44 13.25 13.31
CA GLU B 466 8.85 12.44 14.37
C GLU B 466 8.25 13.32 15.47
N CYS B 467 8.90 14.44 15.79
CA CYS B 467 8.34 15.37 16.76
C CYS B 467 7.07 16.02 16.22
N ARG B 468 7.07 16.39 14.94
CA ARG B 468 5.89 16.98 14.32
C ARG B 468 4.73 15.98 14.33
N ALA B 469 5.00 14.72 14.01
CA ALA B 469 3.97 13.70 14.04
C ALA B 469 3.39 13.56 15.44
N LEU B 470 4.24 13.59 16.46
CA LEU B 470 3.76 13.49 17.83
C LEU B 470 2.81 14.63 18.18
N ALA B 471 3.17 15.85 17.79
CA ALA B 471 2.30 17.00 18.05
C ALA B 471 0.98 16.89 17.30
N ALA B 472 1.01 16.31 16.09
CA ALA B 472 -0.21 16.13 15.33
C ALA B 472 -1.18 15.21 16.06
N VAL B 473 -0.69 14.07 16.56
CA VAL B 473 -1.55 13.12 17.26
C VAL B 473 -2.14 13.75 18.51
N PHE B 474 -1.31 14.50 19.26
CA PHE B 474 -1.81 15.17 20.45
C PHE B 474 -2.92 16.15 20.12
N ASN B 475 -2.82 16.82 18.96
CA ASN B 475 -3.84 17.75 18.49
C ASN B 475 -4.24 18.75 19.58
N GLY B 476 -3.25 19.23 20.32
CA GLY B 476 -3.48 20.20 21.36
C GLY B 476 -4.02 19.65 22.67
N ARG B 477 -4.26 18.36 22.77
CA ARG B 477 -4.65 17.77 24.05
C ARG B 477 -3.50 17.83 25.04
N LYS B 478 -3.83 17.91 26.31
CA LYS B 478 -2.84 17.95 27.38
C LYS B 478 -2.71 16.58 28.02
N ARG B 479 -1.48 16.21 28.36
CA ARG B 479 -1.24 14.90 28.96
C ARG B 479 -1.93 14.80 30.31
N HIS B 480 -2.31 13.57 30.67
CA HIS B 480 -2.80 13.29 32.01
C HIS B 480 -1.74 13.68 33.04
N ALA B 481 -2.19 14.30 34.13
CA ALA B 481 -1.25 14.72 35.16
C ALA B 481 -0.45 13.55 35.73
N ASP B 482 -1.05 12.35 35.72
CA ASP B 482 -0.38 11.17 36.26
C ASP B 482 0.75 10.66 35.37
N VAL B 483 0.77 11.04 34.09
CA VAL B 483 1.61 10.38 33.09
C VAL B 483 2.62 11.37 32.56
N ALA B 484 3.91 11.05 32.73
CA ALA B 484 4.97 11.83 32.12
C ALA B 484 5.16 11.39 30.67
N VAL B 485 5.46 12.37 29.81
CA VAL B 485 5.71 12.12 28.38
C VAL B 485 7.04 12.78 28.04
N ILE B 486 8.02 11.95 27.65
CA ILE B 486 9.39 12.42 27.43
C ILE B 486 9.85 11.96 26.06
N VAL B 487 10.39 12.90 25.27
CA VAL B 487 11.01 12.61 23.99
C VAL B 487 12.50 12.92 24.11
N THR B 488 13.34 12.01 23.65
CA THR B 488 14.78 12.23 23.60
C THR B 488 15.19 12.48 22.15
N ALA B 489 15.99 13.52 21.93
CA ALA B 489 16.38 13.91 20.59
C ALA B 489 17.73 14.60 20.63
N GLY B 490 18.33 14.77 19.45
CA GLY B 490 19.57 15.50 19.35
C GLY B 490 19.35 17.00 19.43
N GLN B 491 20.42 17.70 19.82
CA GLN B 491 20.34 19.15 20.03
C GLN B 491 19.91 19.86 18.76
N GLN B 492 20.41 19.43 17.60
CA GLN B 492 20.10 20.12 16.36
C GLN B 492 18.63 19.95 15.97
N VAL B 493 18.03 18.80 16.29
CA VAL B 493 16.60 18.61 16.03
C VAL B 493 15.79 19.47 16.99
N ILE B 494 16.23 19.57 18.23
CA ILE B 494 15.51 20.38 19.21
C ILE B 494 15.57 21.86 18.84
N ASP B 495 16.73 22.31 18.35
CA ASP B 495 16.84 23.70 17.88
C ASP B 495 15.90 23.95 16.71
N ALA B 496 15.82 23.01 15.77
CA ALA B 496 14.93 23.17 14.63
C ALA B 496 13.47 23.14 15.07
N ALA B 497 13.13 22.28 16.04
CA ALA B 497 11.75 22.21 16.50
C ALA B 497 11.34 23.46 17.26
N GLY B 498 12.29 24.10 17.95
CA GLY B 498 11.99 25.38 18.58
C GLY B 498 11.69 26.46 17.56
N LYS B 499 12.35 26.41 16.40
CA LYS B 499 12.18 27.46 15.41
C LYS B 499 10.83 27.37 14.70
N ASP B 500 10.34 26.14 14.44
CA ASP B 500 9.13 25.97 13.66
C ASP B 500 7.88 25.78 14.50
N GLY B 501 7.97 25.98 15.81
CA GLY B 501 6.81 25.89 16.68
C GLY B 501 6.47 24.49 17.17
N THR B 502 7.13 23.45 16.65
CA THR B 502 6.86 22.10 17.12
C THR B 502 7.21 21.94 18.59
N LEU B 503 8.33 22.53 19.03
CA LEU B 503 8.77 22.36 20.41
C LEU B 503 7.76 22.98 21.37
N GLN B 504 7.34 24.21 21.11
CA GLN B 504 6.37 24.86 21.99
C GLN B 504 5.03 24.13 21.96
N SER B 505 4.64 23.59 20.80
CA SER B 505 3.41 22.81 20.72
C SER B 505 3.49 21.56 21.59
N LEU B 506 4.64 20.88 21.56
CA LEU B 506 4.81 19.72 22.44
C LEU B 506 4.80 20.12 23.90
N LYS B 507 5.44 21.26 24.23
CA LYS B 507 5.41 21.74 25.60
C LYS B 507 4.00 22.08 26.05
N ASP B 508 3.14 22.53 25.14
CA ASP B 508 1.78 22.88 25.49
C ASP B 508 0.96 21.67 25.91
N SER B 509 1.37 20.47 25.50
CA SER B 509 0.71 19.24 25.90
C SER B 509 1.32 18.62 27.15
N GLY B 510 2.36 19.22 27.70
CA GLY B 510 3.08 18.65 28.82
C GLY B 510 4.23 17.74 28.43
N VAL B 511 4.58 17.69 27.15
CA VAL B 511 5.65 16.81 26.68
C VAL B 511 7.00 17.47 26.96
N GLN B 512 7.94 16.68 27.45
CA GLN B 512 9.27 17.13 27.79
C GLN B 512 10.24 16.59 26.74
N VAL B 513 11.04 17.48 26.15
CA VAL B 513 11.97 17.12 25.10
C VAL B 513 13.39 17.30 25.62
N LEU B 514 14.14 16.20 25.71
CA LEU B 514 15.46 16.20 26.30
C LEU B 514 16.54 16.02 25.25
N PRO B 515 17.63 16.77 25.33
CA PRO B 515 18.78 16.55 24.46
C PRO B 515 19.78 15.59 25.09
N ASP B 516 20.72 15.13 24.26
CA ASP B 516 21.91 14.39 24.67
C ASP B 516 21.58 13.01 25.20
N LEU B 517 20.67 12.92 26.16
CA LEU B 517 20.24 11.65 26.70
C LEU B 517 19.45 10.86 25.68
N CYS B 518 19.46 9.54 25.86
CA CYS B 518 18.54 8.65 25.17
C CYS B 518 17.97 7.68 26.19
N TRP B 519 16.95 6.93 25.78
CA TRP B 519 16.35 5.96 26.69
C TRP B 519 17.35 4.87 27.08
N CYS B 520 18.40 4.67 26.28
CA CYS B 520 19.44 3.72 26.63
C CYS B 520 20.31 4.24 27.77
N SER B 521 20.43 5.56 27.90
CA SER B 521 21.34 6.18 28.85
C SER B 521 20.64 6.93 29.97
N ILE B 522 19.33 7.13 29.89
CA ILE B 522 18.63 7.92 30.89
C ILE B 522 18.71 7.23 32.26
N SER B 523 18.53 8.03 33.31
CA SER B 523 18.57 7.53 34.67
C SER B 523 17.73 8.44 35.57
N GLU B 524 17.43 7.96 36.76
CA GLU B 524 16.71 8.76 37.75
C GLU B 524 17.59 9.92 38.22
N PRO B 525 16.99 11.06 38.58
CA PRO B 525 15.55 11.32 38.64
C PRO B 525 14.94 11.80 37.32
N VAL B 526 15.74 11.98 36.26
CA VAL B 526 15.18 12.43 34.99
C VAL B 526 14.24 11.37 34.42
N PHE B 527 14.62 10.11 34.52
CA PHE B 527 13.65 9.02 34.43
C PHE B 527 12.81 9.08 35.69
N PRO B 528 11.52 9.40 35.62
CA PRO B 528 10.75 9.65 36.85
C PRO B 528 10.74 8.45 37.79
N THR B 529 11.13 8.71 39.05
CA THR B 529 11.28 7.62 40.01
C THR B 529 9.96 6.95 40.33
N LYS B 530 8.84 7.67 40.25
CA LYS B 530 7.53 7.09 40.54
C LYS B 530 7.09 6.07 39.50
N THR B 531 7.78 5.99 38.37
CA THR B 531 7.35 5.11 37.29
C THR B 531 7.36 3.66 37.72
N ARG B 532 6.24 2.97 37.49
CA ARG B 532 6.15 1.53 37.66
C ARG B 532 6.06 0.80 36.33
N ALA B 533 5.35 1.36 35.37
CA ALA B 533 5.25 0.81 34.03
C ALA B 533 5.33 1.95 33.02
N LEU B 534 5.91 1.66 31.87
CA LEU B 534 6.09 2.66 30.83
C LEU B 534 5.60 2.12 29.49
N MET B 535 5.34 3.05 28.57
CA MET B 535 4.88 2.73 27.23
C MET B 535 5.80 3.42 26.24
N THR B 536 6.26 2.67 25.23
CA THR B 536 7.19 3.20 24.26
C THR B 536 6.81 2.73 22.86
N ASN B 537 7.19 3.50 21.86
CA ASN B 537 7.04 3.11 20.46
C ASN B 537 8.34 2.60 19.85
N SER B 538 9.40 2.50 20.66
CA SER B 538 10.68 1.98 20.20
C SER B 538 10.73 0.46 20.40
N GLY B 539 10.99 -0.27 19.32
CA GLY B 539 11.23 -1.69 19.47
C GLY B 539 12.51 -1.97 20.24
N LYS B 540 13.54 -1.17 19.98
CA LYS B 540 14.81 -1.31 20.70
C LYS B 540 14.61 -1.13 22.20
N TYR B 541 13.95 -0.03 22.60
CA TYR B 541 13.80 0.22 24.02
C TYR B 541 12.74 -0.69 24.66
N ALA B 542 11.78 -1.19 23.88
CA ALA B 542 10.87 -2.19 24.43
C ALA B 542 11.63 -3.44 24.85
N HIS B 543 12.65 -3.80 24.07
CA HIS B 543 13.47 -4.96 24.42
C HIS B 543 14.38 -4.67 25.61
N TYR B 544 15.14 -3.57 25.54
CA TYR B 544 16.15 -3.28 26.56
C TYR B 544 15.54 -2.68 27.82
N GLY B 545 14.45 -1.92 27.68
CA GLY B 545 13.84 -1.16 28.75
C GLY B 545 13.56 -1.89 30.04
N PRO B 546 13.00 -3.10 30.01
CA PRO B 546 12.77 -3.82 31.27
C PRO B 546 14.04 -4.03 32.10
N GLY B 547 15.08 -4.60 31.49
CA GLY B 547 16.33 -4.81 32.22
C GLY B 547 17.04 -3.51 32.56
N LEU B 548 16.93 -2.50 31.69
CA LEU B 548 17.62 -1.24 31.94
C LEU B 548 16.99 -0.48 33.11
N SER B 549 15.66 -0.44 33.18
CA SER B 549 14.98 0.42 34.12
C SER B 549 14.38 -0.30 35.31
N GLY B 550 14.14 -1.60 35.21
CA GLY B 550 13.43 -2.32 36.25
C GLY B 550 11.93 -2.12 36.23
N ARG B 551 11.40 -1.43 35.23
CA ARG B 551 9.97 -1.20 35.10
C ARG B 551 9.38 -2.15 34.07
N ALA B 552 8.09 -2.43 34.23
CA ALA B 552 7.36 -3.15 33.20
C ALA B 552 7.18 -2.24 31.98
N VAL B 553 7.24 -2.83 30.79
CA VAL B 553 7.31 -2.06 29.56
C VAL B 553 6.23 -2.53 28.60
N ARG B 554 5.56 -1.56 27.98
CA ARG B 554 4.58 -1.80 26.94
C ARG B 554 5.07 -1.19 25.63
N PHE B 555 4.60 -1.74 24.51
CA PHE B 555 5.05 -1.35 23.18
C PHE B 555 3.85 -1.08 22.30
N GLY B 556 3.86 0.05 21.59
CA GLY B 556 2.73 0.38 20.75
C GLY B 556 3.08 1.37 19.67
N SER B 557 2.05 1.77 18.92
CA SER B 557 2.18 2.79 17.90
C SER B 557 2.40 4.17 18.53
N LEU B 558 2.67 5.15 17.67
CA LEU B 558 2.77 6.53 18.13
C LEU B 558 1.46 7.00 18.77
N ALA B 559 0.33 6.64 18.17
CA ALA B 559 -0.94 7.05 18.74
C ALA B 559 -1.30 6.24 19.97
N ASP B 560 -0.85 4.98 20.03
CA ASP B 560 -1.01 4.18 21.24
C ASP B 560 -0.36 4.87 22.43
N CYS B 561 0.82 5.47 22.23
CA CYS B 561 1.51 6.15 23.31
C CYS B 561 0.78 7.43 23.72
N VAL B 562 0.28 8.20 22.74
CA VAL B 562 -0.40 9.44 23.07
C VAL B 562 -1.70 9.16 23.82
N GLU B 563 -2.43 8.12 23.41
CA GLU B 563 -3.63 7.75 24.15
C GLU B 563 -3.28 7.34 25.57
N SER B 564 -2.14 6.67 25.77
CA SER B 564 -1.68 6.39 27.12
C SER B 564 -1.35 7.67 27.86
N ALA B 565 -0.80 8.64 27.15
CA ALA B 565 -0.47 9.92 27.78
C ALA B 565 -1.72 10.68 28.20
N LEU B 566 -2.80 10.57 27.42
CA LEU B 566 -4.02 11.31 27.71
C LEU B 566 -4.85 10.65 28.80
N THR B 567 -4.84 9.32 28.86
CA THR B 567 -5.71 8.58 29.77
C THR B 567 -4.99 7.91 30.93
N GLY B 568 -3.67 7.73 30.84
CA GLY B 568 -2.95 6.98 31.84
C GLY B 568 -2.99 5.48 31.65
N ARG B 569 -3.56 5.01 30.54
CA ARG B 569 -3.83 3.60 30.34
C ARG B 569 -3.46 3.20 28.93
N ALA B 570 -2.68 2.13 28.81
CA ALA B 570 -2.37 1.51 27.53
C ALA B 570 -3.23 0.26 27.40
N VAL B 571 -4.27 0.33 26.55
CA VAL B 571 -5.14 -0.82 26.34
C VAL B 571 -4.32 -2.00 25.84
N SER B 572 -4.54 -3.16 26.45
CA SER B 572 -3.78 -4.37 26.10
C SER B 572 -4.56 -5.13 25.03
N ARG B 573 -4.02 -5.17 23.82
CA ARG B 573 -4.65 -5.84 22.69
C ARG B 573 -3.62 -5.96 21.57
N LEU B 574 -3.96 -6.79 20.57
CA LEU B 574 -3.21 -6.82 19.33
C LEU B 574 -3.64 -5.66 18.43
N PRO B 575 -2.73 -5.09 17.63
CA PRO B 575 -3.09 -3.93 16.81
C PRO B 575 -4.09 -4.28 15.72
N VAL B 576 -4.55 -3.27 14.97
CA VAL B 576 -5.59 -3.52 13.98
C VAL B 576 -5.05 -4.37 12.83
N TRP B 577 -3.79 -4.16 12.44
CA TRP B 577 -3.24 -5.00 11.38
C TRP B 577 -2.91 -6.42 11.85
N LEU B 578 -3.21 -6.78 13.10
CA LEU B 578 -3.07 -8.15 13.57
C LEU B 578 -4.40 -8.75 14.02
N SER B 579 -5.48 -8.00 14.01
CA SER B 579 -6.78 -8.53 14.40
C SER B 579 -7.57 -9.00 13.18
N PRO C 21 0.28 55.49 -30.88
CA PRO C 21 0.15 54.80 -29.59
C PRO C 21 -0.96 53.75 -29.60
N GLU C 22 -0.60 52.48 -29.38
CA GLU C 22 -1.56 51.38 -29.36
C GLU C 22 -1.34 50.53 -28.12
N ALA C 23 -2.46 50.12 -27.51
CA ALA C 23 -2.46 49.20 -26.38
C ALA C 23 -3.55 48.18 -26.62
N ARG C 24 -3.19 46.90 -26.62
CA ARG C 24 -4.16 45.83 -26.77
C ARG C 24 -4.38 45.12 -25.45
N SER C 25 -5.64 44.81 -25.16
CA SER C 25 -5.98 43.94 -24.05
C SER C 25 -5.71 42.50 -24.47
N ILE C 26 -4.75 41.85 -23.82
CA ILE C 26 -4.55 40.41 -24.00
C ILE C 26 -5.48 39.62 -23.08
N LEU C 27 -5.52 39.99 -21.81
CA LEU C 27 -6.43 39.39 -20.84
C LEU C 27 -7.02 40.50 -20.00
N ALA C 28 -8.35 40.51 -19.88
CA ALA C 28 -9.03 41.65 -19.28
C ALA C 28 -8.86 41.66 -17.77
N GLY C 29 -8.93 42.84 -17.19
CA GLY C 29 -8.83 42.98 -15.75
C GLY C 29 -8.41 44.38 -15.37
N ALA C 30 -8.46 44.62 -14.07
CA ALA C 30 -8.10 45.92 -13.48
C ALA C 30 -7.02 45.72 -12.43
N ALA C 31 -6.08 46.67 -12.37
CA ALA C 31 -4.97 46.56 -11.44
C ALA C 31 -4.32 47.92 -11.24
N GLU C 32 -3.57 48.03 -10.15
CA GLU C 32 -2.79 49.23 -9.82
C GLU C 32 -1.51 48.78 -9.14
N GLY C 33 -0.48 49.62 -9.20
CA GLY C 33 0.73 49.34 -8.46
C GLY C 33 1.95 50.01 -9.07
N LYS C 34 3.07 49.84 -8.37
CA LYS C 34 4.34 50.37 -8.82
C LYS C 34 4.71 49.81 -10.18
N VAL C 35 5.37 50.64 -11.00
CA VAL C 35 5.90 50.18 -12.27
C VAL C 35 7.23 49.48 -12.00
N ILE C 36 7.33 48.22 -12.42
CA ILE C 36 8.58 47.47 -12.40
C ILE C 36 8.92 47.18 -13.85
N ALA C 37 9.97 47.82 -14.35
CA ALA C 37 10.27 47.83 -15.78
C ALA C 37 11.65 47.27 -16.05
N THR C 38 11.76 46.54 -17.16
CA THR C 38 13.04 46.00 -17.60
C THR C 38 13.02 45.87 -19.11
N THR C 39 14.19 45.97 -19.73
CA THR C 39 14.35 45.72 -21.16
C THR C 39 14.74 44.29 -21.45
N GLU C 40 14.93 43.45 -20.43
CA GLU C 40 15.40 42.08 -20.60
C GLU C 40 14.31 41.13 -20.13
N ALA C 41 13.99 40.15 -20.98
CA ALA C 41 12.99 39.14 -20.67
C ALA C 41 13.42 38.32 -19.44
N LEU C 42 12.41 37.74 -18.79
CA LEU C 42 12.60 36.97 -17.56
C LEU C 42 11.78 35.68 -17.66
N SER C 43 12.35 34.58 -17.17
CA SER C 43 11.65 33.31 -17.04
C SER C 43 11.11 33.21 -15.62
N PHE C 44 9.79 33.11 -15.48
CA PHE C 44 9.22 33.09 -14.12
C PHE C 44 9.61 31.81 -13.39
N TRP C 45 9.67 30.68 -14.07
CA TRP C 45 10.30 29.52 -13.44
C TRP C 45 11.80 29.73 -13.44
N GLY C 46 12.43 29.48 -12.29
CA GLY C 46 13.87 29.65 -12.17
C GLY C 46 14.28 31.10 -11.98
N GLY C 47 13.40 32.02 -12.37
CA GLY C 47 13.70 33.43 -12.25
C GLY C 47 12.90 34.13 -11.18
N VAL C 48 11.79 33.53 -10.77
CA VAL C 48 10.94 34.06 -9.70
C VAL C 48 10.66 32.95 -8.70
N ASP C 49 10.80 33.28 -7.42
CA ASP C 49 10.51 32.34 -6.33
C ASP C 49 9.02 32.38 -6.01
N PRO C 50 8.27 31.30 -6.19
CA PRO C 50 6.84 31.33 -5.85
C PRO C 50 6.57 31.54 -4.37
N ALA C 51 7.52 31.21 -3.49
CA ALA C 51 7.32 31.40 -2.06
C ALA C 51 7.31 32.88 -1.68
N THR C 52 8.03 33.72 -2.43
CA THR C 52 8.21 35.11 -2.05
C THR C 52 7.86 36.12 -3.14
N GLY C 53 7.69 35.69 -4.40
CA GLY C 53 7.49 36.63 -5.49
C GLY C 53 8.71 37.44 -5.87
N LYS C 54 9.88 37.11 -5.35
CA LYS C 54 11.11 37.84 -5.63
C LYS C 54 11.82 37.27 -6.85
N VAL C 55 12.46 38.16 -7.62
CA VAL C 55 13.28 37.75 -8.75
C VAL C 55 14.54 37.07 -8.22
N ILE C 56 14.79 35.84 -8.67
CA ILE C 56 15.92 35.07 -8.18
C ILE C 56 16.95 34.76 -9.27
N ASP C 57 16.67 35.10 -10.53
CA ASP C 57 17.66 35.02 -11.60
C ASP C 57 18.80 35.98 -11.30
N VAL C 58 19.97 35.44 -10.92
CA VAL C 58 21.08 36.29 -10.49
C VAL C 58 21.69 37.10 -11.61
N HIS C 59 21.38 36.78 -12.86
CA HIS C 59 21.89 37.54 -14.00
C HIS C 59 20.85 38.49 -14.59
N HIS C 60 19.69 38.63 -13.95
CA HIS C 60 18.67 39.51 -14.49
C HIS C 60 18.68 40.88 -13.80
N PRO C 61 18.44 41.96 -14.55
CA PRO C 61 18.48 43.30 -13.94
C PRO C 61 17.54 43.49 -12.76
N LEU C 62 16.43 42.74 -12.71
CA LEU C 62 15.48 42.88 -11.63
C LEU C 62 15.77 41.99 -10.43
N HIS C 63 16.96 41.38 -10.38
CA HIS C 63 17.25 40.44 -9.29
C HIS C 63 17.08 41.12 -7.94
N GLY C 64 16.45 40.39 -7.02
CA GLY C 64 16.21 40.89 -5.68
C GLY C 64 14.92 41.66 -5.49
N ILE C 65 14.31 42.13 -6.58
CA ILE C 65 13.06 42.89 -6.50
C ILE C 65 11.91 41.95 -6.23
N CYS C 66 11.05 42.32 -5.29
CA CYS C 66 9.81 41.61 -5.09
C CYS C 66 8.77 42.17 -6.06
N LEU C 67 8.19 41.30 -6.90
CA LEU C 67 7.25 41.73 -7.92
C LEU C 67 5.83 41.88 -7.41
N THR C 68 5.55 41.43 -6.18
CA THR C 68 4.17 41.35 -5.70
C THR C 68 3.49 42.72 -5.72
N GLY C 69 2.29 42.75 -6.31
CA GLY C 69 1.53 43.98 -6.39
C GLY C 69 2.07 45.00 -7.36
N GLY C 70 3.16 44.71 -8.06
CA GLY C 70 3.69 45.63 -9.05
C GLY C 70 3.12 45.38 -10.43
N VAL C 71 3.30 46.37 -11.31
CA VAL C 71 2.95 46.24 -12.72
C VAL C 71 4.25 45.97 -13.47
N LEU C 72 4.43 44.75 -13.93
CA LEU C 72 5.69 44.32 -14.52
C LEU C 72 5.71 44.68 -16.01
N PHE C 73 6.62 45.56 -16.38
CA PHE C 73 6.90 45.89 -17.78
C PHE C 73 8.14 45.13 -18.22
N MET C 74 7.96 44.13 -19.08
CA MET C 74 9.09 43.49 -19.73
C MET C 74 8.70 43.17 -21.16
N PRO C 75 9.67 43.17 -22.09
CA PRO C 75 9.31 43.00 -23.50
C PRO C 75 8.49 41.76 -23.77
N THR C 76 8.96 40.62 -23.29
CA THR C 76 8.25 39.35 -23.36
C THR C 76 8.92 38.43 -22.34
N SER C 77 8.55 37.15 -22.36
CA SER C 77 9.21 36.19 -21.49
C SER C 77 10.37 35.53 -22.22
N ARG C 78 11.18 34.80 -21.47
CA ARG C 78 12.21 33.94 -22.04
C ARG C 78 12.24 32.65 -21.25
N GLY C 79 13.01 31.69 -21.75
CA GLY C 79 13.33 30.52 -20.97
C GLY C 79 12.25 29.45 -20.86
N ALA C 80 11.87 29.13 -19.63
CA ALA C 80 11.23 27.87 -19.31
C ALA C 80 9.75 27.84 -19.68
N CYS C 81 9.27 26.65 -20.04
CA CYS C 81 7.84 26.42 -20.20
C CYS C 81 7.11 26.43 -18.86
N THR C 82 7.83 26.23 -17.76
CA THR C 82 7.24 26.09 -16.44
C THR C 82 6.80 27.41 -15.83
N GLY C 83 7.08 28.54 -16.48
CA GLY C 83 6.63 29.83 -15.95
C GLY C 83 5.13 29.92 -15.80
N SER C 84 4.38 29.11 -16.55
CA SER C 84 2.92 29.16 -16.46
C SER C 84 2.44 28.72 -15.08
N GLY C 85 3.00 27.62 -14.56
CA GLY C 85 2.60 27.16 -13.24
C GLY C 85 3.08 28.07 -12.13
N VAL C 86 4.28 28.63 -12.27
CA VAL C 86 4.78 29.56 -11.25
C VAL C 86 3.89 30.79 -11.18
N LEU C 87 3.51 31.34 -12.33
CA LEU C 87 2.61 32.49 -12.34
C LEU C 87 1.25 32.12 -11.74
N LEU C 88 0.73 30.94 -12.09
CA LEU C 88 -0.55 30.50 -11.54
C LEU C 88 -0.50 30.43 -10.02
N ASP C 89 0.58 29.87 -9.47
CA ASP C 89 0.70 29.78 -8.02
C ASP C 89 0.79 31.17 -7.39
N LEU C 90 1.56 32.08 -7.99
CA LEU C 90 1.67 33.44 -7.46
C LEU C 90 0.30 34.13 -7.46
N ILE C 91 -0.52 33.85 -8.47
CA ILE C 91 -1.86 34.43 -8.51
C ILE C 91 -2.73 33.87 -7.40
N LEU C 92 -2.64 32.55 -7.17
CA LEU C 92 -3.51 31.92 -6.17
C LEU C 92 -3.12 32.29 -4.74
N THR C 93 -1.85 32.63 -4.51
CA THR C 93 -1.41 33.00 -3.17
C THR C 93 -1.40 34.51 -2.94
N GLY C 94 -1.63 35.30 -3.98
CA GLY C 94 -1.63 36.75 -3.85
C GLY C 94 -0.28 37.40 -3.96
N ARG C 95 0.75 36.69 -4.42
CA ARG C 95 2.10 37.22 -4.49
C ARG C 95 2.52 37.61 -5.90
N ALA C 96 1.61 37.52 -6.87
CA ALA C 96 1.93 37.85 -8.25
C ALA C 96 2.06 39.36 -8.42
N PRO C 97 2.65 39.82 -9.51
CA PRO C 97 2.47 41.21 -9.92
C PRO C 97 0.99 41.48 -10.15
N SER C 98 0.62 42.76 -10.08
CA SER C 98 -0.79 43.10 -10.28
C SER C 98 -1.18 43.04 -11.75
N ALA C 99 -0.24 43.24 -12.66
CA ALA C 99 -0.52 43.15 -14.09
C ALA C 99 0.77 42.88 -14.84
N LEU C 100 0.62 42.41 -16.07
CA LEU C 100 1.75 42.15 -16.95
C LEU C 100 1.59 42.99 -18.21
N VAL C 101 2.63 43.73 -18.57
CA VAL C 101 2.63 44.57 -19.76
C VAL C 101 3.79 44.15 -20.63
N PHE C 102 3.48 43.72 -21.85
CA PHE C 102 4.48 43.31 -22.83
C PHE C 102 4.53 44.29 -23.98
N CYS C 103 5.58 44.16 -24.79
CA CYS C 103 5.68 44.88 -26.04
C CYS C 103 5.79 43.95 -27.24
N GLU C 104 5.73 42.64 -27.02
CA GLU C 104 5.82 41.66 -28.10
C GLU C 104 4.90 40.48 -27.79
N ALA C 105 4.85 39.52 -28.71
CA ALA C 105 4.09 38.31 -28.49
C ALA C 105 4.64 37.54 -27.28
N GLU C 106 3.75 36.88 -26.56
CA GLU C 106 4.13 36.13 -25.37
C GLU C 106 3.15 34.99 -25.15
N ASP C 107 3.65 33.84 -24.72
CA ASP C 107 2.84 32.64 -24.52
C ASP C 107 2.82 32.16 -23.07
N VAL C 108 3.99 32.00 -22.46
CA VAL C 108 4.10 31.24 -21.21
C VAL C 108 3.27 31.90 -20.11
N LEU C 109 3.53 33.17 -19.82
CA LEU C 109 2.79 33.84 -18.76
C LEU C 109 1.33 34.07 -19.15
N THR C 110 1.08 34.38 -20.43
CA THR C 110 -0.30 34.57 -20.87
C THR C 110 -1.11 33.31 -20.67
N LEU C 111 -0.52 32.13 -20.94
CA LEU C 111 -1.21 30.88 -20.68
C LEU C 111 -1.48 30.69 -19.19
N GLY C 112 -0.51 31.04 -18.34
CA GLY C 112 -0.71 30.89 -16.91
C GLY C 112 -1.84 31.75 -16.39
N ALA C 113 -1.90 33.01 -16.82
CA ALA C 113 -3.03 33.86 -16.46
C ALA C 113 -4.32 33.35 -17.09
N LEU C 114 -4.25 32.79 -18.30
CA LEU C 114 -5.44 32.25 -18.95
C LEU C 114 -6.01 31.06 -18.19
N VAL C 115 -5.14 30.18 -17.70
CA VAL C 115 -5.60 29.05 -16.89
C VAL C 115 -6.19 29.56 -15.58
N ALA C 116 -5.58 30.58 -14.98
CA ALA C 116 -6.11 31.13 -13.74
C ALA C 116 -7.53 31.67 -13.92
N ALA C 117 -7.79 32.30 -15.07
CA ALA C 117 -9.13 32.81 -15.34
C ALA C 117 -10.09 31.67 -15.67
N GLU C 118 -9.66 30.72 -16.50
CA GLU C 118 -10.54 29.65 -16.94
C GLU C 118 -10.93 28.72 -15.79
N MET C 119 -9.96 28.32 -14.97
CA MET C 119 -10.18 27.24 -14.02
C MET C 119 -10.10 27.65 -12.56
N PHE C 120 -9.59 28.84 -12.25
CA PHE C 120 -9.38 29.23 -10.86
C PHE C 120 -10.03 30.56 -10.50
N ASP C 121 -10.77 31.18 -11.44
CA ASP C 121 -11.60 32.34 -11.14
C ASP C 121 -10.79 33.53 -10.63
N LYS C 122 -9.58 33.69 -11.16
CA LYS C 122 -8.75 34.84 -10.85
C LYS C 122 -8.34 35.54 -12.14
N ALA C 123 -8.39 36.87 -12.12
CA ALA C 123 -8.11 37.67 -13.31
C ALA C 123 -6.81 38.44 -13.11
N LEU C 124 -5.83 38.16 -13.96
CA LEU C 124 -4.62 38.99 -14.03
C LEU C 124 -4.62 39.71 -15.36
N PRO C 125 -4.76 41.04 -15.37
CA PRO C 125 -4.76 41.75 -16.66
C PRO C 125 -3.41 41.66 -17.33
N VAL C 126 -3.43 41.39 -18.63
CA VAL C 126 -2.23 41.35 -19.46
C VAL C 126 -2.46 42.27 -20.65
N ILE C 127 -1.53 43.20 -20.87
CA ILE C 127 -1.65 44.19 -21.92
C ILE C 127 -0.39 44.14 -22.79
N ARG C 128 -0.58 44.36 -24.09
CA ARG C 128 0.52 44.48 -25.04
C ARG C 128 0.56 45.90 -25.57
N LEU C 129 1.70 46.56 -25.43
CA LEU C 129 1.91 47.91 -25.96
C LEU C 129 2.82 47.85 -27.19
N ASP C 130 2.69 48.86 -28.04
CA ASP C 130 3.69 49.05 -29.07
C ASP C 130 5.02 49.46 -28.45
N THR C 131 6.10 49.35 -29.22
CA THR C 131 7.44 49.49 -28.66
C THR C 131 7.66 50.89 -28.08
N GLU C 132 7.20 51.93 -28.77
CA GLU C 132 7.46 53.28 -28.28
C GLU C 132 6.60 53.61 -27.07
N THR C 133 5.36 53.11 -27.03
CA THR C 133 4.53 53.30 -25.85
C THR C 133 5.05 52.46 -24.68
N PHE C 134 5.59 51.27 -24.96
CA PHE C 134 6.21 50.47 -23.91
C PHE C 134 7.33 51.24 -23.23
N ALA C 135 8.24 51.81 -24.02
CA ALA C 135 9.35 52.57 -23.45
C ALA C 135 8.86 53.77 -22.67
N ARG C 136 7.83 54.45 -23.18
CA ARG C 136 7.31 55.64 -22.49
C ARG C 136 6.66 55.26 -21.15
N PHE C 137 5.82 54.23 -21.15
CA PHE C 137 5.19 53.81 -19.91
C PHE C 137 6.18 53.14 -18.97
N SER C 138 7.26 52.56 -19.51
CA SER C 138 8.29 51.98 -18.65
C SER C 138 9.02 53.06 -17.85
N ARG C 139 9.17 54.26 -18.42
CA ARG C 139 9.75 55.39 -17.69
C ARG C 139 8.80 55.97 -16.65
N ALA C 140 7.52 55.59 -16.68
CA ALA C 140 6.57 56.07 -15.70
C ALA C 140 6.82 55.42 -14.34
N ALA C 141 6.22 56.01 -13.31
CA ALA C 141 6.39 55.54 -11.94
C ALA C 141 5.16 54.85 -11.38
N HIS C 142 3.97 55.22 -11.84
CA HIS C 142 2.71 54.74 -11.29
C HIS C 142 1.77 54.43 -12.44
N VAL C 143 0.97 53.37 -12.30
CA VAL C 143 0.14 52.89 -13.40
C VAL C 143 -1.15 52.30 -12.85
N ARG C 144 -2.25 52.60 -13.52
CA ARG C 144 -3.54 51.98 -13.28
C ARG C 144 -4.02 51.31 -14.56
N ILE C 145 -4.84 50.28 -14.41
CA ILE C 145 -5.45 49.60 -15.54
C ILE C 145 -6.86 49.18 -15.17
N ASP C 146 -7.81 49.36 -16.09
CA ASP C 146 -9.17 48.86 -15.95
C ASP C 146 -9.64 48.20 -17.23
N GLN C 147 -10.93 47.85 -17.31
CA GLN C 147 -11.49 47.28 -18.53
C GLN C 147 -11.15 48.10 -19.76
N ASN C 148 -10.94 49.39 -19.58
CA ASN C 148 -10.98 50.37 -20.66
C ASN C 148 -9.65 51.04 -20.95
N THR C 149 -8.82 51.21 -19.92
CA THR C 149 -7.84 52.28 -19.89
C THR C 149 -6.58 51.82 -19.18
N ILE C 150 -5.42 52.22 -19.70
CA ILE C 150 -4.16 52.10 -18.97
C ILE C 150 -3.58 53.50 -18.81
N LYS C 151 -3.24 53.86 -17.56
CA LYS C 151 -2.78 55.20 -17.22
C LYS C 151 -1.36 55.12 -16.70
N ALA C 152 -0.47 55.91 -17.30
CA ALA C 152 0.91 56.07 -16.83
C ALA C 152 1.07 57.50 -16.33
N ASP C 153 1.47 57.63 -15.06
CA ASP C 153 1.45 58.91 -14.38
C ASP C 153 0.09 59.57 -14.58
N GLY C 154 0.00 60.62 -15.40
CA GLY C 154 -1.24 61.33 -15.53
C GLY C 154 -1.90 61.35 -16.89
N VAL C 155 -1.45 60.50 -17.81
CA VAL C 155 -1.98 60.46 -19.17
C VAL C 155 -2.65 59.11 -19.41
N SER C 156 -3.95 59.15 -19.68
CA SER C 156 -4.71 57.93 -19.98
C SER C 156 -4.51 57.51 -21.43
N LEU C 157 -4.53 56.20 -21.66
CA LEU C 157 -4.46 55.63 -22.99
C LEU C 157 -5.52 54.55 -23.13
N ALA C 158 -6.32 54.64 -24.20
CA ALA C 158 -7.37 53.66 -24.42
C ALA C 158 -6.76 52.29 -24.69
N VAL C 159 -7.40 51.26 -24.14
CA VAL C 159 -6.97 49.87 -24.31
C VAL C 159 -7.93 49.20 -25.29
N ALA C 160 -7.41 48.78 -26.43
CA ALA C 160 -8.23 48.10 -27.42
C ALA C 160 -8.71 46.75 -26.89
N PRO C 161 -9.89 46.29 -27.34
CA PRO C 161 -10.42 45.03 -26.83
C PRO C 161 -9.64 43.84 -27.36
N PRO C 162 -9.73 42.68 -26.72
CA PRO C 162 -8.96 41.51 -27.16
C PRO C 162 -9.34 41.06 -28.56
N ALA C 163 -8.50 40.18 -29.10
CA ALA C 163 -8.63 39.70 -30.46
C ALA C 163 -9.57 38.51 -30.50
N THR C 164 -10.67 38.63 -31.26
CA THR C 164 -11.54 37.51 -31.56
C THR C 164 -11.13 36.94 -32.91
N ALA C 165 -10.85 35.64 -32.94
CA ALA C 165 -10.01 35.03 -33.94
C ALA C 165 -10.76 34.65 -35.21
N HIS C 166 -10.09 34.80 -36.34
CA HIS C 166 -10.48 34.21 -37.62
C HIS C 166 -10.15 32.72 -37.59
N LEU C 167 -10.62 32.01 -36.57
CA LEU C 167 -10.18 30.66 -36.29
C LEU C 167 -11.22 29.66 -36.80
N ASP C 168 -10.84 28.89 -37.82
CA ASP C 168 -11.69 27.84 -38.36
C ASP C 168 -11.62 26.62 -37.45
N LEU C 169 -12.79 26.03 -37.19
CA LEU C 169 -12.93 24.87 -36.32
C LEU C 169 -13.56 23.73 -37.10
N THR C 170 -13.00 22.53 -36.96
CA THR C 170 -13.62 21.37 -37.57
C THR C 170 -14.83 20.92 -36.76
N ASP C 171 -15.57 19.96 -37.31
CA ASP C 171 -16.70 19.38 -36.58
C ASP C 171 -16.22 18.73 -35.29
N ASP C 172 -15.15 17.96 -35.36
CA ASP C 172 -14.56 17.36 -34.16
C ASP C 172 -14.15 18.44 -33.16
N ASP C 173 -13.55 19.52 -33.65
CA ASP C 173 -13.19 20.64 -32.78
C ASP C 173 -14.41 21.17 -32.03
N ARG C 174 -15.50 21.46 -32.77
CA ARG C 174 -16.70 21.99 -32.14
C ARG C 174 -17.34 20.97 -31.22
N ALA C 175 -17.28 19.69 -31.59
CA ALA C 175 -17.81 18.63 -30.73
C ALA C 175 -17.09 18.60 -29.38
N MET C 176 -15.76 18.62 -29.42
CA MET C 176 -14.99 18.68 -28.18
C MET C 176 -15.30 19.94 -27.40
N LEU C 177 -15.41 21.08 -28.09
CA LEU C 177 -15.76 22.34 -27.45
C LEU C 177 -17.14 22.28 -26.80
N GLU C 178 -18.06 21.51 -27.39
CA GLU C 178 -19.43 21.40 -26.89
C GLU C 178 -19.55 20.46 -25.70
N GLY C 179 -18.52 19.69 -25.40
CA GLY C 179 -18.57 18.71 -24.34
C GLY C 179 -18.92 17.30 -24.76
N ARG C 180 -18.87 17.00 -26.06
CA ARG C 180 -19.27 15.66 -26.54
C ARG C 180 -18.29 14.59 -26.05
N ASP C 181 -17.03 14.94 -25.80
CA ASP C 181 -16.05 14.01 -25.24
C ASP C 181 -15.82 14.26 -23.76
N GLY C 182 -16.74 14.92 -23.08
CA GLY C 182 -16.65 15.14 -21.65
C GLY C 182 -16.11 16.52 -21.31
N ILE C 183 -16.18 16.84 -20.02
CA ILE C 183 -15.86 18.18 -19.55
C ILE C 183 -14.36 18.45 -19.62
N ALA C 184 -13.54 17.42 -19.34
CA ALA C 184 -12.10 17.62 -19.36
C ALA C 184 -11.61 18.00 -20.76
N VAL C 185 -11.99 17.21 -21.77
CA VAL C 185 -11.64 17.53 -23.15
C VAL C 185 -12.14 18.92 -23.52
N ARG C 186 -13.34 19.28 -23.04
CA ARG C 186 -13.88 20.60 -23.34
C ARG C 186 -13.01 21.70 -22.74
N GLN C 187 -12.64 21.57 -21.47
CA GLN C 187 -11.80 22.59 -20.84
C GLN C 187 -10.48 22.72 -21.58
N ALA C 188 -9.89 21.59 -21.97
CA ALA C 188 -8.66 21.59 -22.74
C ALA C 188 -8.83 22.36 -24.05
N MET C 189 -9.92 22.10 -24.77
CA MET C 189 -10.16 22.75 -26.05
C MET C 189 -10.40 24.25 -25.87
N ARG C 190 -11.07 24.64 -24.78
CA ARG C 190 -11.29 26.05 -24.51
C ARG C 190 -9.97 26.78 -24.33
N ILE C 191 -9.03 26.17 -23.60
CA ILE C 191 -7.73 26.79 -23.39
C ILE C 191 -6.95 26.87 -24.69
N ILE C 192 -7.03 25.81 -25.51
CA ILE C 192 -6.32 25.81 -26.79
C ILE C 192 -6.89 26.88 -27.71
N VAL C 193 -8.22 26.99 -27.78
CA VAL C 193 -8.84 27.94 -28.68
C VAL C 193 -8.53 29.38 -28.25
N ALA C 194 -8.56 29.63 -26.94
CA ALA C 194 -8.18 30.94 -26.44
C ALA C 194 -6.73 31.26 -26.80
N MET C 195 -5.83 30.29 -26.64
CA MET C 195 -4.43 30.52 -26.99
C MET C 195 -4.26 30.74 -28.49
N ALA C 196 -4.99 29.98 -29.29
CA ALA C 196 -4.88 30.13 -30.74
C ALA C 196 -5.33 31.52 -31.17
N ALA C 197 -6.40 32.03 -30.55
CA ALA C 197 -6.84 33.40 -30.82
C ALA C 197 -5.76 34.40 -30.43
N GLN C 198 -5.17 34.20 -29.25
CA GLN C 198 -4.12 35.10 -28.77
C GLN C 198 -2.92 35.10 -29.71
N GLN C 199 -2.64 33.97 -30.36
CA GLN C 199 -1.53 33.85 -31.29
C GLN C 199 -1.90 34.22 -32.73
N GLY C 200 -3.16 34.57 -32.98
CA GLY C 200 -3.56 34.91 -34.33
C GLY C 200 -3.70 33.74 -35.27
N ALA C 201 -3.80 32.52 -34.74
CA ALA C 201 -3.94 31.34 -35.58
C ALA C 201 -5.30 31.33 -36.29
N SER C 202 -5.31 30.79 -37.50
CA SER C 202 -6.55 30.63 -38.25
C SER C 202 -7.14 29.24 -38.15
N ALA C 203 -6.42 28.29 -37.54
CA ALA C 203 -6.89 26.91 -37.45
C ALA C 203 -6.11 26.20 -36.36
N LEU C 204 -6.51 24.96 -36.08
CA LEU C 204 -5.76 24.04 -35.24
C LEU C 204 -5.11 22.98 -36.12
N VAL C 205 -4.18 22.22 -35.54
CA VAL C 205 -3.40 21.25 -36.28
C VAL C 205 -3.25 19.96 -35.46
N ASP C 206 -3.23 18.83 -36.15
CA ASP C 206 -3.05 17.54 -35.49
C ASP C 206 -1.60 17.38 -35.02
N VAL C 207 -1.43 16.78 -33.84
CA VAL C 207 -0.12 16.41 -33.32
C VAL C 207 -0.10 14.90 -33.12
N THR C 208 1.08 14.29 -33.34
CA THR C 208 1.21 12.85 -33.27
C THR C 208 1.51 12.34 -31.86
N GLN C 209 2.11 13.19 -31.03
CA GLN C 209 2.52 12.77 -29.70
C GLN C 209 2.73 13.99 -28.83
N GLY C 210 2.75 13.76 -27.52
CA GLY C 210 2.93 14.83 -26.56
C GLY C 210 4.12 14.57 -25.65
N HIS C 211 4.55 15.65 -24.98
CA HIS C 211 5.55 15.57 -23.92
C HIS C 211 5.16 16.57 -22.85
N ILE C 212 4.81 16.07 -21.68
CA ILE C 212 4.25 16.89 -20.61
C ILE C 212 5.39 17.41 -19.73
N ASP C 213 5.40 18.71 -19.49
CA ASP C 213 6.47 19.34 -18.71
C ASP C 213 6.01 19.83 -17.34
N GLY C 214 4.72 20.05 -17.14
CA GLY C 214 4.21 20.51 -15.87
C GLY C 214 4.27 19.49 -14.74
N CYS C 215 4.91 18.35 -14.97
CA CYS C 215 5.06 17.33 -13.94
C CYS C 215 6.20 17.65 -12.97
N ILE C 216 6.95 18.71 -13.20
CA ILE C 216 7.88 19.20 -12.20
C ILE C 216 7.07 19.93 -11.13
N TYR C 217 7.41 19.69 -9.87
CA TYR C 217 6.69 20.29 -8.75
C TYR C 217 7.26 21.69 -8.47
N ALA C 218 7.07 22.58 -9.44
CA ALA C 218 7.57 23.94 -9.35
C ALA C 218 6.78 24.80 -8.36
N SER C 219 5.62 24.33 -7.93
CA SER C 219 4.73 25.10 -7.05
C SER C 219 3.56 24.19 -6.67
N PRO C 220 2.90 24.47 -5.55
CA PRO C 220 1.70 23.68 -5.22
C PRO C 220 0.63 23.74 -6.29
N ALA C 221 0.56 24.83 -7.06
CA ALA C 221 -0.46 24.96 -8.09
C ALA C 221 -0.23 23.98 -9.24
N ASN C 222 1.03 23.58 -9.48
CA ASN C 222 1.28 22.55 -10.49
C ASN C 222 0.53 21.27 -10.16
N LEU C 223 0.47 20.91 -8.87
CA LEU C 223 -0.29 19.75 -8.45
C LEU C 223 -1.79 20.02 -8.51
N THR C 224 -2.21 21.22 -8.09
CA THR C 224 -3.63 21.56 -8.13
C THR C 224 -4.19 21.44 -9.54
N PHE C 225 -3.47 21.98 -10.53
CA PHE C 225 -3.93 21.88 -11.92
C PHE C 225 -4.04 20.41 -12.35
N ALA C 226 -3.00 19.63 -12.10
CA ALA C 226 -2.97 18.25 -12.56
C ALA C 226 -4.10 17.43 -11.92
N GLU C 227 -4.28 17.57 -10.61
CA GLU C 227 -5.32 16.81 -9.94
C GLU C 227 -6.71 17.28 -10.36
N LYS C 228 -6.86 18.59 -10.61
CA LYS C 228 -8.10 19.11 -11.15
C LYS C 228 -8.45 18.44 -12.48
N MET C 229 -7.49 18.44 -13.40
CA MET C 229 -7.73 17.86 -14.73
C MET C 229 -7.95 16.36 -14.64
N ALA C 230 -7.19 15.66 -13.79
CA ALA C 230 -7.37 14.22 -13.64
C ALA C 230 -8.73 13.90 -13.06
N ASP C 231 -9.16 14.66 -12.04
CA ASP C 231 -10.46 14.42 -11.41
C ASP C 231 -11.62 14.73 -12.34
N MET C 232 -11.40 15.51 -13.40
CA MET C 232 -12.40 15.75 -14.43
C MET C 232 -12.46 14.64 -15.46
N GLY C 233 -11.64 13.60 -15.31
CA GLY C 233 -11.57 12.55 -16.30
C GLY C 233 -10.53 12.74 -17.38
N GLY C 234 -9.56 13.62 -17.16
CA GLY C 234 -8.51 13.88 -18.14
C GLY C 234 -7.80 12.63 -18.61
N LYS C 235 -7.57 12.55 -19.92
CA LYS C 235 -6.99 11.37 -20.54
C LYS C 235 -6.25 11.83 -21.79
N VAL C 236 -5.02 11.39 -21.97
CA VAL C 236 -4.28 11.75 -23.17
C VAL C 236 -4.80 10.93 -24.34
N ARG C 237 -4.88 11.57 -25.51
CA ARG C 237 -5.38 10.96 -26.73
C ARG C 237 -4.27 10.56 -27.69
N VAL C 238 -3.08 11.14 -27.54
CA VAL C 238 -1.91 10.76 -28.32
C VAL C 238 -0.86 10.25 -27.34
N PRO C 239 0.07 9.40 -27.80
CA PRO C 239 1.16 8.98 -26.92
C PRO C 239 1.91 10.17 -26.36
N SER C 240 2.07 10.20 -25.03
CA SER C 240 2.63 11.34 -24.34
C SER C 240 3.66 10.89 -23.33
N THR C 241 4.87 11.40 -23.44
CA THR C 241 5.93 11.14 -22.48
C THR C 241 5.91 12.22 -21.40
N MET C 242 6.72 12.01 -20.36
CA MET C 242 6.78 12.93 -19.24
C MET C 242 8.20 13.47 -19.06
N ASN C 243 8.29 14.76 -18.78
CA ASN C 243 9.56 15.42 -18.51
C ASN C 243 10.06 14.99 -17.13
N ALA C 244 11.17 15.59 -16.69
CA ALA C 244 11.71 15.30 -15.37
C ALA C 244 10.69 15.64 -14.30
N ILE C 245 10.77 14.94 -13.17
CA ILE C 245 9.88 15.19 -12.04
C ILE C 245 10.71 15.60 -10.82
N SER C 246 10.05 15.83 -9.70
CA SER C 246 10.70 16.44 -8.54
C SER C 246 11.08 15.41 -7.47
N VAL C 247 10.89 14.13 -7.73
CA VAL C 247 11.40 13.08 -6.84
C VAL C 247 12.06 12.01 -7.68
N ASP C 248 13.14 11.43 -7.16
CA ASP C 248 13.56 10.10 -7.55
C ASP C 248 12.41 9.18 -7.14
N LYS C 249 11.57 8.81 -8.11
CA LYS C 249 10.26 8.23 -7.80
C LYS C 249 10.36 7.02 -6.88
N ALA C 250 11.32 6.14 -7.15
CA ALA C 250 11.40 4.90 -6.37
C ALA C 250 12.16 5.05 -5.06
N ASN C 251 12.89 6.15 -4.86
CA ASN C 251 13.86 6.20 -3.78
C ASN C 251 13.81 7.44 -2.90
N TRP C 252 12.90 8.39 -3.15
CA TRP C 252 12.98 9.68 -2.46
C TRP C 252 12.76 9.56 -0.96
N ARG C 253 11.95 8.60 -0.53
CA ARG C 253 11.72 8.43 0.91
C ARG C 253 13.00 8.01 1.62
N ALA C 254 13.68 6.98 1.10
CA ALA C 254 14.98 6.59 1.66
C ALA C 254 16.00 7.70 1.52
N GLN C 255 15.92 8.49 0.45
CA GLN C 255 16.89 9.56 0.23
C GLN C 255 16.77 10.69 1.24
N GLY C 256 15.67 10.77 1.98
CA GLY C 256 15.50 11.81 2.97
C GLY C 256 14.74 13.04 2.50
N VAL C 257 14.13 12.98 1.32
CA VAL C 257 13.33 14.12 0.87
C VAL C 257 12.14 14.29 1.82
N PRO C 258 11.92 15.49 2.37
CA PRO C 258 10.86 15.64 3.39
C PRO C 258 9.50 15.30 2.81
N GLU C 259 8.66 14.71 3.65
CA GLU C 259 7.36 14.23 3.21
C GLU C 259 6.50 15.34 2.62
N ASP C 260 6.62 16.56 3.15
CA ASP C 260 5.74 17.62 2.68
C ASP C 260 6.14 18.14 1.31
N PHE C 261 7.38 17.89 0.87
CA PHE C 261 7.76 18.16 -0.50
C PHE C 261 7.60 16.93 -1.38
N GLY C 262 8.07 15.77 -0.90
CA GLY C 262 8.10 14.58 -1.74
C GLY C 262 6.74 13.97 -2.00
N ASP C 263 5.83 14.07 -1.03
CA ASP C 263 4.50 13.46 -1.22
C ASP C 263 3.69 14.16 -2.30
N PRO C 264 3.56 15.49 -2.33
CA PRO C 264 2.86 16.11 -3.46
C PRO C 264 3.64 16.05 -4.76
N ALA C 265 4.98 16.13 -4.70
CA ALA C 265 5.78 15.94 -5.91
C ALA C 265 5.53 14.57 -6.52
N ALA C 266 5.37 13.55 -5.68
CA ALA C 266 5.09 12.21 -6.19
C ALA C 266 3.66 12.10 -6.70
N ARG C 267 2.71 12.73 -6.01
CA ARG C 267 1.34 12.71 -6.50
C ARG C 267 1.20 13.50 -7.79
N LEU C 268 2.03 14.53 -8.00
CA LEU C 268 2.02 15.24 -9.26
C LEU C 268 2.39 14.31 -10.41
N ALA C 269 3.50 13.58 -10.26
CA ALA C 269 3.88 12.60 -11.27
C ALA C 269 2.81 11.52 -11.42
N ASP C 270 2.22 11.09 -10.30
CA ASP C 270 1.19 10.05 -10.34
C ASP C 270 -0.04 10.50 -11.11
N ALA C 271 -0.40 11.78 -10.99
CA ALA C 271 -1.60 12.27 -11.67
C ALA C 271 -1.44 12.21 -13.18
N TYR C 272 -0.25 12.51 -13.68
CA TYR C 272 -0.04 12.47 -15.13
C TYR C 272 -0.01 11.02 -15.64
N VAL C 273 0.57 10.12 -14.87
CA VAL C 273 0.52 8.70 -15.24
C VAL C 273 -0.91 8.20 -15.22
N ARG C 274 -1.69 8.61 -14.21
CA ARG C 274 -3.10 8.29 -14.15
C ARG C 274 -3.83 8.74 -15.42
N MET C 275 -3.40 9.87 -15.99
CA MET C 275 -4.02 10.42 -17.18
C MET C 275 -3.47 9.82 -18.46
N GLY C 276 -2.68 8.76 -18.38
CA GLY C 276 -2.23 8.03 -19.54
C GLY C 276 -0.84 8.37 -20.06
N CYS C 277 -0.14 9.30 -19.42
CA CYS C 277 1.21 9.67 -19.86
C CYS C 277 2.21 8.59 -19.46
N ARG C 278 3.20 8.38 -20.31
CA ARG C 278 4.23 7.38 -20.04
C ARG C 278 5.21 7.91 -19.00
N PRO C 279 5.53 7.14 -17.97
CA PRO C 279 6.42 7.61 -16.89
C PRO C 279 7.89 7.58 -17.29
N THR C 280 8.22 8.31 -18.37
CA THR C 280 9.59 8.35 -18.84
C THR C 280 10.47 9.25 -17.98
N PHE C 281 9.86 10.25 -17.34
CA PHE C 281 10.53 11.13 -16.38
C PHE C 281 11.88 11.63 -16.89
N THR C 282 11.87 12.24 -18.07
CA THR C 282 13.14 12.70 -18.64
C THR C 282 12.94 13.95 -19.48
N CYS C 283 13.90 14.87 -19.35
CA CYS C 283 13.94 16.12 -20.09
C CYS C 283 14.71 16.01 -21.40
N SER C 284 15.09 14.79 -21.80
CA SER C 284 15.63 14.55 -23.13
C SER C 284 14.81 13.46 -23.83
N PRO C 285 13.51 13.70 -24.06
CA PRO C 285 12.69 12.67 -24.71
C PRO C 285 13.07 12.42 -26.16
N TYR C 286 13.87 13.29 -26.77
CA TYR C 286 14.42 13.05 -28.10
C TYR C 286 15.44 11.93 -28.12
N LEU C 287 15.88 11.45 -26.97
CA LEU C 287 16.78 10.32 -26.88
C LEU C 287 16.04 8.99 -26.76
N LEU C 288 14.72 9.02 -26.58
CA LEU C 288 13.94 7.79 -26.47
C LEU C 288 13.72 7.16 -27.85
N ASP C 289 13.42 5.86 -27.84
CA ASP C 289 13.08 5.18 -29.08
C ASP C 289 11.84 5.78 -29.73
N SER C 290 10.97 6.40 -28.95
CA SER C 290 9.76 7.03 -29.45
C SER C 290 9.99 8.41 -30.04
N ALA C 291 11.25 8.82 -30.22
CA ALA C 291 11.56 10.17 -30.64
C ALA C 291 10.92 10.49 -31.98
N PRO C 292 10.48 11.72 -32.20
CA PRO C 292 9.87 12.08 -33.49
C PRO C 292 10.95 12.32 -34.53
N SER C 293 10.51 12.55 -35.77
CA SER C 293 11.45 12.72 -36.87
C SER C 293 11.02 13.89 -37.74
N ALA C 294 11.81 14.12 -38.81
CA ALA C 294 11.68 15.32 -39.63
C ALA C 294 10.26 15.50 -40.15
N GLY C 295 9.75 16.72 -40.06
CA GLY C 295 8.44 17.07 -40.56
C GLY C 295 7.27 16.63 -39.72
N GLU C 296 7.50 15.85 -38.67
CA GLU C 296 6.41 15.38 -37.83
C GLU C 296 5.92 16.50 -36.92
N SER C 297 4.60 16.66 -36.84
CA SER C 297 3.99 17.70 -36.01
C SER C 297 3.67 17.09 -34.64
N ILE C 298 4.33 17.60 -33.59
CA ILE C 298 4.18 17.09 -32.24
C ILE C 298 3.77 18.26 -31.34
N GLY C 299 3.36 17.92 -30.12
CA GLY C 299 3.01 18.96 -29.16
C GLY C 299 3.83 18.84 -27.89
N TRP C 300 4.97 19.52 -27.83
CA TRP C 300 5.92 19.35 -26.75
C TRP C 300 6.04 20.59 -25.88
N ALA C 301 6.30 20.37 -24.60
CA ALA C 301 6.77 21.39 -23.68
C ALA C 301 8.17 20.98 -23.21
N GLU C 302 8.71 21.73 -22.25
CA GLU C 302 10.12 21.73 -21.86
C GLU C 302 10.95 22.40 -22.94
N SER C 303 11.54 23.56 -22.60
CA SER C 303 12.15 24.44 -23.60
C SER C 303 13.25 23.72 -24.39
N ASN C 304 14.11 22.96 -23.71
CA ASN C 304 15.22 22.35 -24.42
C ASN C 304 14.74 21.27 -25.39
N ALA C 305 13.69 20.53 -25.02
CA ALA C 305 13.16 19.50 -25.90
C ALA C 305 12.47 20.11 -27.11
N VAL C 306 11.76 21.23 -26.92
CA VAL C 306 11.08 21.88 -28.04
C VAL C 306 12.10 22.39 -29.05
N ILE C 307 13.15 23.06 -28.57
CA ILE C 307 14.16 23.61 -29.46
C ILE C 307 14.91 22.50 -30.17
N PHE C 308 15.31 21.46 -29.43
CA PHE C 308 15.99 20.32 -30.05
C PHE C 308 15.12 19.69 -31.14
N ALA C 309 13.83 19.50 -30.86
CA ALA C 309 12.94 18.87 -31.84
C ALA C 309 12.87 19.69 -33.13
N ASN C 310 12.68 21.00 -33.01
CA ASN C 310 12.64 21.84 -34.19
C ASN C 310 14.02 21.97 -34.83
N THR C 311 15.03 22.32 -34.02
CA THR C 311 16.34 22.66 -34.54
C THR C 311 17.06 21.45 -35.13
N VAL C 312 17.18 20.38 -34.34
CA VAL C 312 18.04 19.26 -34.72
C VAL C 312 17.27 18.20 -35.50
N LEU C 313 16.09 17.81 -35.02
CA LEU C 313 15.32 16.76 -35.67
C LEU C 313 14.53 17.27 -36.87
N GLY C 314 14.28 18.57 -36.95
CA GLY C 314 13.39 19.05 -37.99
C GLY C 314 11.94 18.74 -37.76
N ALA C 315 11.58 18.21 -36.58
CA ALA C 315 10.18 18.08 -36.22
C ALA C 315 9.60 19.47 -35.98
N ARG C 316 8.31 19.54 -35.67
CA ARG C 316 7.59 20.81 -35.65
C ARG C 316 6.72 20.89 -34.40
N THR C 317 7.02 21.85 -33.53
CA THR C 317 6.20 22.13 -32.37
C THR C 317 6.53 23.52 -31.86
N ALA C 318 5.50 24.30 -31.54
CA ALA C 318 5.74 25.52 -30.79
C ALA C 318 6.26 25.18 -29.40
N LYS C 319 6.72 26.20 -28.68
CA LYS C 319 7.17 26.01 -27.31
C LYS C 319 5.96 26.16 -26.41
N HIS C 320 5.27 25.07 -26.18
CA HIS C 320 4.00 25.12 -25.45
C HIS C 320 4.26 25.31 -23.95
N PRO C 321 3.59 26.27 -23.31
CA PRO C 321 3.72 26.40 -21.85
C PRO C 321 3.23 25.15 -21.15
N ASP C 322 3.71 24.96 -19.92
CA ASP C 322 3.11 23.96 -19.05
C ASP C 322 1.62 24.21 -18.94
N PHE C 323 0.86 23.10 -18.82
CA PHE C 323 -0.60 23.06 -18.80
C PHE C 323 -1.17 23.02 -20.21
N LEU C 324 -0.63 23.83 -21.12
CA LEU C 324 -1.07 23.72 -22.51
C LEU C 324 -0.61 22.40 -23.12
N ASP C 325 0.53 21.88 -22.67
CA ASP C 325 1.00 20.59 -23.16
C ASP C 325 -0.01 19.50 -22.89
N LEU C 326 -0.58 19.48 -21.68
CA LEU C 326 -1.57 18.45 -21.36
C LEU C 326 -2.83 18.59 -22.22
N CYS C 327 -3.34 19.82 -22.31
CA CYS C 327 -4.54 20.10 -23.10
C CYS C 327 -4.37 19.65 -24.55
N ILE C 328 -3.19 19.91 -25.13
CA ILE C 328 -2.89 19.46 -26.49
C ILE C 328 -2.86 17.94 -26.54
N ALA C 329 -2.27 17.31 -25.51
CA ALA C 329 -2.20 15.86 -25.49
C ALA C 329 -3.58 15.23 -25.30
N MET C 330 -4.50 15.93 -24.62
CA MET C 330 -5.83 15.40 -24.39
C MET C 330 -6.72 15.51 -25.64
N THR C 331 -6.44 16.46 -26.52
CA THR C 331 -7.26 16.67 -27.71
C THR C 331 -6.59 16.23 -29.01
N GLY C 332 -5.27 15.99 -28.99
CA GLY C 332 -4.54 15.79 -30.21
C GLY C 332 -4.41 17.02 -31.09
N ARG C 333 -4.80 18.19 -30.59
CA ARG C 333 -4.87 19.41 -31.38
C ARG C 333 -4.04 20.51 -30.73
N ALA C 334 -3.32 21.26 -31.55
CA ALA C 334 -2.55 22.43 -31.15
C ALA C 334 -2.91 23.59 -32.05
N PRO C 335 -2.66 24.82 -31.62
CA PRO C 335 -2.88 25.97 -32.51
C PRO C 335 -1.94 25.93 -33.70
N LEU C 336 -2.49 26.17 -34.89
CA LEU C 336 -1.67 26.24 -36.10
C LEU C 336 -1.07 27.64 -36.18
N SER C 337 0.06 27.80 -35.49
CA SER C 337 0.73 29.08 -35.40
C SER C 337 2.22 28.82 -35.26
N GLY C 338 3.01 29.88 -35.42
CA GLY C 338 4.44 29.78 -35.21
C GLY C 338 5.08 28.75 -36.10
N VAL C 339 6.05 28.01 -35.53
CA VAL C 339 6.92 27.14 -36.29
C VAL C 339 6.20 25.89 -36.80
N TYR C 340 4.89 25.80 -36.53
CA TYR C 340 4.09 24.80 -37.22
C TYR C 340 3.92 25.14 -38.70
N LEU C 341 4.01 26.43 -39.04
CA LEU C 341 3.90 26.91 -40.40
C LEU C 341 5.28 27.08 -41.00
N GLU C 342 5.44 26.65 -42.25
CA GLU C 342 6.76 26.59 -42.86
C GLU C 342 7.41 27.96 -42.96
N GLU C 343 6.65 28.98 -43.38
CA GLU C 343 7.24 30.31 -43.55
C GLU C 343 7.71 30.89 -42.22
N ASN C 344 7.09 30.50 -41.12
CA ASN C 344 7.56 30.93 -39.80
C ASN C 344 8.79 30.19 -39.33
N ARG C 345 9.30 29.23 -40.11
CA ARG C 345 10.54 28.55 -39.79
C ARG C 345 11.75 29.15 -40.50
N ARG C 346 11.52 30.12 -41.39
CA ARG C 346 12.63 30.77 -42.07
C ARG C 346 13.41 31.63 -41.07
N PRO C 347 14.74 31.62 -41.14
CA PRO C 347 15.53 32.47 -40.23
C PRO C 347 15.09 33.93 -40.27
N GLN C 348 14.93 34.51 -39.09
CA GLN C 348 14.49 35.89 -38.95
C GLN C 348 15.60 36.83 -38.54
N ARG C 349 16.78 36.31 -38.19
CA ARG C 349 17.98 37.09 -37.94
C ARG C 349 19.18 36.20 -38.23
N ILE C 350 20.24 36.79 -38.80
CA ILE C 350 21.48 36.09 -39.09
C ILE C 350 22.50 36.43 -38.02
N VAL C 351 23.22 35.41 -37.53
CA VAL C 351 24.20 35.59 -36.46
C VAL C 351 25.51 34.95 -36.93
N ASP C 352 26.51 35.78 -37.21
CA ASP C 352 27.85 35.29 -37.54
C ASP C 352 28.61 35.02 -36.25
N VAL C 353 28.88 33.75 -35.98
CA VAL C 353 29.52 33.32 -34.74
C VAL C 353 31.00 33.09 -35.01
N ALA C 354 31.86 33.77 -34.27
CA ALA C 354 33.30 33.54 -34.38
C ALA C 354 33.62 32.09 -34.05
N LEU C 355 34.56 31.52 -34.82
CA LEU C 355 34.99 30.13 -34.65
C LEU C 355 36.47 30.12 -34.31
N PRO C 356 36.83 30.21 -33.03
CA PRO C 356 38.25 30.11 -32.67
C PRO C 356 38.75 28.69 -32.80
N ALA C 357 40.02 28.56 -33.18
CA ALA C 357 40.65 27.25 -33.19
C ALA C 357 40.78 26.72 -31.77
N GLY C 358 40.71 25.40 -31.64
CA GLY C 358 40.90 24.76 -30.35
C GLY C 358 39.67 24.69 -29.46
N ILE C 359 38.46 24.87 -30.00
CA ILE C 359 37.26 24.80 -29.18
C ILE C 359 37.09 23.38 -28.66
N ASP C 360 36.54 23.26 -27.45
CA ASP C 360 36.11 21.96 -26.94
C ASP C 360 34.61 21.98 -26.71
N ASP C 361 34.11 21.00 -25.93
CA ASP C 361 32.66 20.85 -25.78
C ASP C 361 32.02 22.06 -25.11
N ALA C 362 32.76 22.79 -24.27
CA ALA C 362 32.18 23.94 -23.58
C ALA C 362 31.78 25.06 -24.53
N PHE C 363 32.36 25.10 -25.73
CA PHE C 363 32.04 26.13 -26.71
C PHE C 363 30.57 26.15 -27.05
N TRP C 364 29.94 24.98 -27.11
CA TRP C 364 28.60 24.87 -27.67
C TRP C 364 27.50 25.34 -26.73
N PRO C 365 27.51 24.99 -25.44
CA PRO C 365 26.55 25.64 -24.52
C PRO C 365 26.78 27.14 -24.42
N LEU C 366 28.04 27.59 -24.47
CA LEU C 366 28.30 29.02 -24.41
C LEU C 366 27.70 29.74 -25.61
N VAL C 367 27.84 29.16 -26.81
CA VAL C 367 27.29 29.80 -28.00
C VAL C 367 25.77 29.86 -27.91
N GLY C 368 25.13 28.76 -27.52
CA GLY C 368 23.69 28.77 -27.36
C GLY C 368 23.22 29.82 -26.37
N TYR C 369 23.91 29.90 -25.22
CA TYR C 369 23.62 30.94 -24.24
C TYR C 369 23.70 32.33 -24.85
N LEU C 370 24.79 32.63 -25.56
CA LEU C 370 25.00 33.97 -26.12
C LEU C 370 24.12 34.22 -27.32
N ALA C 371 23.78 33.18 -28.09
CA ALA C 371 22.86 33.34 -29.22
C ALA C 371 21.49 33.78 -28.73
N GLY C 372 21.03 33.22 -27.61
CA GLY C 372 19.76 33.64 -27.05
C GLY C 372 19.78 35.07 -26.55
N LYS C 373 20.91 35.51 -25.98
CA LYS C 373 21.01 36.90 -25.55
C LYS C 373 20.98 37.85 -26.75
N ALA C 374 21.64 37.48 -27.84
CA ALA C 374 21.61 38.31 -29.03
C ALA C 374 20.26 38.22 -29.75
N VAL C 375 19.62 37.06 -29.69
CA VAL C 375 18.36 36.82 -30.40
C VAL C 375 17.33 36.26 -29.42
N PRO C 376 16.77 37.10 -28.54
CA PRO C 376 15.87 36.59 -27.50
C PRO C 376 14.44 36.36 -27.94
N ASP C 377 14.05 36.82 -29.14
CA ASP C 377 12.65 36.83 -29.51
C ASP C 377 12.38 36.47 -30.96
N CYS C 378 13.31 35.80 -31.64
CA CYS C 378 13.07 35.33 -32.99
C CYS C 378 14.03 34.19 -33.31
N ILE C 379 13.87 33.61 -34.48
CA ILE C 379 14.61 32.41 -34.89
C ILE C 379 15.91 32.87 -35.55
N PRO C 380 17.06 32.62 -34.96
CA PRO C 380 18.32 32.99 -35.61
C PRO C 380 18.84 31.88 -36.51
N LEU C 381 19.67 32.27 -37.46
CA LEU C 381 20.52 31.35 -38.21
C LEU C 381 21.95 31.60 -37.79
N LEU C 382 22.60 30.56 -37.26
CA LEU C 382 23.97 30.67 -36.79
C LEU C 382 24.91 30.29 -37.94
N ARG C 383 25.72 31.24 -38.37
CA ARG C 383 26.67 31.05 -39.46
C ARG C 383 28.09 30.94 -38.91
N GLY C 384 28.95 30.26 -39.69
CA GLY C 384 30.36 30.18 -39.39
C GLY C 384 30.80 28.95 -38.60
N LEU C 385 29.90 28.02 -38.32
CA LEU C 385 30.20 26.90 -37.42
C LEU C 385 30.10 25.54 -38.08
N GLY C 386 29.61 25.44 -39.32
CA GLY C 386 29.34 24.14 -39.91
C GLY C 386 30.54 23.21 -39.93
N ALA C 387 31.73 23.75 -40.20
CA ALA C 387 32.92 22.91 -40.27
C ALA C 387 33.34 22.37 -38.90
N ALA C 388 32.72 22.83 -37.82
CA ALA C 388 33.13 22.40 -36.49
C ALA C 388 32.56 21.04 -36.10
N LYS C 389 31.56 20.55 -36.81
CA LYS C 389 30.97 19.22 -36.59
C LYS C 389 30.53 19.03 -35.13
N PRO C 390 29.53 19.77 -34.66
CA PRO C 390 29.04 19.52 -33.30
C PRO C 390 28.35 18.17 -33.21
N SER C 391 28.54 17.49 -32.08
CA SER C 391 27.86 16.23 -31.85
C SER C 391 26.40 16.46 -31.48
N ARG C 392 25.64 15.37 -31.41
CA ARG C 392 24.27 15.50 -30.92
C ARG C 392 24.25 16.00 -29.49
N ASP C 393 25.22 15.57 -28.67
CA ASP C 393 25.30 16.05 -27.30
C ASP C 393 25.68 17.53 -27.25
N ASP C 394 26.54 17.98 -28.18
CA ASP C 394 26.88 19.39 -28.27
C ASP C 394 25.65 20.22 -28.62
N LEU C 395 24.90 19.79 -29.65
CA LEU C 395 23.69 20.51 -30.05
C LEU C 395 22.65 20.48 -28.96
N LYS C 396 22.62 19.41 -28.16
CA LYS C 396 21.69 19.32 -27.05
C LYS C 396 22.04 20.32 -25.97
N ALA C 397 23.33 20.49 -25.67
CA ALA C 397 23.75 21.49 -24.71
C ALA C 397 23.50 22.91 -25.23
N LEU C 398 23.76 23.15 -26.52
CA LEU C 398 23.54 24.46 -27.11
C LEU C 398 22.05 24.80 -27.10
N CYS C 399 21.20 23.84 -27.48
CA CYS C 399 19.77 24.11 -27.52
C CYS C 399 19.25 24.42 -26.13
N ALA C 400 19.74 23.71 -25.12
CA ALA C 400 19.31 23.96 -23.74
C ALA C 400 19.71 25.36 -23.29
N ALA C 401 20.97 25.75 -23.57
CA ALA C 401 21.43 27.07 -23.18
C ALA C 401 20.72 28.17 -23.98
N PHE C 402 20.51 27.95 -25.28
CA PHE C 402 19.67 28.86 -26.05
C PHE C 402 18.28 28.95 -25.45
N GLY C 403 17.79 27.83 -24.90
CA GLY C 403 16.49 27.78 -24.27
C GLY C 403 16.40 28.44 -22.91
N THR C 404 17.49 29.00 -22.40
CA THR C 404 17.43 29.76 -21.16
C THR C 404 17.33 31.26 -21.41
N THR C 405 18.05 31.77 -22.41
CA THR C 405 18.13 33.21 -22.64
C THR C 405 17.17 33.71 -23.73
N SER C 406 16.58 32.83 -24.51
CA SER C 406 15.69 33.24 -25.58
C SER C 406 14.30 32.64 -25.38
N ALA C 407 13.32 33.26 -26.01
CA ALA C 407 11.95 32.75 -26.06
C ALA C 407 11.69 31.88 -27.28
N SER C 408 12.63 31.85 -28.23
CA SER C 408 12.37 31.20 -29.50
C SER C 408 12.29 29.68 -29.34
N PRO C 409 11.42 29.01 -30.09
CA PRO C 409 11.37 27.54 -30.07
C PRO C 409 12.32 26.86 -31.04
N MET C 410 13.25 27.60 -31.65
CA MET C 410 13.98 27.05 -32.78
C MET C 410 15.14 27.96 -33.13
N LEU C 411 16.20 27.34 -33.68
CA LEU C 411 17.28 28.06 -34.34
C LEU C 411 17.76 27.21 -35.51
N HIS C 412 18.68 27.77 -36.30
CA HIS C 412 19.35 27.02 -37.36
C HIS C 412 20.84 27.21 -37.21
N ILE C 413 21.59 26.18 -37.61
CA ILE C 413 23.05 26.25 -37.67
C ILE C 413 23.46 25.89 -39.09
N GLU C 414 23.98 26.87 -39.82
CA GLU C 414 24.47 26.63 -41.17
C GLU C 414 25.52 25.52 -41.17
N GLY C 415 25.28 24.51 -42.00
CA GLY C 415 26.17 23.37 -42.07
C GLY C 415 25.98 22.32 -41.01
N ALA C 416 24.87 22.34 -40.27
CA ALA C 416 24.68 21.40 -39.17
C ALA C 416 23.23 20.94 -39.01
N THR C 417 22.26 21.84 -39.22
CA THR C 417 20.87 21.46 -38.94
C THR C 417 20.06 21.39 -40.25
N PRO C 418 19.08 20.47 -40.31
CA PRO C 418 18.57 20.04 -41.63
C PRO C 418 17.76 21.09 -42.38
N GLU C 419 17.28 22.14 -41.72
CA GLU C 419 16.51 23.18 -42.38
C GLU C 419 17.29 24.48 -42.51
N ALA C 420 18.60 24.46 -42.25
CA ALA C 420 19.40 25.68 -42.24
C ALA C 420 19.48 26.35 -43.61
N GLY C 421 19.10 25.67 -44.68
CA GLY C 421 19.10 26.25 -46.00
C GLY C 421 17.87 27.05 -46.36
N LEU C 422 16.89 27.13 -45.47
CA LEU C 422 15.69 27.92 -45.74
C LEU C 422 16.06 29.38 -45.99
N ALA C 423 15.47 29.97 -47.01
CA ALA C 423 15.74 31.36 -47.32
C ALA C 423 15.42 32.22 -46.11
N PRO C 424 16.38 32.99 -45.59
CA PRO C 424 16.07 33.90 -44.49
C PRO C 424 15.03 34.92 -44.93
N LEU C 425 14.32 35.46 -43.95
CA LEU C 425 13.33 36.48 -44.26
C LEU C 425 14.02 37.69 -44.88
N GLU C 426 13.32 38.33 -45.82
CA GLU C 426 13.84 39.55 -46.44
C GLU C 426 14.13 40.63 -45.41
N THR C 427 13.59 40.49 -44.20
CA THR C 427 13.74 41.45 -43.12
C THR C 427 14.86 41.09 -42.15
N ALA C 428 15.50 39.92 -42.33
CA ALA C 428 16.47 39.44 -41.35
C ALA C 428 17.75 40.26 -41.40
N GLU C 429 18.12 40.84 -40.27
CA GLU C 429 19.38 41.55 -40.13
C GLU C 429 20.49 40.59 -39.70
N THR C 430 21.73 41.09 -39.73
CA THR C 430 22.89 40.30 -39.35
C THR C 430 23.55 40.93 -38.12
N VAL C 431 23.84 40.10 -37.13
CA VAL C 431 24.63 40.50 -35.96
C VAL C 431 25.76 39.49 -35.80
N THR C 432 26.64 39.76 -34.84
CA THR C 432 27.78 38.90 -34.59
C THR C 432 27.82 38.48 -33.13
N ILE C 433 28.46 37.34 -32.89
CA ILE C 433 28.92 36.94 -31.57
C ILE C 433 30.44 36.85 -31.67
N SER C 434 31.13 37.72 -30.95
CA SER C 434 32.57 37.84 -31.05
C SER C 434 33.27 37.08 -29.94
N LEU C 435 34.61 37.00 -30.06
CA LEU C 435 35.41 36.39 -28.99
C LEU C 435 35.29 37.19 -27.69
N GLU C 436 35.19 38.51 -27.80
CA GLU C 436 34.98 39.34 -26.62
C GLU C 436 33.62 39.07 -25.98
N ASP C 437 32.58 38.89 -26.81
CA ASP C 437 31.30 38.44 -26.29
C ASP C 437 31.45 37.12 -25.54
N MET C 438 32.26 36.21 -26.08
CA MET C 438 32.41 34.89 -25.48
C MET C 438 33.16 34.94 -24.17
N ALA C 439 34.21 35.78 -24.10
CA ALA C 439 34.93 35.93 -22.84
C ALA C 439 34.03 36.50 -21.75
N ALA C 440 33.16 37.45 -22.12
CA ALA C 440 32.25 38.04 -21.15
C ALA C 440 31.24 37.00 -20.65
N GLY C 441 30.66 36.23 -21.58
CA GLY C 441 29.74 35.17 -21.17
C GLY C 441 30.40 34.15 -20.26
N TRP C 442 31.64 33.78 -20.56
CA TRP C 442 32.35 32.80 -19.74
C TRP C 442 32.53 33.32 -18.32
N SER C 443 32.97 34.57 -18.18
CA SER C 443 33.12 35.15 -16.84
C SER C 443 31.77 35.25 -16.14
N LEU C 444 30.71 35.57 -16.90
CA LEU C 444 29.39 35.73 -16.31
C LEU C 444 28.92 34.45 -15.63
N LEU C 445 29.20 33.30 -16.25
CA LEU C 445 28.75 32.01 -15.75
C LEU C 445 29.68 31.40 -14.72
N ASN C 446 30.75 32.11 -14.34
CA ASN C 446 31.78 31.58 -13.46
C ASN C 446 31.98 32.46 -12.24
N GLU C 447 30.89 32.90 -11.62
CA GLU C 447 30.94 33.76 -10.44
C GLU C 447 30.94 32.88 -9.18
N GLY C 448 32.04 32.14 -9.04
CA GLY C 448 32.24 31.28 -7.90
C GLY C 448 33.70 31.12 -7.56
N PRO C 449 34.00 30.42 -6.47
CA PRO C 449 35.39 30.19 -6.07
C PRO C 449 36.01 29.05 -6.88
N GLU C 450 37.26 28.74 -6.56
CA GLU C 450 37.91 27.64 -7.25
C GLU C 450 37.59 26.30 -6.61
N GLU C 451 37.56 26.22 -5.28
CA GLU C 451 37.18 24.99 -4.60
C GLU C 451 35.68 24.73 -4.78
N VAL C 452 35.35 23.49 -5.14
CA VAL C 452 33.96 23.07 -5.28
C VAL C 452 33.76 21.78 -4.50
N GLN C 453 32.50 21.53 -4.15
CA GLN C 453 32.12 20.31 -3.44
C GLN C 453 31.15 19.46 -4.22
N LEU C 454 30.80 19.86 -5.44
CA LEU C 454 29.81 19.14 -6.24
C LEU C 454 30.12 19.34 -7.71
N VAL C 455 30.03 18.27 -8.48
CA VAL C 455 30.08 18.32 -9.94
C VAL C 455 28.72 17.88 -10.44
N ALA C 456 28.05 18.74 -11.20
CA ALA C 456 26.66 18.56 -11.61
C ALA C 456 26.61 18.39 -13.11
N ILE C 457 26.21 17.20 -13.56
CA ILE C 457 26.16 16.86 -14.98
C ILE C 457 24.79 16.31 -15.29
N GLY C 458 24.26 16.65 -16.46
CA GLY C 458 23.03 16.05 -16.92
C GLY C 458 21.80 16.95 -16.97
N SER C 459 22.02 18.23 -17.25
CA SER C 459 20.92 19.16 -17.52
C SER C 459 21.15 19.76 -18.90
N PRO C 460 20.42 19.30 -19.93
CA PRO C 460 19.36 18.29 -19.86
C PRO C 460 19.89 16.87 -19.67
N HIS C 461 18.98 15.94 -19.36
CA HIS C 461 19.32 14.58 -18.97
C HIS C 461 20.40 13.98 -19.86
N ALA C 462 21.39 13.36 -19.24
CA ALA C 462 22.58 12.90 -19.94
C ALA C 462 22.27 11.74 -20.88
N SER C 463 22.87 11.78 -22.07
CA SER C 463 22.74 10.69 -23.02
C SER C 463 23.66 9.54 -22.62
N LEU C 464 23.51 8.41 -23.31
CA LEU C 464 24.45 7.31 -23.11
C LEU C 464 25.84 7.69 -23.58
N GLU C 465 25.93 8.40 -24.72
CA GLU C 465 27.23 8.84 -25.20
C GLU C 465 27.92 9.77 -24.20
N GLU C 466 27.13 10.55 -23.44
CA GLU C 466 27.71 11.46 -22.46
C GLU C 466 28.21 10.70 -21.23
N CYS C 467 27.44 9.72 -20.75
CA CYS C 467 27.90 8.89 -19.64
C CYS C 467 29.15 8.10 -20.03
N ARG C 468 29.21 7.64 -21.28
CA ARG C 468 30.40 6.95 -21.78
C ARG C 468 31.57 7.92 -21.89
N ALA C 469 31.32 9.12 -22.39
CA ALA C 469 32.39 10.13 -22.47
C ALA C 469 32.88 10.50 -21.08
N LEU C 470 31.97 10.56 -20.10
CA LEU C 470 32.36 10.87 -18.74
C LEU C 470 33.25 9.78 -18.15
N ALA C 471 32.82 8.52 -18.27
CA ALA C 471 33.65 7.42 -17.80
C ALA C 471 35.03 7.44 -18.45
N ALA C 472 35.11 7.84 -19.73
CA ALA C 472 36.39 7.83 -20.43
C ALA C 472 37.34 8.89 -19.90
N VAL C 473 36.83 10.07 -19.54
CA VAL C 473 37.71 11.10 -18.99
C VAL C 473 38.15 10.73 -17.58
N PHE C 474 37.28 10.04 -16.82
CA PHE C 474 37.69 9.54 -15.51
C PHE C 474 38.81 8.53 -15.64
N ASN C 475 38.82 7.74 -16.72
CA ASN C 475 39.92 6.84 -17.05
C ASN C 475 40.23 5.88 -15.90
N GLY C 476 39.18 5.38 -15.27
CA GLY C 476 39.33 4.44 -14.17
C GLY C 476 39.65 5.05 -12.83
N ARG C 477 39.76 6.37 -12.73
CA ARG C 477 40.10 7.04 -11.49
C ARG C 477 38.85 7.29 -10.64
N LYS C 478 39.07 7.44 -9.34
CA LYS C 478 37.98 7.65 -8.39
C LYS C 478 37.96 9.10 -7.91
N ARG C 479 36.75 9.62 -7.71
CA ARG C 479 36.58 11.01 -7.32
C ARG C 479 37.14 11.28 -5.93
N HIS C 480 37.60 12.51 -5.72
CA HIS C 480 37.86 13.02 -4.39
C HIS C 480 36.65 12.76 -3.49
N ALA C 481 36.92 12.28 -2.28
CA ALA C 481 35.83 12.04 -1.34
C ALA C 481 35.11 13.32 -0.93
N ASP C 482 35.74 14.49 -1.13
CA ASP C 482 35.13 15.77 -0.79
C ASP C 482 34.21 16.31 -1.88
N VAL C 483 34.25 15.75 -3.09
CA VAL C 483 33.57 16.31 -4.25
C VAL C 483 32.57 15.28 -4.73
N ALA C 484 31.29 15.49 -4.41
CA ALA C 484 30.25 14.64 -4.98
C ALA C 484 30.16 14.88 -6.49
N VAL C 485 29.89 13.81 -7.23
CA VAL C 485 29.71 13.87 -8.68
C VAL C 485 28.39 13.19 -8.98
N ILE C 486 27.42 13.96 -9.45
CA ILE C 486 26.07 13.45 -9.67
C ILE C 486 25.68 13.70 -11.11
N VAL C 487 25.19 12.65 -11.77
CA VAL C 487 24.69 12.73 -13.14
C VAL C 487 23.18 12.45 -13.07
N THR C 488 22.40 13.32 -13.70
CA THR C 488 20.96 13.10 -13.85
C THR C 488 20.71 12.61 -15.28
N ALA C 489 19.93 11.54 -15.40
CA ALA C 489 19.65 10.95 -16.69
C ALA C 489 18.31 10.25 -16.65
N GLY C 490 17.76 9.97 -17.83
CA GLY C 490 16.53 9.23 -17.92
C GLY C 490 16.71 7.76 -17.59
N GLN C 491 15.61 7.14 -17.16
CA GLN C 491 15.67 5.74 -16.74
C GLN C 491 16.14 4.83 -17.87
N GLN C 492 15.69 5.11 -19.10
CA GLN C 492 16.05 4.25 -20.23
C GLN C 492 17.54 4.32 -20.51
N VAL C 493 18.15 5.49 -20.31
CA VAL C 493 19.59 5.63 -20.53
C VAL C 493 20.36 4.95 -19.40
N ILE C 494 19.88 5.09 -18.17
CA ILE C 494 20.49 4.40 -17.03
C ILE C 494 20.43 2.89 -17.23
N ASP C 495 19.28 2.39 -17.71
CA ASP C 495 19.16 0.97 -18.01
C ASP C 495 20.18 0.56 -19.07
N ALA C 496 20.31 1.35 -20.14
CA ALA C 496 21.26 1.02 -21.20
C ALA C 496 22.69 1.05 -20.69
N ALA C 497 23.01 1.99 -19.80
CA ALA C 497 24.35 2.05 -19.23
C ALA C 497 24.60 0.89 -18.28
N GLY C 498 23.55 0.39 -17.63
CA GLY C 498 23.71 -0.80 -16.80
C GLY C 498 24.06 -2.02 -17.63
N LYS C 499 23.58 -2.08 -18.87
CA LYS C 499 23.79 -3.23 -19.73
C LYS C 499 25.12 -3.19 -20.48
N ASP C 500 25.66 -2.02 -20.76
CA ASP C 500 26.89 -1.90 -21.53
C ASP C 500 28.12 -1.63 -20.66
N GLY C 501 27.98 -1.68 -19.34
CA GLY C 501 29.09 -1.54 -18.43
C GLY C 501 29.43 -0.12 -18.02
N THR C 502 28.85 0.90 -18.66
CA THR C 502 29.17 2.28 -18.34
C THR C 502 28.71 2.65 -16.93
N LEU C 503 27.53 2.15 -16.52
CA LEU C 503 26.99 2.51 -15.21
C LEU C 503 27.89 2.04 -14.09
N GLN C 504 28.32 0.78 -14.15
CA GLN C 504 29.20 0.27 -13.11
C GLN C 504 30.54 1.00 -13.11
N SER C 505 31.03 1.36 -14.30
CA SER C 505 32.28 2.12 -14.38
C SER C 505 32.15 3.46 -13.67
N LEU C 506 31.04 4.17 -13.90
CA LEU C 506 30.84 5.46 -13.24
C LEU C 506 30.70 5.29 -11.74
N LYS C 507 30.01 4.23 -11.29
CA LYS C 507 29.91 3.97 -9.87
C LYS C 507 31.27 3.67 -9.26
N ASP C 508 32.14 3.00 -10.01
CA ASP C 508 33.49 2.75 -9.52
C ASP C 508 34.27 4.05 -9.33
N SER C 509 34.00 5.06 -10.17
CA SER C 509 34.63 6.36 -10.02
C SER C 509 33.99 7.21 -8.93
N GLY C 510 33.02 6.67 -8.20
CA GLY C 510 32.31 7.42 -7.18
C GLY C 510 31.14 8.24 -7.69
N VAL C 511 30.82 8.17 -8.98
CA VAL C 511 29.76 8.98 -9.56
C VAL C 511 28.41 8.37 -9.19
N GLN C 512 27.45 9.23 -8.85
CA GLN C 512 26.09 8.82 -8.54
C GLN C 512 25.17 9.23 -9.68
N VAL C 513 24.40 8.28 -10.20
CA VAL C 513 23.54 8.50 -11.36
C VAL C 513 22.10 8.41 -10.88
N LEU C 514 21.37 9.53 -10.98
CA LEU C 514 20.02 9.62 -10.48
C LEU C 514 19.02 9.65 -11.62
N PRO C 515 17.96 8.85 -11.55
CA PRO C 515 16.89 8.93 -12.56
C PRO C 515 15.85 9.98 -12.15
N ASP C 516 14.95 10.27 -13.09
CA ASP C 516 13.74 11.05 -12.84
C ASP C 516 14.06 12.51 -12.55
N LEU C 517 14.96 12.77 -11.62
CA LEU C 517 15.32 14.13 -11.25
C LEU C 517 16.18 14.78 -12.33
N CYS C 518 16.15 16.10 -12.34
CA CYS C 518 17.13 16.89 -13.06
C CYS C 518 17.67 17.95 -12.12
N TRP C 519 18.73 18.63 -12.57
CA TRP C 519 19.25 19.74 -11.79
C TRP C 519 18.23 20.86 -11.68
N CYS C 520 17.24 20.90 -12.58
CA CYS C 520 16.20 21.91 -12.46
C CYS C 520 15.23 21.58 -11.33
N SER C 521 15.08 20.31 -11.00
CA SER C 521 14.08 19.87 -10.03
C SER C 521 14.66 19.28 -8.76
N ILE C 522 15.97 19.00 -8.72
CA ILE C 522 16.57 18.37 -7.56
C ILE C 522 16.45 19.28 -6.33
N SER C 523 16.44 18.65 -5.15
CA SER C 523 16.35 19.39 -3.89
C SER C 523 17.13 18.65 -2.81
N GLU C 524 17.40 19.37 -1.72
CA GLU C 524 18.08 18.78 -0.57
C GLU C 524 17.20 17.69 0.06
N PRO C 525 17.81 16.64 0.62
CA PRO C 525 19.25 16.38 0.78
C PRO C 525 19.89 15.65 -0.40
N VAL C 526 19.12 15.34 -1.44
CA VAL C 526 19.69 14.69 -2.62
C VAL C 526 20.70 15.61 -3.28
N PHE C 527 20.33 16.87 -3.48
CA PHE C 527 21.32 17.92 -3.63
C PHE C 527 22.08 18.01 -2.31
N PRO C 528 23.39 17.76 -2.30
CA PRO C 528 24.11 17.62 -1.02
C PRO C 528 24.14 18.94 -0.26
N THR C 529 23.63 18.89 0.98
CA THR C 529 23.55 20.10 1.80
C THR C 529 24.92 20.69 2.10
N LYS C 530 25.96 19.86 2.15
CA LYS C 530 27.31 20.36 2.39
C LYS C 530 27.79 21.30 1.31
N THR C 531 27.15 21.29 0.14
CA THR C 531 27.65 22.03 -1.01
C THR C 531 27.61 23.53 -0.75
N ARG C 532 28.75 24.19 -0.99
CA ARG C 532 28.82 25.64 -1.03
C ARG C 532 29.05 26.18 -2.43
N ALA C 533 29.77 25.44 -3.26
CA ALA C 533 30.01 25.80 -4.66
C ALA C 533 29.98 24.55 -5.50
N LEU C 534 29.43 24.65 -6.71
CA LEU C 534 29.32 23.50 -7.59
C LEU C 534 29.90 23.85 -8.95
N MET C 535 30.27 22.81 -9.68
CA MET C 535 30.80 22.94 -11.03
C MET C 535 29.94 22.11 -11.98
N THR C 536 29.52 22.72 -13.08
CA THR C 536 28.66 22.06 -14.05
C THR C 536 29.20 22.31 -15.45
N ASN C 537 28.89 21.41 -16.36
CA ASN C 537 29.12 21.63 -17.78
C ASN C 537 27.86 22.11 -18.49
N SER C 538 26.78 22.33 -17.74
CA SER C 538 25.52 22.78 -18.29
C SER C 538 25.50 24.31 -18.35
N GLY C 539 25.31 24.85 -19.55
CA GLY C 539 25.08 26.28 -19.66
C GLY C 539 23.74 26.67 -19.08
N LYS C 540 22.74 25.80 -19.22
CA LYS C 540 21.43 26.05 -18.64
C LYS C 540 21.47 26.09 -17.12
N TYR C 541 22.08 25.07 -16.51
CA TYR C 541 22.14 25.04 -15.06
C TYR C 541 23.12 26.06 -14.50
N ALA C 542 24.14 26.43 -15.27
CA ALA C 542 25.02 27.50 -14.82
C ALA C 542 24.24 28.79 -14.63
N HIS C 543 23.28 29.06 -15.51
CA HIS C 543 22.45 30.25 -15.38
C HIS C 543 21.44 30.12 -14.25
N TYR C 544 20.70 29.00 -14.22
CA TYR C 544 19.62 28.83 -13.26
C TYR C 544 20.10 28.44 -11.87
N GLY C 545 21.23 27.75 -11.79
CA GLY C 545 21.70 27.13 -10.57
C GLY C 545 21.91 28.04 -9.38
N PRO C 546 22.53 29.21 -9.55
CA PRO C 546 22.68 30.10 -8.38
C PRO C 546 21.35 30.45 -7.72
N GLY C 547 20.36 30.88 -8.50
CA GLY C 547 19.07 31.23 -7.92
C GLY C 547 18.28 30.03 -7.45
N LEU C 548 18.43 28.89 -8.12
CA LEU C 548 17.68 27.69 -7.71
C LEU C 548 18.24 27.10 -6.42
N SER C 549 19.56 27.09 -6.27
CA SER C 549 20.21 26.35 -5.20
C SER C 549 20.78 27.21 -4.09
N GLY C 550 21.06 28.49 -4.35
CA GLY C 550 21.71 29.33 -3.37
C GLY C 550 23.21 29.15 -3.30
N ARG C 551 23.79 28.28 -4.12
CA ARG C 551 25.22 28.04 -4.11
C ARG C 551 25.89 28.85 -5.20
N ALA C 552 27.19 29.05 -5.05
CA ALA C 552 27.99 29.59 -6.14
C ALA C 552 28.15 28.51 -7.21
N VAL C 553 28.23 28.95 -8.46
CA VAL C 553 28.25 28.04 -9.60
C VAL C 553 29.44 28.35 -10.49
N ARG C 554 30.12 27.30 -10.93
CA ARG C 554 31.19 27.39 -11.92
C ARG C 554 30.77 26.61 -13.15
N PHE C 555 31.32 27.00 -14.30
CA PHE C 555 30.94 26.45 -15.58
C PHE C 555 32.19 26.10 -16.38
N GLY C 556 32.22 24.91 -16.95
CA GLY C 556 33.37 24.50 -17.73
C GLY C 556 33.05 23.32 -18.63
N SER C 557 34.11 22.78 -19.22
CA SER C 557 34.00 21.62 -20.09
C SER C 557 33.83 20.35 -19.27
N LEU C 558 33.53 19.25 -19.97
CA LEU C 558 33.44 17.95 -19.32
C LEU C 558 34.74 17.58 -18.62
N ALA C 559 35.88 17.85 -19.27
CA ALA C 559 37.17 17.55 -18.66
C ALA C 559 37.44 18.47 -17.48
N ASP C 560 37.06 19.74 -17.59
CA ASP C 560 37.16 20.66 -16.45
C ASP C 560 36.38 20.12 -15.26
N CYS C 561 35.20 19.55 -15.51
CA CYS C 561 34.38 18.99 -14.44
C CYS C 561 35.06 17.79 -13.80
N VAL C 562 35.55 16.85 -14.62
CA VAL C 562 36.21 15.67 -14.11
C VAL C 562 37.46 16.07 -13.33
N GLU C 563 38.22 17.05 -13.82
CA GLU C 563 39.39 17.50 -13.09
C GLU C 563 38.99 18.09 -11.74
N SER C 564 37.87 18.81 -11.69
CA SER C 564 37.33 19.29 -10.42
C SER C 564 37.05 18.13 -9.48
N ALA C 565 36.47 17.05 -10.01
CA ALA C 565 36.14 15.90 -9.18
C ALA C 565 37.39 15.23 -8.63
N LEU C 566 38.48 15.24 -9.39
CA LEU C 566 39.70 14.55 -8.98
C LEU C 566 40.62 15.42 -8.14
N THR C 567 40.63 16.74 -8.36
CA THR C 567 41.53 17.64 -7.64
C THR C 567 40.84 18.47 -6.57
N GLY C 568 39.50 18.52 -6.55
CA GLY C 568 38.79 19.30 -5.57
C GLY C 568 38.57 20.75 -5.92
N ARG C 569 39.09 21.22 -7.05
CA ARG C 569 38.88 22.60 -7.45
C ARG C 569 38.95 22.72 -8.96
N ALA C 570 38.30 23.76 -9.47
CA ALA C 570 38.35 24.12 -10.89
C ALA C 570 39.12 25.42 -11.03
N VAL C 571 40.20 25.39 -11.82
CA VAL C 571 40.99 26.59 -12.04
C VAL C 571 40.11 27.67 -12.65
N SER C 572 40.28 28.89 -12.17
CA SER C 572 39.50 30.04 -12.65
C SER C 572 40.27 30.69 -13.78
N ARG C 573 39.91 30.35 -15.01
CA ARG C 573 40.64 30.85 -16.16
C ARG C 573 39.76 30.76 -17.41
N LEU C 574 40.01 31.68 -18.34
CA LEU C 574 39.41 31.57 -19.64
C LEU C 574 39.94 30.32 -20.35
N PRO C 575 39.12 29.67 -21.17
CA PRO C 575 39.59 28.49 -21.88
C PRO C 575 40.63 28.86 -22.93
N VAL C 576 41.39 27.85 -23.36
CA VAL C 576 42.51 28.10 -24.26
C VAL C 576 42.03 28.72 -25.58
N TRP C 577 40.85 28.32 -26.05
CA TRP C 577 40.33 28.87 -27.30
C TRP C 577 39.84 30.31 -27.16
N LEU C 578 39.96 30.91 -25.99
CA LEU C 578 39.68 32.33 -25.79
C LEU C 578 40.93 33.13 -25.46
N SER C 579 42.11 32.52 -25.60
CA SER C 579 43.37 33.17 -25.26
C SER C 579 44.05 33.77 -26.48
N PRO D 21 -22.35 -26.92 11.46
CA PRO D 21 -22.15 -27.00 12.92
C PRO D 21 -20.96 -26.17 13.40
N GLU D 22 -21.16 -24.89 13.70
CA GLU D 22 -20.03 -24.04 14.04
C GLU D 22 -20.44 -22.94 15.01
N ALA D 23 -19.43 -22.39 15.66
CA ALA D 23 -19.55 -21.26 16.59
C ALA D 23 -18.42 -20.29 16.29
N ARG D 24 -18.77 -19.04 16.01
CA ARG D 24 -17.79 -18.05 15.57
C ARG D 24 -17.73 -16.89 16.56
N SER D 25 -16.52 -16.51 16.95
CA SER D 25 -16.28 -15.40 17.85
C SER D 25 -16.43 -14.08 17.10
N ILE D 26 -17.39 -13.26 17.49
CA ILE D 26 -17.51 -11.92 16.90
C ILE D 26 -16.70 -10.90 17.71
N LEU D 27 -16.79 -10.98 19.03
CA LEU D 27 -15.93 -10.23 19.94
C LEU D 27 -15.45 -11.20 21.02
N ALA D 28 -14.14 -11.27 21.21
CA ALA D 28 -13.57 -12.26 22.10
C ALA D 28 -13.88 -11.93 23.55
N GLY D 29 -13.80 -12.96 24.39
CA GLY D 29 -14.06 -12.79 25.81
C GLY D 29 -14.51 -14.09 26.42
N ALA D 30 -14.69 -14.05 27.74
CA ALA D 30 -15.10 -15.21 28.50
C ALA D 30 -16.22 -14.84 29.45
N ALA D 31 -17.20 -15.72 29.59
CA ALA D 31 -18.37 -15.44 30.40
C ALA D 31 -19.05 -16.75 30.79
N GLU D 32 -19.81 -16.69 31.89
CA GLU D 32 -20.58 -17.81 32.40
C GLU D 32 -21.91 -17.29 32.92
N GLY D 33 -22.93 -18.13 32.87
CA GLY D 33 -24.18 -17.76 33.50
C GLY D 33 -25.35 -18.58 32.99
N LYS D 34 -26.50 -18.30 33.59
CA LYS D 34 -27.77 -18.87 33.14
C LYS D 34 -27.96 -18.65 31.65
N VAL D 35 -28.68 -19.57 31.01
CA VAL D 35 -29.13 -19.37 29.65
C VAL D 35 -30.45 -18.63 29.70
N ILE D 36 -30.52 -17.48 29.03
CA ILE D 36 -31.75 -16.76 28.77
C ILE D 36 -31.94 -16.80 27.26
N ALA D 37 -32.96 -17.53 26.81
CA ALA D 37 -33.13 -17.83 25.39
C ALA D 37 -34.48 -17.33 24.91
N THR D 38 -34.53 -17.01 23.62
CA THR D 38 -35.76 -16.55 22.98
C THR D 38 -35.59 -16.72 21.48
N THR D 39 -36.72 -16.76 20.77
CA THR D 39 -36.75 -16.85 19.32
C THR D 39 -37.16 -15.54 18.66
N GLU D 40 -37.46 -14.51 19.44
CA GLU D 40 -37.90 -13.23 18.91
C GLU D 40 -36.86 -12.16 19.25
N ALA D 41 -36.49 -11.36 18.26
CA ALA D 41 -35.49 -10.31 18.47
C ALA D 41 -35.99 -9.29 19.49
N LEU D 42 -35.02 -8.62 20.14
CA LEU D 42 -35.30 -7.65 21.18
C LEU D 42 -34.49 -6.38 20.95
N SER D 43 -35.11 -5.23 21.19
CA SER D 43 -34.44 -3.94 21.12
C SER D 43 -34.01 -3.55 22.54
N PHE D 44 -32.71 -3.38 22.75
CA PHE D 44 -32.25 -3.07 24.10
C PHE D 44 -32.72 -1.69 24.54
N TRP D 45 -32.69 -0.71 23.67
CA TRP D 45 -33.38 0.54 24.00
C TRP D 45 -34.88 0.31 23.92
N GLY D 46 -35.60 0.78 24.94
CA GLY D 46 -37.03 0.59 25.00
C GLY D 46 -37.47 -0.81 25.38
N GLY D 47 -36.62 -1.82 25.23
CA GLY D 47 -36.97 -3.17 25.60
C GLY D 47 -36.25 -3.67 26.84
N VAL D 48 -35.21 -2.94 27.26
CA VAL D 48 -34.46 -3.29 28.47
C VAL D 48 -34.26 -2.02 29.30
N ASP D 49 -34.58 -2.10 30.58
CA ASP D 49 -34.37 -0.99 31.51
C ASP D 49 -32.92 -0.95 31.94
N PRO D 50 -32.18 0.13 31.68
CA PRO D 50 -30.77 0.17 32.13
C PRO D 50 -30.62 0.13 33.64
N ALA D 51 -31.63 0.59 34.38
CA ALA D 51 -31.51 0.69 35.84
C ALA D 51 -31.61 -0.66 36.52
N THR D 52 -32.22 -1.66 35.89
CA THR D 52 -32.42 -2.96 36.49
C THR D 52 -31.96 -4.13 35.65
N GLY D 53 -31.75 -3.96 34.34
CA GLY D 53 -31.48 -5.07 33.46
C GLY D 53 -32.69 -5.87 33.06
N LYS D 54 -33.88 -5.50 33.53
CA LYS D 54 -35.08 -6.26 33.24
C LYS D 54 -35.60 -5.92 31.85
N VAL D 55 -36.19 -6.91 31.19
CA VAL D 55 -36.84 -6.69 29.91
C VAL D 55 -38.17 -5.99 30.15
N ILE D 56 -38.40 -4.90 29.43
CA ILE D 56 -39.57 -4.07 29.64
C ILE D 56 -40.50 -4.01 28.43
N ASP D 57 -40.07 -4.51 27.27
CA ASP D 57 -40.94 -4.69 26.11
C ASP D 57 -42.12 -5.58 26.50
N VAL D 58 -43.30 -4.98 26.70
CA VAL D 58 -44.45 -5.75 27.17
C VAL D 58 -44.96 -6.76 26.15
N HIS D 59 -44.51 -6.69 24.91
CA HIS D 59 -44.91 -7.63 23.87
C HIS D 59 -43.83 -8.67 23.57
N HIS D 60 -42.79 -8.76 24.40
CA HIS D 60 -41.74 -9.72 24.14
C HIS D 60 -41.82 -10.91 25.10
N PRO D 61 -41.49 -12.11 24.63
CA PRO D 61 -41.56 -13.29 25.51
C PRO D 61 -40.71 -13.20 26.77
N LEU D 62 -39.63 -12.42 26.76
CA LEU D 62 -38.74 -12.30 27.90
C LEU D 62 -39.16 -11.21 28.88
N HIS D 63 -40.36 -10.65 28.71
CA HIS D 63 -40.76 -9.48 29.50
C HIS D 63 -40.75 -9.81 31.00
N GLY D 64 -40.12 -8.93 31.78
CA GLY D 64 -40.06 -9.07 33.21
C GLY D 64 -38.83 -9.80 33.74
N ILE D 65 -38.08 -10.46 32.87
CA ILE D 65 -36.94 -11.28 33.28
C ILE D 65 -35.68 -10.43 33.25
N CYS D 66 -34.98 -10.38 34.38
CA CYS D 66 -33.72 -9.66 34.46
C CYS D 66 -32.62 -10.45 33.77
N LEU D 67 -31.82 -9.77 32.93
CA LEU D 67 -30.80 -10.42 32.13
C LEU D 67 -29.42 -10.38 32.78
N THR D 68 -29.28 -9.70 33.93
CA THR D 68 -27.99 -9.52 34.57
C THR D 68 -27.29 -10.85 34.81
N GLY D 69 -26.08 -10.98 34.28
CA GLY D 69 -25.27 -12.16 34.46
C GLY D 69 -25.64 -13.34 33.58
N GLY D 70 -26.75 -13.28 32.86
CA GLY D 70 -27.14 -14.38 32.00
C GLY D 70 -26.48 -14.33 30.64
N VAL D 71 -26.59 -15.44 29.92
CA VAL D 71 -26.10 -15.55 28.55
C VAL D 71 -27.31 -15.44 27.63
N LEU D 72 -27.46 -14.29 26.98
CA LEU D 72 -28.66 -14.01 26.20
C LEU D 72 -28.59 -14.71 24.85
N PHE D 73 -29.58 -15.56 24.58
CA PHE D 73 -29.72 -16.27 23.32
C PHE D 73 -30.90 -15.66 22.57
N MET D 74 -30.62 -15.00 21.44
CA MET D 74 -31.69 -14.48 20.60
C MET D 74 -31.19 -14.40 19.18
N PRO D 75 -32.07 -14.50 18.19
CA PRO D 75 -31.60 -14.55 16.78
C PRO D 75 -30.72 -13.38 16.41
N THR D 76 -31.17 -12.17 16.71
CA THR D 76 -30.47 -10.93 16.40
C THR D 76 -31.19 -9.82 17.15
N SER D 77 -30.86 -8.58 16.82
CA SER D 77 -31.54 -7.44 17.42
C SER D 77 -32.70 -7.00 16.53
N ARG D 78 -33.47 -6.04 17.03
CA ARG D 78 -34.45 -5.35 16.22
C ARG D 78 -34.60 -3.95 16.78
N GLY D 79 -35.20 -3.08 15.98
CA GLY D 79 -35.71 -1.80 16.49
C GLY D 79 -34.62 -0.72 16.56
N ALA D 80 -34.39 -0.21 17.76
CA ALA D 80 -33.73 1.08 17.92
C ALA D 80 -32.22 1.01 17.74
N CYS D 81 -31.66 2.09 17.19
CA CYS D 81 -30.20 2.26 17.15
C CYS D 81 -29.61 2.54 18.52
N THR D 82 -30.45 2.87 19.49
CA THR D 82 -30.00 3.30 20.81
C THR D 82 -29.65 2.13 21.72
N GLY D 83 -29.82 0.89 21.25
CA GLY D 83 -29.46 -0.26 22.08
C GLY D 83 -27.99 -0.32 22.42
N SER D 84 -27.13 0.25 21.57
CA SER D 84 -25.70 0.24 21.87
C SER D 84 -25.40 1.00 23.15
N GLY D 85 -26.00 2.18 23.32
CA GLY D 85 -25.79 2.92 24.56
C GLY D 85 -26.39 2.23 25.76
N VAL D 86 -27.56 1.62 25.60
CA VAL D 86 -28.18 0.90 26.71
C VAL D 86 -27.30 -0.29 27.11
N LEU D 87 -26.79 -1.02 26.12
CA LEU D 87 -25.89 -2.14 26.43
C LEU D 87 -24.60 -1.64 27.07
N LEU D 88 -24.06 -0.52 26.58
CA LEU D 88 -22.84 0.02 27.16
C LEU D 88 -23.04 0.36 28.64
N ASP D 89 -24.14 1.03 28.96
CA ASP D 89 -24.40 1.37 30.35
C ASP D 89 -24.54 0.12 31.21
N LEU D 90 -25.24 -0.90 30.70
CA LEU D 90 -25.39 -2.15 31.43
C LEU D 90 -24.03 -2.78 31.71
N ILE D 91 -23.11 -2.70 30.73
CA ILE D 91 -21.77 -3.23 30.94
C ILE D 91 -21.03 -2.44 32.01
N LEU D 92 -21.17 -1.11 32.00
CA LEU D 92 -20.44 -0.27 32.94
C LEU D 92 -20.98 -0.36 34.36
N THR D 93 -22.24 -0.76 34.55
CA THR D 93 -22.83 -0.87 35.88
C THR D 93 -22.83 -2.28 36.42
N GLY D 94 -22.47 -3.27 35.61
CA GLY D 94 -22.51 -4.66 36.02
C GLY D 94 -23.84 -5.35 35.83
N ARG D 95 -24.85 -4.64 35.33
CA ARG D 95 -26.19 -5.20 35.14
C ARG D 95 -26.36 -5.88 33.79
N ALA D 96 -25.33 -5.88 32.95
CA ALA D 96 -25.45 -6.45 31.63
C ALA D 96 -25.58 -7.97 31.70
N PRO D 97 -26.03 -8.61 30.63
CA PRO D 97 -25.85 -10.05 30.50
C PRO D 97 -24.38 -10.41 30.41
N SER D 98 -24.05 -11.62 30.85
CA SER D 98 -22.67 -12.08 30.82
C SER D 98 -22.14 -12.11 29.39
N ALA D 99 -22.97 -12.52 28.45
CA ALA D 99 -22.55 -12.65 27.06
C ALA D 99 -23.77 -12.58 26.16
N LEU D 100 -23.51 -12.41 24.86
CA LEU D 100 -24.54 -12.41 23.84
C LEU D 100 -24.23 -13.51 22.84
N VAL D 101 -25.25 -14.27 22.45
CA VAL D 101 -25.12 -15.27 21.40
C VAL D 101 -26.22 -15.04 20.38
N PHE D 102 -25.84 -14.85 19.12
CA PHE D 102 -26.77 -14.71 18.01
C PHE D 102 -26.64 -15.91 17.08
N CYS D 103 -27.57 -15.98 16.12
CA CYS D 103 -27.45 -16.93 15.02
C CYS D 103 -27.57 -16.25 13.66
N GLU D 104 -27.58 -14.92 13.63
CA GLU D 104 -27.52 -14.15 12.39
C GLU D 104 -26.69 -12.89 12.64
N ALA D 105 -26.52 -12.10 11.57
CA ALA D 105 -25.80 -10.85 11.67
C ALA D 105 -26.49 -9.90 12.65
N GLU D 106 -25.69 -9.03 13.28
CA GLU D 106 -26.19 -8.10 14.27
C GLU D 106 -25.22 -6.93 14.35
N ASP D 107 -25.76 -5.72 14.53
CA ASP D 107 -24.95 -4.50 14.57
C ASP D 107 -25.05 -3.77 15.90
N VAL D 108 -26.26 -3.55 16.40
CA VAL D 108 -26.47 -2.53 17.43
C VAL D 108 -25.81 -2.95 18.74
N LEU D 109 -26.09 -4.17 19.21
CA LEU D 109 -25.49 -4.62 20.47
C LEU D 109 -23.99 -4.87 20.29
N THR D 110 -23.60 -5.39 19.14
CA THR D 110 -22.19 -5.65 18.87
C THR D 110 -21.37 -4.35 18.86
N LEU D 111 -21.92 -3.30 18.21
CA LEU D 111 -21.26 -2.00 18.26
C LEU D 111 -21.15 -1.51 19.70
N GLY D 112 -22.22 -1.63 20.47
CA GLY D 112 -22.17 -1.24 21.87
C GLY D 112 -21.12 -2.00 22.65
N ALA D 113 -21.05 -3.31 22.44
CA ALA D 113 -20.00 -4.10 23.07
C ALA D 113 -18.63 -3.73 22.52
N LEU D 114 -18.54 -3.41 21.24
CA LEU D 114 -17.26 -3.02 20.65
C LEU D 114 -16.76 -1.70 21.25
N VAL D 115 -17.65 -0.73 21.43
CA VAL D 115 -17.25 0.53 22.06
C VAL D 115 -16.81 0.28 23.49
N ALA D 116 -17.45 -0.68 24.17
CA ALA D 116 -17.06 -1.02 25.53
C ALA D 116 -15.62 -1.50 25.59
N ALA D 117 -15.21 -2.32 24.63
CA ALA D 117 -13.83 -2.81 24.61
C ALA D 117 -12.87 -1.72 24.18
N GLU D 118 -13.23 -0.95 23.14
CA GLU D 118 -12.32 0.04 22.59
C GLU D 118 -12.07 1.19 23.56
N MET D 119 -13.14 1.70 24.19
CA MET D 119 -13.05 2.95 24.92
C MET D 119 -13.21 2.82 26.43
N PHE D 120 -13.77 1.71 26.92
CA PHE D 120 -14.09 1.58 28.33
C PHE D 120 -13.44 0.34 28.96
N ASP D 121 -12.61 -0.39 28.21
CA ASP D 121 -11.80 -1.50 28.69
C ASP D 121 -12.62 -2.61 29.33
N LYS D 122 -13.88 -2.78 28.93
CA LYS D 122 -14.69 -3.91 29.36
C LYS D 122 -14.93 -4.83 28.17
N ALA D 123 -14.72 -6.12 28.37
CA ALA D 123 -14.91 -7.12 27.33
C ALA D 123 -16.21 -7.88 27.56
N LEU D 124 -17.04 -7.95 26.54
CA LEU D 124 -18.26 -8.75 26.58
C LEU D 124 -18.25 -9.71 25.39
N PRO D 125 -18.25 -11.02 25.62
CA PRO D 125 -18.17 -11.96 24.50
C PRO D 125 -19.47 -11.93 23.69
N VAL D 126 -19.33 -11.87 22.37
CA VAL D 126 -20.44 -11.97 21.44
C VAL D 126 -20.11 -13.07 20.44
N ILE D 127 -20.94 -14.10 20.38
CA ILE D 127 -20.70 -15.27 19.54
C ILE D 127 -21.90 -15.49 18.65
N ARG D 128 -21.65 -15.86 17.40
CA ARG D 128 -22.70 -16.28 16.48
C ARG D 128 -22.58 -17.77 16.23
N LEU D 129 -23.70 -18.49 16.42
CA LEU D 129 -23.80 -19.90 16.08
C LEU D 129 -24.52 -20.06 14.75
N ASP D 130 -24.57 -21.30 14.28
CA ASP D 130 -25.48 -21.63 13.20
C ASP D 130 -26.89 -21.83 13.77
N THR D 131 -27.86 -21.91 12.86
CA THR D 131 -29.25 -22.03 13.26
C THR D 131 -29.47 -23.23 14.16
N GLU D 132 -28.94 -24.40 13.76
CA GLU D 132 -29.24 -25.64 14.48
C GLU D 132 -28.57 -25.66 15.85
N THR D 133 -27.31 -25.23 15.92
CA THR D 133 -26.63 -25.16 17.22
C THR D 133 -27.26 -24.11 18.12
N PHE D 134 -27.82 -23.05 17.54
CA PHE D 134 -28.51 -22.05 18.34
C PHE D 134 -29.69 -22.67 19.08
N ALA D 135 -30.56 -23.37 18.35
CA ALA D 135 -31.70 -24.05 18.99
C ALA D 135 -31.22 -25.07 20.02
N ARG D 136 -30.17 -25.82 19.70
CA ARG D 136 -29.63 -26.81 20.63
C ARG D 136 -29.18 -26.13 21.92
N PHE D 137 -28.23 -25.20 21.81
CA PHE D 137 -27.74 -24.50 22.98
C PHE D 137 -28.81 -23.64 23.65
N SER D 138 -29.88 -23.29 22.91
CA SER D 138 -30.98 -22.55 23.52
C SER D 138 -31.70 -23.39 24.57
N ARG D 139 -31.89 -24.68 24.30
CA ARG D 139 -32.59 -25.56 25.22
C ARG D 139 -31.78 -25.90 26.45
N ALA D 140 -30.55 -25.41 26.56
CA ALA D 140 -29.69 -25.71 27.70
C ALA D 140 -30.09 -24.86 28.91
N ALA D 141 -29.37 -25.05 30.01
CA ALA D 141 -29.59 -24.29 31.23
C ALA D 141 -28.38 -23.50 31.70
N HIS D 142 -27.18 -23.86 31.28
CA HIS D 142 -25.98 -23.11 31.62
C HIS D 142 -25.02 -23.15 30.43
N VAL D 143 -24.42 -21.99 30.14
CA VAL D 143 -23.41 -21.86 29.10
C VAL D 143 -22.20 -21.18 29.73
N ARG D 144 -21.00 -21.64 29.35
CA ARG D 144 -19.79 -20.88 29.61
C ARG D 144 -19.05 -20.63 28.30
N ILE D 145 -18.49 -19.43 28.18
CA ILE D 145 -17.78 -19.00 26.99
C ILE D 145 -16.33 -18.71 27.35
N ASP D 146 -15.41 -19.17 26.52
CA ASP D 146 -14.02 -18.77 26.59
C ASP D 146 -13.55 -18.46 25.17
N GLN D 147 -12.37 -17.87 25.04
CA GLN D 147 -11.91 -17.45 23.71
C GLN D 147 -11.78 -18.62 22.74
N ASN D 148 -11.77 -19.85 23.27
CA ASN D 148 -11.58 -21.07 22.51
C ASN D 148 -12.85 -21.89 22.36
N THR D 149 -13.64 -22.00 23.44
CA THR D 149 -14.72 -22.97 23.53
C THR D 149 -16.04 -22.31 23.92
N ILE D 150 -17.14 -22.79 23.34
CA ILE D 150 -18.50 -22.54 23.80
C ILE D 150 -19.07 -23.87 24.27
N LYS D 151 -19.70 -23.90 25.45
CA LYS D 151 -20.22 -25.21 25.85
C LYS D 151 -21.29 -25.14 26.91
N ALA D 152 -22.46 -25.64 26.53
CA ALA D 152 -23.64 -25.57 27.35
C ALA D 152 -24.04 -26.96 27.84
N ASP D 153 -24.15 -27.11 29.15
CA ASP D 153 -24.85 -28.25 29.75
C ASP D 153 -24.23 -29.59 29.33
N GLY D 154 -22.91 -29.62 29.18
CA GLY D 154 -22.17 -30.87 29.08
C GLY D 154 -21.48 -31.15 27.76
N VAL D 155 -21.99 -30.62 26.64
CA VAL D 155 -21.26 -30.65 25.37
C VAL D 155 -20.32 -29.45 25.30
N SER D 156 -19.13 -29.64 24.70
CA SER D 156 -18.24 -28.52 24.40
C SER D 156 -18.04 -28.37 22.89
N LEU D 157 -18.02 -27.11 22.42
CA LEU D 157 -17.85 -26.79 21.01
C LEU D 157 -16.77 -25.72 20.83
N ALA D 158 -15.88 -25.95 19.88
CA ALA D 158 -14.82 -25.00 19.58
C ALA D 158 -15.38 -23.70 19.01
N VAL D 159 -14.74 -22.59 19.34
CA VAL D 159 -15.07 -21.28 18.80
C VAL D 159 -14.02 -20.91 17.76
N ALA D 160 -14.48 -20.54 16.58
CA ALA D 160 -13.61 -20.10 15.51
C ALA D 160 -13.02 -18.73 15.85
N PRO D 161 -11.91 -18.35 15.21
CA PRO D 161 -11.37 -17.01 15.43
C PRO D 161 -12.22 -15.97 14.75
N PRO D 162 -12.25 -14.74 15.25
CA PRO D 162 -13.05 -13.68 14.62
C PRO D 162 -12.67 -13.46 13.16
N ALA D 163 -13.49 -12.68 12.48
CA ALA D 163 -13.24 -12.35 11.09
C ALA D 163 -12.04 -11.42 10.99
N THR D 164 -10.97 -11.91 10.38
CA THR D 164 -9.89 -11.01 10.00
C THR D 164 -10.39 -10.08 8.91
N ALA D 165 -9.94 -8.83 8.96
CA ALA D 165 -10.36 -7.88 7.95
C ALA D 165 -9.79 -8.27 6.59
N HIS D 166 -10.59 -8.08 5.56
CA HIS D 166 -10.09 -8.03 4.19
C HIS D 166 -10.49 -6.70 3.58
N LEU D 167 -10.47 -5.65 4.40
CA LEU D 167 -10.94 -4.33 4.00
C LEU D 167 -9.82 -3.52 3.38
N ASP D 168 -10.19 -2.75 2.36
CA ASP D 168 -9.28 -1.86 1.66
C ASP D 168 -9.33 -0.47 2.30
N LEU D 169 -8.17 0.14 2.48
CA LEU D 169 -8.07 1.44 3.14
C LEU D 169 -7.31 2.41 2.25
N THR D 170 -7.91 3.56 1.98
CA THR D 170 -7.25 4.60 1.21
C THR D 170 -6.09 5.21 2.02
N ASP D 171 -5.37 6.13 1.38
CA ASP D 171 -4.28 6.82 2.07
C ASP D 171 -4.80 7.63 3.25
N ASP D 172 -5.87 8.38 3.04
CA ASP D 172 -6.44 9.19 4.11
C ASP D 172 -7.08 8.34 5.19
N ASP D 173 -7.58 7.15 4.83
CA ASP D 173 -8.03 6.19 5.84
C ASP D 173 -6.89 5.83 6.79
N ARG D 174 -5.78 5.34 6.23
CA ARG D 174 -4.64 4.94 7.05
C ARG D 174 -4.08 6.10 7.85
N ALA D 175 -4.11 7.31 7.28
CA ALA D 175 -3.66 8.49 8.01
C ALA D 175 -4.54 8.72 9.24
N MET D 176 -5.86 8.70 9.06
CA MET D 176 -6.76 8.89 10.19
C MET D 176 -6.58 7.81 11.24
N LEU D 177 -6.28 6.58 10.81
CA LEU D 177 -6.20 5.46 11.75
C LEU D 177 -4.94 5.54 12.61
N GLU D 178 -3.87 6.18 12.12
CA GLU D 178 -2.64 6.29 12.88
C GLU D 178 -2.50 7.64 13.57
N GLY D 179 -3.59 8.39 13.69
CA GLY D 179 -3.60 9.59 14.50
C GLY D 179 -3.19 10.88 13.81
N ARG D 180 -3.04 10.88 12.48
CA ARG D 180 -2.63 12.09 11.78
C ARG D 180 -3.62 13.23 11.96
N ASP D 181 -4.88 12.93 12.28
CA ASP D 181 -5.89 13.95 12.51
C ASP D 181 -6.30 14.02 13.97
N GLY D 182 -5.41 13.64 14.88
CA GLY D 182 -5.71 13.64 16.30
C GLY D 182 -6.24 12.29 16.77
N ILE D 183 -6.29 12.16 18.11
CA ILE D 183 -6.65 10.88 18.71
C ILE D 183 -8.14 10.60 18.55
N ALA D 184 -8.98 11.64 18.61
CA ALA D 184 -10.42 11.44 18.50
C ALA D 184 -10.80 10.83 17.16
N VAL D 185 -10.26 11.37 16.08
CA VAL D 185 -10.53 10.83 14.75
C VAL D 185 -10.02 9.40 14.65
N ARG D 186 -8.89 9.10 15.28
CA ARG D 186 -8.35 7.75 15.25
C ARG D 186 -9.30 6.76 15.93
N GLN D 187 -9.79 7.11 17.12
CA GLN D 187 -10.70 6.23 17.83
C GLN D 187 -11.97 5.98 17.02
N ALA D 188 -12.42 7.01 16.30
CA ALA D 188 -13.57 6.86 15.42
C ALA D 188 -13.28 5.89 14.29
N MET D 189 -12.11 6.01 13.67
CA MET D 189 -11.74 5.11 12.57
C MET D 189 -11.55 3.68 13.07
N ARG D 190 -10.98 3.52 14.27
CA ARG D 190 -10.82 2.18 14.82
C ARG D 190 -12.17 1.50 15.03
N ILE D 191 -13.16 2.24 15.51
CA ILE D 191 -14.49 1.67 15.70
C ILE D 191 -15.13 1.35 14.35
N ILE D 192 -14.98 2.25 13.38
CA ILE D 192 -15.55 2.03 12.05
C ILE D 192 -14.92 0.81 11.40
N VAL D 193 -13.58 0.75 11.41
CA VAL D 193 -12.87 -0.36 10.75
C VAL D 193 -13.26 -1.68 11.40
N ALA D 194 -13.35 -1.71 12.73
CA ALA D 194 -13.78 -2.92 13.42
C ALA D 194 -15.20 -3.29 13.01
N MET D 195 -16.10 -2.29 12.92
CA MET D 195 -17.46 -2.56 12.48
C MET D 195 -17.47 -3.08 11.05
N ALA D 196 -16.68 -2.47 10.17
CA ALA D 196 -16.59 -2.96 8.80
C ALA D 196 -16.06 -4.39 8.75
N ALA D 197 -15.17 -4.76 9.67
CA ALA D 197 -14.58 -6.09 9.65
C ALA D 197 -15.61 -7.15 10.00
N GLN D 198 -16.47 -6.89 11.00
CA GLN D 198 -17.46 -7.88 11.40
C GLN D 198 -18.60 -8.00 10.40
N GLN D 199 -18.83 -6.96 9.60
CA GLN D 199 -19.83 -7.00 8.54
C GLN D 199 -19.28 -7.57 7.24
N GLY D 200 -18.06 -8.12 7.26
CA GLY D 200 -17.45 -8.61 6.04
C GLY D 200 -17.27 -7.55 4.97
N ALA D 201 -17.14 -6.29 5.37
CA ALA D 201 -16.89 -5.23 4.40
C ALA D 201 -15.47 -5.31 3.87
N SER D 202 -15.29 -4.84 2.64
CA SER D 202 -14.00 -4.80 1.99
C SER D 202 -13.54 -3.38 1.68
N ALA D 203 -14.34 -2.38 2.01
CA ALA D 203 -13.96 -0.99 1.78
C ALA D 203 -14.79 -0.10 2.72
N LEU D 204 -14.41 1.17 2.76
CA LEU D 204 -15.21 2.22 3.36
C LEU D 204 -15.77 3.11 2.25
N VAL D 205 -16.77 3.92 2.61
CA VAL D 205 -17.46 4.76 1.64
C VAL D 205 -17.67 6.15 2.23
N ASP D 206 -17.58 7.17 1.39
CA ASP D 206 -17.84 8.54 1.81
C ASP D 206 -19.32 8.77 2.06
N VAL D 207 -19.64 9.52 3.12
CA VAL D 207 -21.00 9.97 3.37
C VAL D 207 -21.00 11.50 3.34
N THR D 208 -22.12 12.06 2.88
CA THR D 208 -22.22 13.50 2.67
C THR D 208 -22.74 14.24 3.89
N GLN D 209 -23.41 13.55 4.81
CA GLN D 209 -23.94 14.18 6.00
C GLN D 209 -24.21 13.10 7.05
N GLY D 210 -24.29 13.53 8.30
CA GLY D 210 -24.62 12.66 9.40
C GLY D 210 -25.93 13.03 10.05
N HIS D 211 -26.45 12.09 10.83
CA HIS D 211 -27.56 12.36 11.75
C HIS D 211 -27.26 11.59 13.02
N ILE D 212 -27.03 12.32 14.11
CA ILE D 212 -26.62 11.73 15.37
C ILE D 212 -27.86 11.38 16.18
N ASP D 213 -27.92 10.14 16.67
CA ASP D 213 -29.05 9.65 17.44
C ASP D 213 -28.73 9.43 18.91
N GLY D 214 -27.45 9.28 19.26
CA GLY D 214 -27.06 9.06 20.64
C GLY D 214 -27.18 10.29 21.51
N CYS D 215 -27.83 11.34 20.99
CA CYS D 215 -28.10 12.53 21.80
C CYS D 215 -29.28 12.33 22.74
N ILE D 216 -30.02 11.24 22.62
CA ILE D 216 -31.04 10.90 23.60
C ILE D 216 -30.35 10.45 24.89
N TYR D 217 -30.85 10.93 26.04
CA TYR D 217 -30.30 10.55 27.33
C TYR D 217 -30.91 9.21 27.75
N ALA D 218 -30.55 8.17 27.00
CA ALA D 218 -31.07 6.83 27.24
C ALA D 218 -30.39 6.13 28.41
N SER D 219 -29.26 6.65 28.88
CA SER D 219 -28.50 6.06 29.97
C SER D 219 -27.34 7.00 30.31
N PRO D 220 -26.81 6.90 31.52
CA PRO D 220 -25.64 7.73 31.86
C PRO D 220 -24.47 7.52 30.91
N ALA D 221 -24.33 6.32 30.33
CA ALA D 221 -23.21 6.06 29.43
C ALA D 221 -23.33 6.85 28.12
N ASN D 222 -24.56 7.18 27.70
CA ASN D 222 -24.72 8.01 26.51
C ASN D 222 -24.01 9.34 26.67
N LEU D 223 -24.11 9.95 27.86
CA LEU D 223 -23.38 11.17 28.14
C LEU D 223 -21.89 10.91 28.29
N THR D 224 -21.52 9.78 28.91
CA THR D 224 -20.11 9.46 29.11
C THR D 224 -19.37 9.31 27.79
N PHE D 225 -20.00 8.67 26.80
CA PHE D 225 -19.37 8.53 25.49
C PHE D 225 -19.23 9.87 24.79
N ALA D 226 -20.27 10.71 24.86
CA ALA D 226 -20.22 12.01 24.21
C ALA D 226 -19.14 12.89 24.82
N GLU D 227 -19.03 12.90 26.16
CA GLU D 227 -18.04 13.74 26.80
C GLU D 227 -16.62 13.20 26.59
N LYS D 228 -16.47 11.88 26.50
CA LYS D 228 -15.16 11.31 26.21
C LYS D 228 -14.68 11.70 24.82
N MET D 229 -15.57 11.65 23.83
CA MET D 229 -15.20 12.05 22.48
C MET D 229 -14.97 13.56 22.40
N ALA D 230 -15.84 14.34 23.03
CA ALA D 230 -15.69 15.79 23.01
C ALA D 230 -14.39 16.23 23.70
N ASP D 231 -14.02 15.57 24.80
CA ASP D 231 -12.80 15.94 25.51
C ASP D 231 -11.56 15.60 24.69
N MET D 232 -11.65 14.61 23.80
CA MET D 232 -10.56 14.28 22.90
C MET D 232 -10.49 15.22 21.70
N GLY D 233 -11.31 16.27 21.67
CA GLY D 233 -11.32 17.18 20.55
C GLY D 233 -12.12 16.71 19.35
N GLY D 234 -13.07 15.79 19.55
CA GLY D 234 -13.86 15.30 18.43
C GLY D 234 -14.68 16.41 17.81
N LYS D 235 -14.75 16.41 16.48
CA LYS D 235 -15.55 17.37 15.73
C LYS D 235 -16.04 16.68 14.46
N VAL D 236 -17.25 17.04 14.03
CA VAL D 236 -17.80 16.42 12.83
C VAL D 236 -17.12 17.00 11.59
N ARG D 237 -16.97 16.15 10.57
CA ARG D 237 -16.34 16.52 9.31
C ARG D 237 -17.35 16.81 8.20
N VAL D 238 -18.55 16.24 8.30
CA VAL D 238 -19.62 16.48 7.36
C VAL D 238 -20.75 17.16 8.13
N PRO D 239 -21.62 17.91 7.45
CA PRO D 239 -22.78 18.48 8.13
C PRO D 239 -23.60 17.39 8.80
N SER D 240 -23.96 17.62 10.06
CA SER D 240 -24.56 16.57 10.87
C SER D 240 -25.68 17.15 11.72
N THR D 241 -26.88 16.61 11.56
CA THR D 241 -28.02 17.00 12.36
C THR D 241 -28.11 16.13 13.61
N MET D 242 -29.01 16.51 14.52
CA MET D 242 -29.18 15.81 15.77
C MET D 242 -30.62 15.31 15.90
N ASN D 243 -30.76 14.09 16.42
CA ASN D 243 -32.06 13.49 16.64
C ASN D 243 -32.73 14.17 17.83
N ALA D 244 -33.87 13.63 18.26
CA ALA D 244 -34.55 14.15 19.44
C ALA D 244 -33.66 13.98 20.67
N ILE D 245 -33.82 14.91 21.61
CA ILE D 245 -33.07 14.86 22.86
C ILE D 245 -34.04 14.66 24.01
N SER D 246 -33.54 14.61 25.24
CA SER D 246 -34.35 14.26 26.40
C SER D 246 -34.73 15.47 27.25
N VAL D 247 -34.53 16.68 26.75
CA VAL D 247 -35.05 17.89 27.38
C VAL D 247 -35.63 18.80 26.31
N ASP D 248 -36.73 19.47 26.66
CA ASP D 248 -37.08 20.71 25.96
C ASP D 248 -35.94 21.68 26.28
N LYS D 249 -35.05 21.90 25.30
CA LYS D 249 -33.76 22.50 25.60
C LYS D 249 -33.91 23.90 26.21
N ALA D 250 -34.83 24.70 25.69
CA ALA D 250 -34.98 26.06 26.20
C ALA D 250 -35.83 26.14 27.45
N ASN D 251 -36.61 25.10 27.77
CA ASN D 251 -37.66 25.24 28.78
C ASN D 251 -37.68 24.18 29.88
N TRP D 252 -36.73 23.24 29.91
CA TRP D 252 -36.89 22.10 30.83
C TRP D 252 -36.80 22.52 32.29
N ARG D 253 -36.03 23.56 32.62
CA ARG D 253 -35.97 24.00 34.01
C ARG D 253 -37.30 24.57 34.47
N ALA D 254 -37.90 25.44 33.65
CA ALA D 254 -39.21 25.99 33.98
C ALA D 254 -40.28 24.91 34.00
N GLN D 255 -40.10 23.85 33.20
CA GLN D 255 -41.06 22.75 33.13
C GLN D 255 -41.00 21.82 34.34
N GLY D 256 -40.00 21.97 35.21
CA GLY D 256 -39.92 21.15 36.39
C GLY D 256 -39.26 19.81 36.22
N VAL D 257 -38.53 19.61 35.12
CA VAL D 257 -37.79 18.36 34.97
C VAL D 257 -36.71 18.30 36.04
N PRO D 258 -36.58 17.20 36.79
CA PRO D 258 -35.59 17.14 37.87
C PRO D 258 -34.18 17.45 37.37
N GLU D 259 -33.43 18.20 38.18
CA GLU D 259 -32.08 18.58 37.82
C GLU D 259 -31.17 17.37 37.65
N ASP D 260 -31.43 16.29 38.39
CA ASP D 260 -30.61 15.09 38.25
C ASP D 260 -30.74 14.45 36.88
N PHE D 261 -31.89 14.64 36.21
CA PHE D 261 -32.12 14.14 34.86
C PHE D 261 -31.87 15.20 33.80
N GLY D 262 -32.46 16.38 33.97
CA GLY D 262 -32.39 17.39 32.93
C GLY D 262 -31.01 17.96 32.71
N ASP D 263 -30.19 18.02 33.76
CA ASP D 263 -28.83 18.56 33.60
C ASP D 263 -27.96 17.65 32.76
N PRO D 264 -27.83 16.34 33.04
CA PRO D 264 -27.06 15.49 32.13
C PRO D 264 -27.66 15.42 30.74
N ALA D 265 -29.00 15.39 30.65
CA ALA D 265 -29.64 15.35 29.33
C ALA D 265 -29.33 16.60 28.51
N ALA D 266 -29.27 17.75 29.17
CA ALA D 266 -28.92 18.98 28.44
C ALA D 266 -27.44 19.01 28.07
N ARG D 267 -26.57 18.53 28.97
CA ARG D 267 -25.15 18.48 28.65
C ARG D 267 -24.87 17.47 27.55
N LEU D 268 -25.67 16.40 27.46
CA LEU D 268 -25.54 15.47 26.35
C LEU D 268 -25.77 16.17 25.02
N ALA D 269 -26.87 16.92 24.90
CA ALA D 269 -27.13 17.69 23.69
C ALA D 269 -26.03 18.72 23.44
N ASP D 270 -25.59 19.40 24.50
CA ASP D 270 -24.56 20.44 24.35
C ASP D 270 -23.25 19.86 23.82
N ALA D 271 -22.90 18.65 24.25
CA ALA D 271 -21.65 18.04 23.81
C ALA D 271 -21.64 17.84 22.30
N TYR D 272 -22.77 17.42 21.73
CA TYR D 272 -22.81 17.21 20.28
C TYR D 272 -22.82 18.54 19.52
N VAL D 273 -23.53 19.54 20.05
CA VAL D 273 -23.46 20.88 19.46
C VAL D 273 -22.03 21.40 19.53
N ARG D 274 -21.35 21.16 20.65
CA ARG D 274 -19.95 21.57 20.79
C ARG D 274 -19.07 20.91 19.74
N MET D 275 -19.42 19.70 19.30
CA MET D 275 -18.64 18.98 18.30
C MET D 275 -19.05 19.33 16.88
N GLY D 276 -19.88 20.35 16.69
CA GLY D 276 -20.24 20.81 15.36
C GLY D 276 -21.58 20.33 14.86
N CYS D 277 -22.34 19.58 15.66
CA CYS D 277 -23.63 19.09 15.19
C CYS D 277 -24.63 20.24 15.15
N ARG D 278 -25.49 20.22 14.14
CA ARG D 278 -26.55 21.23 14.05
C ARG D 278 -27.65 20.91 15.06
N PRO D 279 -28.04 21.86 15.90
CA PRO D 279 -29.03 21.59 16.97
C PRO D 279 -30.46 21.52 16.45
N THR D 280 -30.71 20.61 15.50
CA THR D 280 -32.05 20.46 14.97
C THR D 280 -32.98 19.72 15.92
N PHE D 281 -32.44 18.88 16.80
CA PHE D 281 -33.18 18.15 17.83
C PHE D 281 -34.47 17.54 17.27
N THR D 282 -34.34 16.74 16.22
CA THR D 282 -35.56 16.18 15.64
C THR D 282 -35.32 14.77 15.09
N CYS D 283 -36.28 13.89 15.36
CA CYS D 283 -36.24 12.53 14.86
C CYS D 283 -36.86 12.38 13.47
N SER D 284 -37.19 13.49 12.83
CA SER D 284 -37.64 13.49 11.43
C SER D 284 -36.79 14.45 10.62
N PRO D 285 -35.48 14.19 10.52
CA PRO D 285 -34.60 15.12 9.80
C PRO D 285 -34.84 15.12 8.30
N TYR D 286 -35.54 14.11 7.78
CA TYR D 286 -35.92 14.06 6.38
C TYR D 286 -36.94 15.12 6.00
N LEU D 287 -37.51 15.82 6.99
CA LEU D 287 -38.41 16.93 6.73
C LEU D 287 -37.68 18.27 6.61
N LEU D 288 -36.40 18.33 6.99
CA LEU D 288 -35.64 19.56 6.95
C LEU D 288 -35.21 19.88 5.52
N ASP D 289 -34.89 21.16 5.28
CA ASP D 289 -34.33 21.56 3.99
C ASP D 289 -33.06 20.80 3.66
N SER D 290 -32.36 20.28 4.66
CA SER D 290 -31.11 19.55 4.51
C SER D 290 -31.31 18.11 4.06
N ALA D 291 -32.54 17.68 3.79
CA ALA D 291 -32.82 16.28 3.54
C ALA D 291 -32.05 15.78 2.31
N PRO D 292 -31.54 14.55 2.35
CA PRO D 292 -30.74 14.04 1.23
C PRO D 292 -31.62 13.71 0.02
N SER D 293 -30.95 13.52 -1.11
CA SER D 293 -31.60 13.17 -2.36
C SER D 293 -31.44 11.69 -2.66
N ALA D 294 -32.09 11.26 -3.74
CA ALA D 294 -32.01 9.86 -4.14
C ALA D 294 -30.59 9.49 -4.53
N GLY D 295 -30.17 8.29 -4.10
CA GLY D 295 -28.83 7.81 -4.38
C GLY D 295 -27.73 8.41 -3.54
N GLU D 296 -28.02 9.44 -2.76
CA GLU D 296 -27.01 10.09 -1.94
C GLU D 296 -26.57 9.20 -0.80
N SER D 297 -25.27 9.09 -0.60
CA SER D 297 -24.71 8.31 0.50
C SER D 297 -24.67 9.18 1.75
N ILE D 298 -25.44 8.80 2.76
CA ILE D 298 -25.42 9.47 4.05
C ILE D 298 -25.07 8.44 5.12
N GLY D 299 -24.81 8.92 6.33
CA GLY D 299 -24.59 8.06 7.46
C GLY D 299 -25.51 8.45 8.61
N TRP D 300 -26.67 7.81 8.69
CA TRP D 300 -27.71 8.19 9.64
C TRP D 300 -27.90 7.11 10.70
N ALA D 301 -28.24 7.56 11.90
CA ALA D 301 -28.84 6.72 12.93
C ALA D 301 -30.28 7.18 13.14
N GLU D 302 -30.94 6.65 14.17
CA GLU D 302 -32.38 6.74 14.40
C GLU D 302 -33.11 5.86 13.40
N SER D 303 -33.78 4.81 13.91
CA SER D 303 -34.30 3.75 13.05
C SER D 303 -35.28 4.30 12.02
N ASN D 304 -36.21 5.17 12.43
CA ASN D 304 -37.23 5.62 11.50
C ASN D 304 -36.63 6.51 10.41
N ALA D 305 -35.68 7.38 10.78
CA ALA D 305 -35.07 8.26 9.79
C ALA D 305 -34.23 7.47 8.80
N VAL D 306 -33.52 6.44 9.27
CA VAL D 306 -32.76 5.59 8.36
C VAL D 306 -33.70 4.89 7.39
N ILE D 307 -34.78 4.30 7.90
CA ILE D 307 -35.69 3.55 7.05
C ILE D 307 -36.42 4.49 6.10
N PHE D 308 -36.83 5.67 6.59
CA PHE D 308 -37.44 6.64 5.69
C PHE D 308 -36.48 7.08 4.60
N ALA D 309 -35.19 7.22 4.93
CA ALA D 309 -34.22 7.72 3.97
C ALA D 309 -34.02 6.72 2.83
N ASN D 310 -33.83 5.45 3.17
CA ASN D 310 -33.71 4.42 2.14
C ASN D 310 -35.04 4.21 1.43
N THR D 311 -36.09 3.89 2.19
CA THR D 311 -37.36 3.45 1.62
C THR D 311 -38.01 4.54 0.78
N VAL D 312 -38.16 5.75 1.33
CA VAL D 312 -38.99 6.78 0.71
C VAL D 312 -38.15 7.71 -0.15
N LEU D 313 -37.12 8.32 0.44
CA LEU D 313 -36.30 9.27 -0.31
C LEU D 313 -35.44 8.58 -1.37
N GLY D 314 -35.02 7.35 -1.11
CA GLY D 314 -34.09 6.68 -2.00
C GLY D 314 -32.63 6.95 -1.71
N ALA D 315 -32.33 7.77 -0.70
CA ALA D 315 -30.96 7.91 -0.24
C ALA D 315 -30.48 6.58 0.35
N ARG D 316 -29.20 6.52 0.70
CA ARG D 316 -28.56 5.26 1.06
C ARG D 316 -27.84 5.39 2.39
N THR D 317 -28.27 4.59 3.37
CA THR D 317 -27.56 4.53 4.63
C THR D 317 -27.91 3.24 5.35
N ALA D 318 -26.91 2.60 5.94
CA ALA D 318 -27.18 1.50 6.85
C ALA D 318 -27.83 2.05 8.12
N LYS D 319 -28.40 1.14 8.90
CA LYS D 319 -28.99 1.56 10.19
C LYS D 319 -27.86 1.61 11.20
N HIS D 320 -27.19 2.74 11.26
CA HIS D 320 -26.00 2.87 12.09
C HIS D 320 -26.39 2.94 13.55
N PRO D 321 -25.79 2.11 14.41
CA PRO D 321 -26.07 2.21 15.84
C PRO D 321 -25.60 3.55 16.40
N ASP D 322 -26.19 3.93 17.53
CA ASP D 322 -25.67 5.08 18.27
C ASP D 322 -24.20 4.86 18.59
N PHE D 323 -23.45 5.97 18.63
CA PHE D 323 -22.00 6.03 18.82
C PHE D 323 -21.27 5.85 17.48
N LEU D 324 -21.69 4.87 16.68
CA LEU D 324 -21.13 4.73 15.34
C LEU D 324 -21.48 5.93 14.46
N ASP D 325 -22.68 6.48 14.66
CA ASP D 325 -23.08 7.66 13.90
C ASP D 325 -22.10 8.82 14.09
N LEU D 326 -21.68 9.07 15.33
CA LEU D 326 -20.72 10.15 15.58
C LEU D 326 -19.37 9.87 14.93
N CYS D 327 -18.87 8.63 15.07
CA CYS D 327 -17.61 8.24 14.44
C CYS D 327 -17.66 8.44 12.92
N ILE D 328 -18.78 8.10 12.30
CA ILE D 328 -18.94 8.30 10.87
C ILE D 328 -18.96 9.78 10.54
N ALA D 329 -19.67 10.58 11.34
CA ALA D 329 -19.69 12.01 11.12
C ALA D 329 -18.30 12.63 11.30
N MET D 330 -17.48 12.06 12.19
CA MET D 330 -16.16 12.62 12.47
C MET D 330 -15.17 12.33 11.35
N THR D 331 -15.35 11.23 10.63
CA THR D 331 -14.44 10.85 9.55
C THR D 331 -15.00 11.09 8.16
N GLY D 332 -16.33 11.18 8.03
CA GLY D 332 -16.93 11.21 6.71
C GLY D 332 -16.89 9.88 6.01
N ARG D 333 -16.68 8.78 6.74
CA ARG D 333 -16.56 7.45 6.15
C ARG D 333 -17.40 6.46 6.93
N ALA D 334 -17.96 5.50 6.21
CA ALA D 334 -18.78 4.43 6.79
C ALA D 334 -18.42 3.13 6.11
N PRO D 335 -18.65 1.99 6.78
CA PRO D 335 -18.40 0.69 6.13
C PRO D 335 -19.25 0.53 4.88
N LEU D 336 -18.59 0.23 3.76
CA LEU D 336 -19.31 -0.04 2.51
C LEU D 336 -19.90 -1.44 2.60
N SER D 337 -21.08 -1.52 3.20
CA SER D 337 -21.76 -2.79 3.40
C SER D 337 -23.26 -2.52 3.44
N GLY D 338 -24.04 -3.60 3.56
CA GLY D 338 -25.47 -3.45 3.66
C GLY D 338 -26.04 -2.66 2.49
N VAL D 339 -27.04 -1.82 2.80
CA VAL D 339 -27.82 -1.16 1.75
C VAL D 339 -27.08 -0.02 1.07
N TYR D 340 -25.80 0.22 1.41
CA TYR D 340 -25.00 1.11 0.58
C TYR D 340 -24.78 0.50 -0.81
N LEU D 341 -24.81 -0.83 -0.89
CA LEU D 341 -24.62 -1.56 -2.14
C LEU D 341 -25.98 -1.91 -2.73
N GLU D 342 -26.13 -1.67 -4.04
CA GLU D 342 -27.43 -1.85 -4.68
C GLU D 342 -27.93 -3.28 -4.56
N GLU D 343 -27.04 -4.27 -4.68
CA GLU D 343 -27.46 -5.66 -4.58
C GLU D 343 -28.10 -5.95 -3.24
N ASN D 344 -27.59 -5.33 -2.17
CA ASN D 344 -28.17 -5.57 -0.85
C ASN D 344 -29.47 -4.81 -0.64
N ARG D 345 -29.87 -3.95 -1.57
CA ARG D 345 -31.18 -3.29 -1.54
C ARG D 345 -32.24 -4.09 -2.27
N ARG D 346 -31.88 -5.22 -2.86
CA ARG D 346 -32.87 -6.05 -3.53
C ARG D 346 -33.85 -6.61 -2.51
N PRO D 347 -35.13 -6.66 -2.83
CA PRO D 347 -36.09 -7.32 -1.94
C PRO D 347 -35.67 -8.75 -1.62
N GLN D 348 -35.63 -9.05 -0.32
CA GLN D 348 -35.18 -10.35 0.16
C GLN D 348 -36.33 -11.22 0.66
N ARG D 349 -37.53 -10.66 0.81
CA ARG D 349 -38.73 -11.43 1.09
C ARG D 349 -39.93 -10.66 0.54
N ILE D 350 -40.93 -11.39 0.09
CA ILE D 350 -42.10 -10.83 -0.58
C ILE D 350 -43.30 -10.94 0.36
N VAL D 351 -44.01 -9.84 0.56
CA VAL D 351 -45.14 -9.79 1.48
C VAL D 351 -46.38 -9.32 0.70
N ASP D 352 -47.41 -10.16 0.68
CA ASP D 352 -48.70 -9.79 0.11
C ASP D 352 -49.59 -9.26 1.22
N VAL D 353 -49.97 -7.99 1.13
CA VAL D 353 -50.72 -7.29 2.17
C VAL D 353 -52.15 -7.10 1.69
N ALA D 354 -53.10 -7.60 2.48
CA ALA D 354 -54.50 -7.39 2.17
C ALA D 354 -54.84 -5.91 2.21
N LEU D 355 -55.59 -5.44 1.22
CA LEU D 355 -56.08 -4.06 1.22
C LEU D 355 -57.59 -4.08 1.38
N PRO D 356 -58.11 -3.90 2.60
CA PRO D 356 -59.56 -3.77 2.77
C PRO D 356 -60.04 -2.41 2.31
N ALA D 357 -61.35 -2.31 2.11
CA ALA D 357 -61.94 -1.03 1.75
C ALA D 357 -62.09 -0.12 2.97
N GLY D 358 -62.14 1.18 2.72
CA GLY D 358 -62.38 2.14 3.78
C GLY D 358 -61.22 2.39 4.70
N ILE D 359 -59.99 2.28 4.21
CA ILE D 359 -58.82 2.50 5.04
C ILE D 359 -58.80 3.95 5.55
N ASP D 360 -58.13 4.15 6.69
CA ASP D 360 -57.77 5.49 7.11
C ASP D 360 -56.29 5.53 7.52
N ASP D 361 -55.89 6.58 8.24
CA ASP D 361 -54.46 6.77 8.50
C ASP D 361 -53.88 5.69 9.40
N ALA D 362 -54.70 5.07 10.24
CA ALA D 362 -54.20 4.04 11.16
C ALA D 362 -53.73 2.79 10.44
N PHE D 363 -54.17 2.60 9.19
CA PHE D 363 -53.79 1.43 8.42
C PHE D 363 -52.28 1.35 8.24
N TRP D 364 -51.63 2.47 7.95
CA TRP D 364 -50.23 2.44 7.51
C TRP D 364 -49.27 2.12 8.65
N PRO D 365 -49.36 2.74 9.84
CA PRO D 365 -48.50 2.27 10.94
C PRO D 365 -48.75 0.82 11.32
N LEU D 366 -50.00 0.37 11.32
CA LEU D 366 -50.25 -1.04 11.64
C LEU D 366 -49.60 -1.97 10.62
N VAL D 367 -49.69 -1.63 9.33
CA VAL D 367 -49.08 -2.47 8.31
C VAL D 367 -47.57 -2.50 8.47
N GLY D 368 -46.96 -1.35 8.76
CA GLY D 368 -45.53 -1.34 9.02
C GLY D 368 -45.16 -2.17 10.22
N TYR D 369 -45.99 -2.13 11.26
CA TYR D 369 -45.77 -2.96 12.44
C TYR D 369 -45.83 -4.45 12.10
N LEU D 370 -46.87 -4.85 11.36
CA LEU D 370 -47.02 -6.27 11.03
C LEU D 370 -45.98 -6.74 10.03
N ALA D 371 -45.56 -5.87 9.11
CA ALA D 371 -44.52 -6.24 8.16
C ALA D 371 -43.20 -6.53 8.86
N GLY D 372 -42.90 -5.81 9.94
CA GLY D 372 -41.66 -6.06 10.67
C GLY D 372 -41.69 -7.36 11.43
N LYS D 373 -42.84 -7.70 12.02
CA LYS D 373 -42.95 -9.00 12.67
C LYS D 373 -42.85 -10.13 11.66
N ALA D 374 -43.42 -9.94 10.47
CA ALA D 374 -43.31 -10.96 9.43
C ALA D 374 -41.89 -11.03 8.86
N VAL D 375 -41.23 -9.88 8.73
CA VAL D 375 -39.90 -9.81 8.13
C VAL D 375 -38.96 -9.10 9.10
N PRO D 376 -38.49 -9.77 10.16
CA PRO D 376 -37.70 -9.08 11.19
C PRO D 376 -36.22 -8.95 10.88
N ASP D 377 -35.70 -9.61 9.84
CA ASP D 377 -34.26 -9.67 9.65
C ASP D 377 -33.82 -9.57 8.19
N CYS D 378 -34.67 -9.04 7.30
CA CYS D 378 -34.28 -8.80 5.92
C CYS D 378 -35.25 -7.79 5.33
N ILE D 379 -35.02 -7.45 4.07
CA ILE D 379 -35.72 -6.35 3.41
C ILE D 379 -36.97 -6.90 2.74
N PRO D 380 -38.16 -6.45 3.10
CA PRO D 380 -39.39 -6.93 2.45
C PRO D 380 -39.83 -6.04 1.30
N LEU D 381 -40.63 -6.63 0.41
CA LEU D 381 -41.38 -5.91 -0.60
C LEU D 381 -42.86 -6.09 -0.31
N LEU D 382 -43.55 -4.98 -0.04
CA LEU D 382 -44.96 -5.01 0.31
C LEU D 382 -45.79 -4.90 -0.97
N ARG D 383 -46.57 -5.95 -1.26
CA ARG D 383 -47.35 -6.03 -2.48
C ARG D 383 -48.83 -5.81 -2.19
N GLY D 384 -49.51 -5.14 -3.12
CA GLY D 384 -50.95 -5.00 -3.05
C GLY D 384 -51.47 -3.68 -2.52
N LEU D 385 -50.60 -2.71 -2.25
CA LEU D 385 -51.01 -1.48 -1.59
C LEU D 385 -50.80 -0.22 -2.42
N GLY D 386 -50.17 -0.32 -3.58
CA GLY D 386 -49.86 0.89 -4.34
C GLY D 386 -51.07 1.73 -4.68
N ALA D 387 -52.17 1.07 -5.03
CA ALA D 387 -53.38 1.80 -5.41
C ALA D 387 -53.96 2.61 -4.26
N ALA D 388 -53.62 2.27 -3.01
CA ALA D 388 -54.16 3.00 -1.87
C ALA D 388 -53.56 4.39 -1.74
N LYS D 389 -52.46 4.66 -2.46
CA LYS D 389 -51.90 6.00 -2.57
C LYS D 389 -51.53 6.60 -1.22
N PRO D 390 -50.56 6.06 -0.50
CA PRO D 390 -50.27 6.60 0.83
C PRO D 390 -49.59 7.96 0.75
N SER D 391 -49.91 8.81 1.71
CA SER D 391 -49.22 10.09 1.80
C SER D 391 -47.79 9.89 2.31
N ARG D 392 -47.00 10.97 2.25
CA ARG D 392 -45.68 10.94 2.87
C ARG D 392 -45.80 10.68 4.35
N ASP D 393 -46.76 11.32 5.02
CA ASP D 393 -46.98 11.09 6.43
C ASP D 393 -47.35 9.63 6.70
N ASP D 394 -48.19 9.05 5.84
CA ASP D 394 -48.52 7.63 5.96
C ASP D 394 -47.25 6.78 5.90
N LEU D 395 -46.42 7.01 4.88
CA LEU D 395 -45.17 6.26 4.76
C LEU D 395 -44.25 6.54 5.94
N LYS D 396 -44.23 7.78 6.40
CA LYS D 396 -43.48 8.13 7.60
C LYS D 396 -43.89 7.27 8.79
N ALA D 397 -45.20 7.20 9.06
CA ALA D 397 -45.70 6.39 10.17
C ALA D 397 -45.45 4.91 9.93
N LEU D 398 -45.57 4.45 8.69
CA LEU D 398 -45.35 3.05 8.38
C LEU D 398 -43.91 2.63 8.66
N CYS D 399 -42.94 3.42 8.17
CA CYS D 399 -41.53 3.08 8.37
C CYS D 399 -41.16 3.12 9.84
N ALA D 400 -41.72 4.06 10.60
CA ALA D 400 -41.46 4.13 12.03
C ALA D 400 -41.90 2.85 12.72
N ALA D 401 -43.10 2.37 12.40
CA ALA D 401 -43.58 1.14 13.00
C ALA D 401 -42.83 -0.07 12.47
N PHE D 402 -42.46 -0.07 11.19
CA PHE D 402 -41.59 -1.12 10.68
C PHE D 402 -40.26 -1.14 11.42
N GLY D 403 -39.77 0.04 11.79
CA GLY D 403 -38.52 0.19 12.51
C GLY D 403 -38.55 -0.19 13.97
N THR D 404 -39.69 -0.64 14.50
CA THR D 404 -39.72 -1.18 15.86
C THR D 404 -39.68 -2.69 15.90
N THR D 405 -40.40 -3.36 14.99
CA THR D 405 -40.49 -4.81 15.01
C THR D 405 -39.44 -5.50 14.15
N SER D 406 -38.77 -4.78 13.26
CA SER D 406 -37.76 -5.36 12.39
C SER D 406 -36.40 -4.72 12.66
N ALA D 407 -35.35 -5.45 12.30
CA ALA D 407 -34.00 -4.92 12.31
C ALA D 407 -33.58 -4.31 10.99
N SER D 408 -34.40 -4.44 9.94
CA SER D 408 -33.98 -4.06 8.61
C SER D 408 -33.94 -2.53 8.45
N PRO D 409 -33.02 -2.02 7.64
CA PRO D 409 -32.93 -0.58 7.41
C PRO D 409 -33.79 -0.06 6.27
N MET D 410 -34.55 -0.91 5.58
CA MET D 410 -35.40 -0.42 4.51
C MET D 410 -36.41 -1.47 4.11
N LEU D 411 -37.43 -1.01 3.38
CA LEU D 411 -38.45 -1.86 2.77
C LEU D 411 -38.86 -1.18 1.47
N HIS D 412 -39.65 -1.91 0.66
CA HIS D 412 -40.25 -1.34 -0.54
C HIS D 412 -41.77 -1.55 -0.49
N ILE D 413 -42.50 -0.61 -1.06
CA ILE D 413 -43.94 -0.73 -1.23
C ILE D 413 -44.21 -0.61 -2.72
N GLU D 414 -44.51 -1.74 -3.36
CA GLU D 414 -44.87 -1.80 -4.76
C GLU D 414 -45.89 -0.71 -5.11
N GLY D 415 -45.56 0.08 -6.12
CA GLY D 415 -46.42 1.17 -6.55
C GLY D 415 -46.31 2.45 -5.76
N ALA D 416 -45.42 2.50 -4.77
CA ALA D 416 -45.33 3.70 -3.93
C ALA D 416 -43.90 4.18 -3.72
N THR D 417 -42.93 3.25 -3.42
CA THR D 417 -41.59 3.71 -3.10
C THR D 417 -40.67 3.58 -4.31
N PRO D 418 -39.71 4.50 -4.47
CA PRO D 418 -39.06 4.68 -5.79
C PRO D 418 -38.21 3.53 -6.25
N GLU D 419 -37.76 2.65 -5.36
CA GLU D 419 -36.92 1.51 -5.75
C GLU D 419 -37.69 0.19 -5.73
N ALA D 420 -39.03 0.25 -5.70
CA ALA D 420 -39.83 -0.96 -5.61
C ALA D 420 -39.64 -1.88 -6.82
N GLY D 421 -39.16 -1.35 -7.95
CA GLY D 421 -38.97 -2.15 -9.14
C GLY D 421 -37.74 -3.04 -9.13
N LEU D 422 -36.87 -2.90 -8.13
CA LEU D 422 -35.65 -3.70 -8.08
C LEU D 422 -35.99 -5.18 -8.10
N ALA D 423 -35.26 -5.94 -8.90
CA ALA D 423 -35.51 -7.37 -9.06
C ALA D 423 -35.36 -8.08 -7.72
N PRO D 424 -36.41 -8.74 -7.22
CA PRO D 424 -36.26 -9.52 -5.99
C PRO D 424 -35.16 -10.54 -6.12
N LEU D 425 -34.47 -10.77 -5.01
CA LEU D 425 -33.41 -11.78 -4.96
C LEU D 425 -34.00 -13.16 -5.24
N GLU D 426 -33.23 -13.99 -5.94
CA GLU D 426 -33.69 -15.31 -6.38
C GLU D 426 -34.11 -16.21 -5.22
N THR D 427 -33.76 -15.88 -3.98
CA THR D 427 -34.11 -16.69 -2.83
C THR D 427 -35.24 -16.10 -2.01
N ALA D 428 -35.91 -15.05 -2.50
CA ALA D 428 -37.00 -14.42 -1.76
C ALA D 428 -38.21 -15.34 -1.72
N GLU D 429 -38.70 -15.60 -0.51
CA GLU D 429 -39.96 -16.32 -0.29
C GLU D 429 -41.12 -15.34 -0.15
N THR D 430 -42.33 -15.86 -0.24
CA THR D 430 -43.55 -15.06 -0.16
C THR D 430 -44.30 -15.36 1.13
N VAL D 431 -44.74 -14.31 1.82
CA VAL D 431 -45.59 -14.44 2.99
C VAL D 431 -46.79 -13.51 2.82
N THR D 432 -47.72 -13.62 3.77
CA THR D 432 -48.98 -12.89 3.72
C THR D 432 -49.11 -12.02 4.97
N ILE D 433 -49.89 -10.94 4.84
CA ILE D 433 -50.46 -10.25 5.98
C ILE D 433 -51.95 -10.18 5.71
N SER D 434 -52.73 -11.01 6.41
CA SER D 434 -54.14 -11.13 6.18
C SER D 434 -54.91 -10.10 7.01
N LEU D 435 -56.21 -9.98 6.71
CA LEU D 435 -57.09 -9.18 7.55
C LEU D 435 -57.13 -9.70 8.98
N GLU D 436 -56.97 -11.01 9.15
CA GLU D 436 -56.91 -11.58 10.49
C GLU D 436 -55.64 -11.14 11.21
N ASP D 437 -54.52 -11.07 10.49
CA ASP D 437 -53.29 -10.56 11.09
C ASP D 437 -53.46 -9.12 11.57
N MET D 438 -54.18 -8.30 10.80
CA MET D 438 -54.38 -6.91 11.17
C MET D 438 -55.27 -6.79 12.40
N ALA D 439 -56.37 -7.54 12.43
CA ALA D 439 -57.25 -7.50 13.59
C ALA D 439 -56.52 -7.96 14.84
N ALA D 440 -55.65 -8.96 14.69
CA ALA D 440 -54.84 -9.40 15.83
C ALA D 440 -53.87 -8.31 16.27
N GLY D 441 -53.21 -7.67 15.31
CA GLY D 441 -52.25 -6.63 15.66
C GLY D 441 -52.92 -5.41 16.27
N TRP D 442 -54.07 -5.02 15.73
CA TRP D 442 -54.83 -3.91 16.31
C TRP D 442 -55.13 -4.16 17.78
N SER D 443 -55.59 -5.38 18.11
CA SER D 443 -55.87 -5.72 19.50
C SER D 443 -54.59 -5.73 20.34
N LEU D 444 -53.49 -6.24 19.78
CA LEU D 444 -52.23 -6.28 20.52
C LEU D 444 -51.81 -4.88 20.96
N LEU D 445 -51.99 -3.89 20.09
CA LEU D 445 -51.60 -2.52 20.37
C LEU D 445 -52.67 -1.74 21.12
N ASN D 446 -53.67 -2.42 21.66
CA ASN D 446 -54.78 -1.76 22.33
C ASN D 446 -55.11 -2.46 23.64
N GLU D 447 -54.08 -2.90 24.36
CA GLU D 447 -54.26 -3.50 25.68
C GLU D 447 -54.31 -2.39 26.72
N GLY D 448 -55.46 -1.74 26.79
CA GLY D 448 -55.68 -0.66 27.72
C GLY D 448 -57.16 -0.35 27.88
N PRO D 449 -57.49 0.50 28.84
CA PRO D 449 -58.90 0.85 29.09
C PRO D 449 -59.40 1.85 28.07
N GLU D 450 -60.67 2.25 28.23
CA GLU D 450 -61.26 3.24 27.34
C GLU D 450 -61.11 4.66 27.88
N GLU D 451 -61.04 4.84 29.19
CA GLU D 451 -60.69 6.14 29.75
C GLU D 451 -59.21 6.43 29.53
N VAL D 452 -58.91 7.61 28.99
CA VAL D 452 -57.53 8.05 28.82
C VAL D 452 -57.42 9.49 29.29
N GLN D 453 -56.22 9.86 29.73
CA GLN D 453 -55.95 11.21 30.22
C GLN D 453 -54.89 11.93 29.38
N LEU D 454 -54.44 11.31 28.29
CA LEU D 454 -53.37 11.87 27.48
C LEU D 454 -53.50 11.36 26.06
N VAL D 455 -53.40 12.27 25.09
CA VAL D 455 -53.31 11.93 23.68
C VAL D 455 -51.90 12.28 23.22
N ALA D 456 -51.18 11.28 22.71
CA ALA D 456 -49.77 11.42 22.35
C ALA D 456 -49.61 11.34 20.84
N ILE D 457 -49.16 12.43 20.22
CA ILE D 457 -48.97 12.51 18.78
C ILE D 457 -47.58 13.07 18.51
N GLY D 458 -46.92 12.53 17.49
CA GLY D 458 -45.65 13.08 17.07
C GLY D 458 -44.43 12.20 17.28
N SER D 459 -44.60 10.89 17.17
CA SER D 459 -43.48 9.95 17.17
C SER D 459 -43.56 9.10 15.91
N PRO D 460 -42.73 9.37 14.89
CA PRO D 460 -41.68 10.40 14.87
C PRO D 460 -42.26 11.80 14.77
N HIS D 461 -41.42 12.81 15.03
CA HIS D 461 -41.83 14.20 15.12
C HIS D 461 -42.80 14.58 14.01
N ALA D 462 -43.87 15.27 14.39
CA ALA D 462 -44.95 15.58 13.47
C ALA D 462 -44.48 16.49 12.35
N SER D 463 -44.93 16.18 11.13
CA SER D 463 -44.69 17.07 10.00
C SER D 463 -45.65 18.26 10.07
N LEU D 464 -45.40 19.25 9.21
CA LEU D 464 -46.31 20.40 9.17
C LEU D 464 -47.70 19.98 8.67
N GLU D 465 -47.75 19.06 7.70
CA GLU D 465 -49.03 18.56 7.24
C GLU D 465 -49.76 17.84 8.37
N GLU D 466 -49.03 17.14 9.23
CA GLU D 466 -49.66 16.39 10.31
C GLU D 466 -50.25 17.32 11.36
N CYS D 467 -49.56 18.42 11.67
CA CYS D 467 -50.13 19.42 12.56
C CYS D 467 -51.36 20.07 11.95
N ARG D 468 -51.34 20.29 10.63
CA ARG D 468 -52.50 20.86 9.96
C ARG D 468 -53.66 19.87 9.95
N ALA D 469 -53.37 18.59 9.70
CA ALA D 469 -54.41 17.57 9.78
C ALA D 469 -55.03 17.52 11.17
N LEU D 470 -54.20 17.59 12.21
CA LEU D 470 -54.71 17.59 13.58
C LEU D 470 -55.65 18.77 13.82
N ALA D 471 -55.30 19.95 13.31
CA ALA D 471 -56.16 21.12 13.48
C ALA D 471 -57.46 20.97 12.72
N ALA D 472 -57.41 20.36 11.53
CA ALA D 472 -58.62 20.15 10.75
C ALA D 472 -59.61 19.25 11.48
N VAL D 473 -59.12 18.17 12.10
CA VAL D 473 -60.00 17.25 12.81
C VAL D 473 -60.59 17.93 14.04
N PHE D 474 -59.77 18.72 14.75
CA PHE D 474 -60.30 19.47 15.88
C PHE D 474 -61.38 20.45 15.44
N ASN D 475 -61.31 20.93 14.20
CA ASN D 475 -62.38 21.73 13.59
C ASN D 475 -62.79 22.91 14.47
N GLY D 476 -61.81 23.50 15.16
CA GLY D 476 -62.06 24.63 16.02
C GLY D 476 -62.59 24.32 17.40
N ARG D 477 -62.71 23.03 17.75
CA ARG D 477 -63.17 22.65 19.07
C ARG D 477 -62.00 22.59 20.05
N LYS D 478 -62.32 22.64 21.33
CA LYS D 478 -61.32 22.63 22.39
C LYS D 478 -61.39 21.32 23.16
N ARG D 479 -60.23 20.83 23.59
CA ARG D 479 -60.12 19.53 24.23
C ARG D 479 -60.86 19.51 25.57
N HIS D 480 -61.25 18.30 25.98
CA HIS D 480 -61.69 18.05 27.34
C HIS D 480 -60.63 18.50 28.32
N ALA D 481 -61.06 19.08 29.44
CA ALA D 481 -60.10 19.58 30.43
C ALA D 481 -59.29 18.45 31.07
N ASP D 482 -59.86 17.25 31.14
CA ASP D 482 -59.20 16.13 31.80
C ASP D 482 -58.31 15.30 30.87
N VAL D 483 -58.21 15.64 29.59
CA VAL D 483 -57.38 14.91 28.64
C VAL D 483 -56.38 15.87 28.03
N ALA D 484 -55.11 15.72 28.43
CA ALA D 484 -54.05 16.50 27.81
C ALA D 484 -53.77 15.99 26.40
N VAL D 485 -53.48 16.92 25.49
CA VAL D 485 -53.13 16.62 24.11
C VAL D 485 -51.76 17.22 23.85
N ILE D 486 -50.78 16.36 23.55
CA ILE D 486 -49.40 16.79 23.40
C ILE D 486 -48.88 16.31 22.05
N VAL D 487 -48.32 17.23 21.29
CA VAL D 487 -47.68 16.94 20.01
C VAL D 487 -46.19 17.25 20.16
N THR D 488 -45.35 16.32 19.71
CA THR D 488 -43.90 16.52 19.70
C THR D 488 -43.45 16.73 18.27
N ALA D 489 -42.66 17.78 18.05
CA ALA D 489 -42.22 18.13 16.70
C ALA D 489 -40.87 18.82 16.76
N GLY D 490 -40.21 18.88 15.61
CA GLY D 490 -38.97 19.61 15.52
C GLY D 490 -39.19 21.11 15.50
N GLN D 491 -38.13 21.84 15.88
CA GLN D 491 -38.21 23.29 16.03
C GLN D 491 -38.60 23.96 14.71
N GLN D 492 -38.05 23.50 13.59
CA GLN D 492 -38.32 24.15 12.31
C GLN D 492 -39.79 24.00 11.93
N VAL D 493 -40.38 22.84 12.20
CA VAL D 493 -41.79 22.63 11.89
C VAL D 493 -42.66 23.53 12.77
N ILE D 494 -42.29 23.67 14.04
CA ILE D 494 -43.04 24.52 14.95
C ILE D 494 -42.98 25.98 14.49
N ASP D 495 -41.80 26.42 14.06
CA ASP D 495 -41.66 27.79 13.55
C ASP D 495 -42.56 28.00 12.33
N ALA D 496 -42.64 27.01 11.44
CA ALA D 496 -43.49 27.14 10.26
C ALA D 496 -44.97 27.11 10.65
N ALA D 497 -45.32 26.31 11.65
CA ALA D 497 -46.70 26.29 12.13
C ALA D 497 -47.08 27.60 12.81
N GLY D 498 -46.13 28.24 13.49
CA GLY D 498 -46.39 29.56 14.02
C GLY D 498 -46.62 30.59 12.93
N LYS D 499 -45.97 30.41 11.77
CA LYS D 499 -46.12 31.38 10.69
C LYS D 499 -47.48 31.24 10.01
N ASP D 500 -47.88 30.02 9.65
CA ASP D 500 -49.09 29.81 8.88
C ASP D 500 -50.35 29.69 9.74
N GLY D 501 -50.25 29.98 11.04
CA GLY D 501 -51.40 29.99 11.92
C GLY D 501 -51.79 28.64 12.50
N THR D 502 -51.19 27.54 12.04
CA THR D 502 -51.53 26.23 12.57
C THR D 502 -51.24 26.14 14.06
N LEU D 503 -50.13 26.71 14.51
CA LEU D 503 -49.74 26.61 15.91
C LEU D 503 -50.78 27.26 16.82
N GLN D 504 -51.25 28.45 16.46
CA GLN D 504 -52.24 29.13 17.29
C GLN D 504 -53.57 28.40 17.31
N SER D 505 -53.96 27.81 16.16
CA SER D 505 -55.18 27.02 16.13
C SER D 505 -55.08 25.80 17.04
N LEU D 506 -53.89 25.18 17.10
CA LEU D 506 -53.71 24.05 17.99
C LEU D 506 -53.75 24.49 19.45
N LYS D 507 -53.11 25.62 19.77
CA LYS D 507 -53.16 26.15 21.12
C LYS D 507 -54.58 26.50 21.54
N ASP D 508 -55.37 27.04 20.60
CA ASP D 508 -56.75 27.40 20.92
C ASP D 508 -57.57 26.17 21.29
N SER D 509 -57.22 25.01 20.75
CA SER D 509 -57.87 23.76 21.10
C SER D 509 -57.30 23.12 22.36
N GLY D 510 -56.32 23.75 23.00
CA GLY D 510 -55.69 23.22 24.19
C GLY D 510 -54.53 22.29 23.93
N VAL D 511 -54.05 22.19 22.69
CA VAL D 511 -52.98 21.26 22.36
C VAL D 511 -51.64 21.88 22.69
N GLN D 512 -50.77 21.12 23.34
CA GLN D 512 -49.42 21.55 23.68
C GLN D 512 -48.45 20.97 22.67
N VAL D 513 -47.70 21.84 22.00
CA VAL D 513 -46.73 21.45 20.99
C VAL D 513 -45.33 21.62 21.57
N LEU D 514 -44.61 20.51 21.73
CA LEU D 514 -43.29 20.56 22.34
C LEU D 514 -42.20 20.36 21.30
N PRO D 515 -41.11 21.10 21.37
CA PRO D 515 -39.95 20.85 20.53
C PRO D 515 -38.98 19.89 21.19
N ASP D 516 -38.00 19.46 20.41
CA ASP D 516 -36.81 18.77 20.92
C ASP D 516 -37.11 17.39 21.49
N LEU D 517 -38.08 17.31 22.40
CA LEU D 517 -38.49 16.04 22.96
C LEU D 517 -39.26 15.22 21.94
N CYS D 518 -39.29 13.92 22.18
CA CYS D 518 -40.20 13.01 21.50
C CYS D 518 -40.78 12.06 22.54
N TRP D 519 -41.79 11.29 22.13
CA TRP D 519 -42.40 10.36 23.05
C TRP D 519 -41.45 9.26 23.50
N CYS D 520 -40.41 8.98 22.70
CA CYS D 520 -39.37 8.06 23.12
C CYS D 520 -38.52 8.63 24.24
N SER D 521 -38.35 9.96 24.29
CA SER D 521 -37.46 10.61 25.23
C SER D 521 -38.18 11.43 26.29
N ILE D 522 -39.50 11.58 26.22
CA ILE D 522 -40.21 12.42 27.17
C ILE D 522 -40.15 11.80 28.57
N SER D 523 -40.34 12.65 29.58
CA SER D 523 -40.27 12.24 30.98
C SER D 523 -41.18 13.14 31.81
N GLU D 524 -41.49 12.68 33.02
CA GLU D 524 -42.29 13.47 33.95
C GLU D 524 -41.48 14.67 34.45
N PRO D 525 -42.14 15.78 34.80
CA PRO D 525 -43.60 16.00 34.75
C PRO D 525 -44.12 16.48 33.40
N VAL D 526 -43.26 16.54 32.37
CA VAL D 526 -43.74 16.97 31.06
C VAL D 526 -44.67 15.92 30.47
N PHE D 527 -44.32 14.65 30.62
CA PHE D 527 -45.31 13.57 30.56
C PHE D 527 -46.15 13.67 31.82
N PRO D 528 -47.42 14.07 31.74
CA PRO D 528 -48.17 14.39 32.96
C PRO D 528 -48.25 13.20 33.91
N THR D 529 -47.91 13.45 35.17
CA THR D 529 -47.80 12.37 36.16
C THR D 529 -49.14 11.70 36.43
N LYS D 530 -50.24 12.44 36.32
CA LYS D 530 -51.55 11.85 36.59
C LYS D 530 -52.02 10.90 35.50
N THR D 531 -51.26 10.76 34.41
CA THR D 531 -51.67 9.87 33.33
C THR D 531 -51.67 8.42 33.80
N ARG D 532 -52.78 7.73 33.58
CA ARG D 532 -52.87 6.28 33.77
C ARG D 532 -52.94 5.53 32.47
N ALA D 533 -53.65 6.07 31.48
CA ALA D 533 -53.72 5.51 30.14
C ALA D 533 -53.60 6.64 29.14
N LEU D 534 -53.00 6.33 27.99
CA LEU D 534 -52.87 7.30 26.92
C LEU D 534 -53.28 6.66 25.60
N MET D 535 -53.64 7.51 24.65
CA MET D 535 -53.88 7.07 23.28
C MET D 535 -52.93 7.78 22.33
N THR D 536 -52.41 7.02 21.36
CA THR D 536 -51.47 7.53 20.39
C THR D 536 -51.86 7.02 19.01
N ASN D 537 -51.53 7.80 17.98
CA ASN D 537 -51.63 7.32 16.61
C ASN D 537 -50.31 6.78 16.11
N SER D 538 -49.31 6.70 16.99
CA SER D 538 -48.00 6.17 16.64
C SER D 538 -47.99 4.65 16.84
N GLY D 539 -47.74 3.92 15.76
CA GLY D 539 -47.47 2.49 15.90
C GLY D 539 -46.19 2.24 16.69
N LYS D 540 -45.16 3.05 16.46
CA LYS D 540 -43.92 2.92 17.20
C LYS D 540 -44.13 3.14 18.70
N TYR D 541 -44.77 4.24 19.08
CA TYR D 541 -44.95 4.53 20.49
C TYR D 541 -45.98 3.61 21.12
N ALA D 542 -46.95 3.11 20.35
CA ALA D 542 -47.89 2.13 20.91
C ALA D 542 -47.13 0.89 21.39
N HIS D 543 -46.09 0.49 20.67
CA HIS D 543 -45.30 -0.67 21.08
C HIS D 543 -44.41 -0.33 22.27
N TYR D 544 -43.62 0.75 22.16
CA TYR D 544 -42.63 1.09 23.18
C TYR D 544 -43.27 1.74 24.41
N GLY D 545 -44.35 2.49 24.21
CA GLY D 545 -44.97 3.28 25.25
C GLY D 545 -45.25 2.61 26.59
N PRO D 546 -45.83 1.40 26.56
CA PRO D 546 -46.08 0.71 27.84
C PRO D 546 -44.82 0.49 28.67
N GLY D 547 -43.75 -0.02 28.05
CA GLY D 547 -42.53 -0.26 28.78
C GLY D 547 -41.79 1.00 29.17
N LEU D 548 -41.91 2.05 28.35
CA LEU D 548 -41.20 3.30 28.65
C LEU D 548 -41.89 4.08 29.77
N SER D 549 -43.22 4.11 29.76
CA SER D 549 -43.97 4.99 30.64
C SER D 549 -44.60 4.28 31.84
N GLY D 550 -44.80 2.97 31.77
CA GLY D 550 -45.56 2.28 32.79
C GLY D 550 -47.05 2.50 32.73
N ARG D 551 -47.54 3.21 31.71
CA ARG D 551 -48.96 3.43 31.51
C ARG D 551 -49.52 2.45 30.49
N ALA D 552 -50.83 2.26 30.54
CA ALA D 552 -51.52 1.53 29.50
C ALA D 552 -51.66 2.39 28.26
N VAL D 553 -51.59 1.76 27.09
CA VAL D 553 -51.49 2.48 25.83
C VAL D 553 -52.56 1.96 24.87
N ARG D 554 -53.27 2.89 24.24
CA ARG D 554 -54.23 2.60 23.19
C ARG D 554 -53.71 3.16 21.87
N PHE D 555 -54.09 2.51 20.77
CA PHE D 555 -53.62 2.87 19.44
C PHE D 555 -54.83 3.09 18.53
N GLY D 556 -54.77 4.13 17.72
CA GLY D 556 -55.86 4.40 16.80
C GLY D 556 -55.52 5.47 15.81
N SER D 557 -56.55 5.92 15.10
CA SER D 557 -56.42 6.90 14.05
C SER D 557 -56.26 8.30 14.63
N LEU D 558 -55.86 9.23 13.77
CA LEU D 558 -55.80 10.64 14.16
C LEU D 558 -57.11 11.11 14.75
N ALA D 559 -58.23 10.73 14.11
CA ALA D 559 -59.54 11.15 14.60
C ALA D 559 -59.95 10.39 15.85
N ASP D 560 -59.55 9.12 15.96
CA ASP D 560 -59.73 8.40 17.22
C ASP D 560 -59.10 9.16 18.37
N CYS D 561 -57.89 9.69 18.16
CA CYS D 561 -57.22 10.46 19.21
C CYS D 561 -57.95 11.75 19.51
N VAL D 562 -58.36 12.48 18.47
CA VAL D 562 -59.07 13.73 18.67
C VAL D 562 -60.38 13.47 19.41
N GLU D 563 -61.09 12.40 19.05
CA GLU D 563 -62.33 12.07 19.74
C GLU D 563 -62.08 11.72 21.20
N SER D 564 -60.96 11.04 21.49
CA SER D 564 -60.58 10.80 22.87
C SER D 564 -60.27 12.11 23.58
N ALA D 565 -59.64 13.04 22.87
CA ALA D 565 -59.33 14.35 23.44
C ALA D 565 -60.60 15.12 23.77
N LEU D 566 -61.62 15.03 22.90
CA LEU D 566 -62.82 15.85 23.08
C LEU D 566 -63.80 15.24 24.08
N THR D 567 -63.78 13.92 24.26
CA THR D 567 -64.73 13.25 25.14
C THR D 567 -64.10 12.62 26.37
N GLY D 568 -62.80 12.35 26.35
CA GLY D 568 -62.16 11.74 27.48
C GLY D 568 -62.02 10.24 27.42
N ARG D 569 -62.60 9.58 26.41
CA ARG D 569 -62.50 8.13 26.33
C ARG D 569 -62.40 7.69 24.88
N ALA D 570 -61.61 6.64 24.65
CA ALA D 570 -61.42 6.03 23.34
C ALA D 570 -62.20 4.71 23.29
N VAL D 571 -63.19 4.63 22.40
CA VAL D 571 -63.97 3.40 22.30
C VAL D 571 -63.06 2.25 21.90
N SER D 572 -63.25 1.12 22.57
CA SER D 572 -62.51 -0.11 22.27
C SER D 572 -63.25 -0.86 21.16
N ARG D 573 -62.70 -0.82 19.95
CA ARG D 573 -63.32 -1.47 18.81
C ARG D 573 -62.29 -1.63 17.71
N LEU D 574 -62.56 -2.58 16.80
CA LEU D 574 -61.79 -2.66 15.58
C LEU D 574 -62.20 -1.52 14.65
N PRO D 575 -61.25 -0.98 13.86
CA PRO D 575 -61.59 0.15 12.96
C PRO D 575 -62.57 -0.32 11.89
N VAL D 576 -63.10 0.59 11.06
CA VAL D 576 -64.15 0.22 10.12
C VAL D 576 -63.60 -0.68 9.00
N TRP D 577 -62.36 -0.41 8.58
CA TRP D 577 -61.75 -1.28 7.55
C TRP D 577 -61.45 -2.68 8.07
N LEU D 578 -61.56 -2.92 9.39
CA LEU D 578 -61.44 -4.26 9.94
C LEU D 578 -62.78 -4.83 10.39
N SER D 579 -63.88 -4.15 10.08
CA SER D 579 -65.22 -4.60 10.47
C SER D 579 -65.97 -5.14 9.27
FE1 FES E . 1.26 -32.02 -12.38
FE2 FES E . 2.23 -34.72 -12.54
S1 FES E . 0.34 -33.92 -11.81
S2 FES E . 2.81 -32.93 -13.65
O2 G8X F . -0.16 -30.39 -13.35
OXT G8X F . -2.74 -29.01 -15.46
N G8X F . -3.11 -30.64 -13.21
CB G8X F . -1.04 -29.83 -12.39
CG G8X F . -1.52 -30.88 -11.42
CD G8X F . -2.86 -31.38 -11.96
CA G8X F . -2.27 -29.42 -13.17
C G8X F . -1.87 -29.00 -14.55
O G8X F . -0.71 -28.56 -14.73
FE1 FES G . 20.74 3.59 22.12
FE2 FES G . 19.88 6.17 21.48
S1 FES G . 21.73 5.51 22.45
S2 FES G . 19.36 4.25 20.54
O2 G8X H . 22.37 2.09 21.45
OXT G8X H . 23.04 -0.21 20.47
N G8X H . 25.20 2.16 22.03
CB G8X H . 23.00 1.50 22.57
CG G8X H . 23.39 2.57 23.56
CD G8X H . 24.78 3.02 23.15
CA G8X H . 24.31 0.98 22.04
C G8X H . 24.12 0.41 20.67
O G8X H . 25.14 0.17 19.99
FE1 FES I . 15.21 21.40 -16.90
FE2 FES I . 16.20 18.83 -17.21
S1 FES I . 14.26 19.48 -16.46
S2 FES I . 16.74 20.64 -18.30
O2 G8X J . 13.75 22.95 -17.98
OXT G8X J . 11.07 24.43 -20.01
N G8X J . 10.83 22.81 -17.73
CB G8X J . 12.93 23.62 -17.03
CG G8X J . 12.47 22.64 -15.97
CD G8X J . 11.11 22.13 -16.44
CA G8X J . 11.68 24.02 -17.76
C G8X J . 12.00 24.41 -19.17
O G8X J . 13.08 25.03 -19.38
FE1 FES K . -37.87 7.81 18.68
FE2 FES K . -38.81 10.35 17.94
S1 FES K . -37.00 9.79 19.02
S2 FES K . -39.31 8.39 17.13
O2 G8X L . -36.25 6.24 18.07
OXT G8X L . -35.59 3.93 17.22
N G8X L . -33.43 6.35 18.68
CB G8X L . -35.63 5.74 19.25
CG G8X L . -35.25 6.90 20.16
CD G8X L . -33.86 7.33 19.69
CA G8X L . -34.33 5.18 18.77
C G8X L . -34.52 4.55 17.42
O G8X L . -33.53 4.45 16.68
#